data_8IEV
#
_entry.id   8IEV
#
_cell.length_a   306.168
_cell.length_b   62.423
_cell.length_c   134.879
_cell.angle_alpha   90.000
_cell.angle_beta   112.453
_cell.angle_gamma   90.000
#
_symmetry.space_group_name_H-M   'C 1 2 1'
#
loop_
_entity.id
_entity.type
_entity.pdbx_description
1 polymer 'DUF2891 domain-containing protein'
2 water water
#
_entity_poly.entity_id   1
_entity_poly.type   'polypeptide(L)'
_entity_poly.pdbx_seq_one_letter_code
;GSAKDPMEKFIKQFSFIALENIFRELPNKITHSFNDINDIKPPKLMYPIFYGSYDWHSSVHSHWLLVKILKDFSHFAPKD
EIIKALDSQFSKEKAEGELKYLQNPAHKGFERPYGWGWFLKLTLEINLLAKENDKAEIWAKNLEGIADFFVKEFKEFLPK
MDYPIRVGTHFNSSFALYFALEYARFKKDQELEYCIIQSAKKWFLSDKNMQALEPCGDEFLSPVLMEAVLLSAVLHKNDF
VKFFKAYLPNLEAKEPATLFTPVSVSDRSDGKIAHLDGLNLSRAWCFKILSNFCDENLKILLRNNATEHFDKAIAHIEDD
YLGSHWLGSFALLALDVDIL
;
_entity_poly.pdbx_strand_id   A,B,C,D,E,F
#
# COMPACT_ATOMS: atom_id res chain seq x y z
N PRO A 6 17.90 57.87 -25.09
CA PRO A 6 18.43 56.49 -25.00
C PRO A 6 17.33 55.47 -25.32
N MET A 7 16.23 55.55 -24.55
CA MET A 7 15.04 54.80 -24.93
C MET A 7 14.49 55.24 -26.27
N GLU A 8 14.80 56.46 -26.71
CA GLU A 8 14.20 56.96 -27.94
C GLU A 8 14.56 56.08 -29.13
N LYS A 9 15.85 55.79 -29.32
CA LYS A 9 16.29 54.90 -30.40
C LYS A 9 15.62 53.53 -30.30
N PHE A 10 15.55 52.95 -29.09
CA PHE A 10 14.97 51.61 -28.93
C PHE A 10 13.49 51.61 -29.27
N ILE A 11 12.73 52.60 -28.77
CA ILE A 11 11.30 52.61 -29.00
C ILE A 11 10.98 52.75 -30.49
N LYS A 12 11.71 53.62 -31.20
CA LYS A 12 11.51 53.72 -32.65
C LYS A 12 11.77 52.39 -33.34
N GLN A 13 12.87 51.74 -32.99
CA GLN A 13 13.21 50.46 -33.58
C GLN A 13 12.16 49.41 -33.22
N PHE A 14 11.76 49.35 -31.94
CA PHE A 14 10.78 48.35 -31.55
C PHE A 14 9.47 48.54 -32.30
N SER A 15 9.06 49.80 -32.48
CA SER A 15 7.83 50.14 -33.21
C SER A 15 7.88 49.63 -34.63
N PHE A 16 8.96 49.95 -35.35
CA PHE A 16 9.11 49.53 -36.73
C PHE A 16 9.02 48.00 -36.84
N ILE A 17 9.75 47.30 -35.97
CA ILE A 17 9.77 45.84 -36.01
C ILE A 17 8.37 45.27 -35.76
N ALA A 18 7.73 45.70 -34.68
CA ALA A 18 6.45 45.10 -34.30
C ALA A 18 5.36 45.46 -35.32
N LEU A 19 5.40 46.69 -35.86
CA LEU A 19 4.43 47.05 -36.90
C LEU A 19 4.62 46.21 -38.15
N GLU A 20 5.87 45.94 -38.54
CA GLU A 20 6.06 45.03 -39.67
C GLU A 20 5.59 43.62 -39.32
N ASN A 21 5.87 43.17 -38.07
CA ASN A 21 5.58 41.80 -37.67
C ASN A 21 4.09 41.51 -37.79
N ILE A 22 3.25 42.37 -37.21
CA ILE A 22 1.86 41.98 -37.05
C ILE A 22 1.16 41.82 -38.39
N PHE A 23 1.65 42.44 -39.46
CA PHE A 23 1.01 42.30 -40.76
C PHE A 23 1.76 41.39 -41.72
N ARG A 24 2.98 41.00 -41.39
CA ARG A 24 3.79 40.21 -42.31
C ARG A 24 3.28 38.76 -42.36
N GLU A 25 2.85 38.34 -43.54
CA GLU A 25 2.18 37.05 -43.68
C GLU A 25 3.15 35.88 -43.77
N LEU A 26 4.28 36.05 -44.47
CA LEU A 26 5.22 34.99 -44.80
C LEU A 26 6.64 35.43 -44.50
N PRO A 27 7.53 34.50 -44.11
CA PRO A 27 7.22 33.09 -43.84
C PRO A 27 6.41 32.89 -42.55
N ASN A 28 5.95 31.66 -42.32
CA ASN A 28 5.05 31.41 -41.21
C ASN A 28 5.23 29.95 -40.79
N LYS A 29 4.86 29.66 -39.55
CA LYS A 29 4.92 28.29 -39.06
C LYS A 29 3.68 28.04 -38.23
N ILE A 30 2.93 27.00 -38.57
CA ILE A 30 1.73 26.67 -37.81
C ILE A 30 1.99 25.36 -37.07
N THR A 31 1.42 25.29 -35.88
CA THR A 31 1.33 24.07 -35.08
C THR A 31 -0.16 23.83 -34.88
N HIS A 32 -0.72 22.87 -35.62
CA HIS A 32 -2.17 22.87 -35.85
C HIS A 32 -2.67 21.44 -35.80
N SER A 33 -3.59 21.15 -34.89
CA SER A 33 -4.20 19.84 -34.82
C SER A 33 -5.62 19.94 -35.37
N PHE A 34 -6.13 18.84 -35.92
CA PHE A 34 -7.42 18.86 -36.60
C PHE A 34 -7.97 17.44 -36.68
N ASN A 35 -9.30 17.34 -36.78
CA ASN A 35 -9.97 16.06 -37.03
C ASN A 35 -10.90 16.16 -38.23
N ASP A 36 -10.73 17.20 -39.03
CA ASP A 36 -11.54 17.45 -40.21
C ASP A 36 -10.56 17.90 -41.27
N ILE A 37 -10.53 17.20 -42.41
CA ILE A 37 -9.51 17.51 -43.43
C ILE A 37 -9.72 18.89 -44.03
N ASN A 38 -10.92 19.47 -43.91
CA ASN A 38 -11.19 20.83 -44.38
C ASN A 38 -10.67 21.90 -43.44
N ASP A 39 -10.25 21.55 -42.22
CA ASP A 39 -9.77 22.51 -41.24
C ASP A 39 -8.28 22.78 -41.39
N ILE A 40 -7.82 22.95 -42.62
CA ILE A 40 -6.43 23.27 -42.93
C ILE A 40 -6.49 24.47 -43.86
N LYS A 41 -6.25 25.66 -43.33
CA LYS A 41 -6.43 26.92 -44.03
C LYS A 41 -5.21 27.80 -43.78
N PRO A 42 -4.99 28.80 -44.63
CA PRO A 42 -3.90 29.76 -44.36
C PRO A 42 -4.11 30.42 -43.02
N PRO A 43 -3.03 30.81 -42.33
CA PRO A 43 -3.18 31.46 -41.02
C PRO A 43 -4.10 32.68 -41.03
N LYS A 44 -4.12 33.43 -42.12
CA LYS A 44 -4.94 34.62 -42.20
C LYS A 44 -6.42 34.29 -41.96
N LEU A 45 -6.86 33.11 -42.38
CA LEU A 45 -8.24 32.68 -42.15
C LEU A 45 -8.40 32.00 -40.81
N MET A 46 -7.42 31.18 -40.39
CA MET A 46 -7.56 30.50 -39.10
C MET A 46 -7.47 31.50 -37.95
N TYR A 47 -6.58 32.49 -38.08
CA TYR A 47 -6.24 33.44 -37.02
C TYR A 47 -6.46 34.85 -37.55
N PRO A 48 -7.69 35.37 -37.50
CA PRO A 48 -7.97 36.66 -38.17
C PRO A 48 -7.17 37.84 -37.61
N ILE A 49 -6.73 37.77 -36.36
CA ILE A 49 -5.87 38.81 -35.79
C ILE A 49 -4.41 38.39 -35.84
N PHE A 50 -4.10 37.19 -35.36
CA PHE A 50 -2.72 36.82 -35.02
C PHE A 50 -2.06 35.95 -36.08
N TYR A 51 -2.28 36.28 -37.36
CA TYR A 51 -1.76 35.48 -38.46
C TYR A 51 -0.32 35.81 -38.83
N GLY A 52 0.22 36.95 -38.38
CA GLY A 52 1.52 37.42 -38.81
C GLY A 52 2.61 37.07 -37.82
N SER A 53 3.75 37.75 -37.98
CA SER A 53 4.85 37.67 -37.01
C SER A 53 5.36 36.23 -36.83
N TYR A 54 5.31 35.45 -37.92
CA TYR A 54 5.83 34.09 -38.03
C TYR A 54 4.95 33.02 -37.38
N ASP A 55 4.40 33.27 -36.19
CA ASP A 55 3.53 32.29 -35.55
C ASP A 55 2.62 33.00 -34.55
N TRP A 56 1.57 32.27 -34.12
CA TRP A 56 0.47 32.85 -33.35
C TRP A 56 0.97 33.55 -32.10
N HIS A 57 1.78 32.87 -31.28
CA HIS A 57 2.21 33.46 -30.02
C HIS A 57 3.13 34.65 -30.22
N SER A 58 3.99 34.63 -31.26
CA SER A 58 4.83 35.80 -31.52
C SER A 58 4.00 36.99 -31.98
N SER A 59 2.94 36.74 -32.77
CA SER A 59 2.07 37.86 -33.13
C SER A 59 1.41 38.45 -31.89
N VAL A 60 0.97 37.60 -30.97
CA VAL A 60 0.33 38.09 -29.75
C VAL A 60 1.26 39.05 -29.01
N HIS A 61 2.53 38.64 -28.79
CA HIS A 61 3.34 39.53 -27.97
C HIS A 61 3.99 40.67 -28.77
N SER A 62 4.02 40.60 -30.11
CA SER A 62 4.31 41.80 -30.88
C SER A 62 3.19 42.84 -30.75
N HIS A 63 1.93 42.39 -30.67
CA HIS A 63 0.83 43.30 -30.34
C HIS A 63 1.03 43.89 -28.95
N TRP A 64 1.41 43.05 -27.98
CA TRP A 64 1.69 43.55 -26.63
C TRP A 64 2.76 44.65 -26.66
N LEU A 65 3.83 44.44 -27.43
CA LEU A 65 4.91 45.40 -27.52
C LEU A 65 4.39 46.78 -27.98
N LEU A 66 3.49 46.78 -28.97
CA LEU A 66 2.90 48.02 -29.48
C LEU A 66 1.99 48.67 -28.44
N VAL A 67 1.21 47.87 -27.71
CA VAL A 67 0.33 48.42 -26.69
C VAL A 67 1.15 49.04 -25.57
N LYS A 68 2.21 48.36 -25.15
CA LYS A 68 3.11 48.88 -24.12
C LYS A 68 3.78 50.18 -24.56
N ILE A 69 4.23 50.24 -25.81
CA ILE A 69 4.81 51.47 -26.35
C ILE A 69 3.79 52.59 -26.33
N LEU A 70 2.56 52.29 -26.76
CA LEU A 70 1.49 53.29 -26.72
C LEU A 70 1.24 53.79 -25.29
N LYS A 71 1.25 52.88 -24.31
CA LYS A 71 0.92 53.30 -22.95
C LYS A 71 2.03 54.11 -22.31
N ASP A 72 3.28 53.68 -22.46
CA ASP A 72 4.35 54.23 -21.66
C ASP A 72 5.40 54.99 -22.46
N PHE A 73 5.40 54.89 -23.79
CA PHE A 73 6.48 55.50 -24.57
C PHE A 73 5.96 56.20 -25.82
N SER A 74 4.74 56.75 -25.77
CA SER A 74 4.12 57.23 -27.00
C SER A 74 4.85 58.43 -27.59
N HIS A 75 5.52 59.24 -26.75
CA HIS A 75 6.28 60.40 -27.25
C HIS A 75 7.45 59.98 -28.14
N PHE A 76 7.92 58.74 -28.02
CA PHE A 76 9.03 58.25 -28.82
C PHE A 76 8.59 57.42 -30.02
N ALA A 77 7.29 57.31 -30.23
CA ALA A 77 6.76 56.29 -31.11
C ALA A 77 5.91 56.92 -32.20
N PRO A 78 5.70 56.22 -33.32
CA PRO A 78 4.71 56.68 -34.34
C PRO A 78 3.30 56.40 -33.83
N LYS A 79 2.87 57.25 -32.89
CA LYS A 79 1.67 56.99 -32.09
C LYS A 79 0.44 56.82 -32.96
N ASP A 80 0.26 57.71 -33.93
CA ASP A 80 -0.97 57.70 -34.73
C ASP A 80 -1.03 56.46 -35.60
N GLU A 81 0.11 56.06 -36.17
CA GLU A 81 0.14 54.85 -36.98
C GLU A 81 -0.19 53.62 -36.15
N ILE A 82 0.37 53.53 -34.93
CA ILE A 82 0.12 52.39 -34.06
C ILE A 82 -1.36 52.30 -33.71
N ILE A 83 -1.96 53.44 -33.35
CA ILE A 83 -3.37 53.46 -32.98
C ILE A 83 -4.25 52.97 -34.13
N LYS A 84 -3.97 53.45 -35.35
CA LYS A 84 -4.73 52.97 -36.51
C LYS A 84 -4.53 51.47 -36.75
N ALA A 85 -3.29 50.99 -36.61
CA ALA A 85 -3.02 49.56 -36.80
C ALA A 85 -3.76 48.71 -35.76
N LEU A 86 -3.66 49.06 -34.47
CA LEU A 86 -4.30 48.26 -33.42
C LEU A 86 -5.81 48.32 -33.52
N ASP A 87 -6.36 49.48 -33.93
CA ASP A 87 -7.79 49.61 -34.14
C ASP A 87 -8.31 48.67 -35.20
N SER A 88 -7.59 48.51 -36.29
CA SER A 88 -8.10 47.59 -37.31
C SER A 88 -7.88 46.13 -36.92
N GLN A 89 -6.93 45.86 -36.03
CA GLN A 89 -6.70 44.49 -35.57
C GLN A 89 -7.73 44.06 -34.52
N PHE A 90 -7.99 44.90 -33.53
CA PHE A 90 -8.77 44.47 -32.37
C PHE A 90 -10.28 44.70 -32.54
N SER A 91 -10.84 44.24 -33.66
CA SER A 91 -12.27 44.36 -33.89
C SER A 91 -13.02 43.16 -33.29
N LYS A 92 -14.31 43.37 -33.06
CA LYS A 92 -15.12 42.32 -32.45
C LYS A 92 -15.20 41.09 -33.34
N GLU A 93 -15.40 41.31 -34.64
CA GLU A 93 -15.56 40.18 -35.56
C GLU A 93 -14.28 39.36 -35.63
N LYS A 94 -13.13 40.02 -35.75
CA LYS A 94 -11.87 39.29 -35.81
C LYS A 94 -11.60 38.56 -34.50
N ALA A 95 -11.93 39.18 -33.36
CA ALA A 95 -11.75 38.48 -32.10
C ALA A 95 -12.69 37.28 -31.99
N GLU A 96 -13.93 37.41 -32.50
CA GLU A 96 -14.81 36.24 -32.54
C GLU A 96 -14.23 35.13 -33.39
N GLY A 97 -13.53 35.47 -34.47
CA GLY A 97 -12.85 34.46 -35.28
C GLY A 97 -11.75 33.72 -34.53
N GLU A 98 -10.92 34.46 -33.77
CA GLU A 98 -9.92 33.80 -32.94
C GLU A 98 -10.57 32.90 -31.91
N LEU A 99 -11.62 33.38 -31.23
CA LEU A 99 -12.28 32.56 -30.22
C LEU A 99 -12.90 31.31 -30.83
N LYS A 100 -13.43 31.42 -32.05
CA LYS A 100 -13.99 30.24 -32.71
C LYS A 100 -12.95 29.15 -32.87
N TYR A 101 -11.75 29.51 -33.32
CA TYR A 101 -10.67 28.53 -33.43
C TYR A 101 -10.34 27.94 -32.06
N LEU A 102 -10.23 28.79 -31.04
CA LEU A 102 -9.83 28.31 -29.71
C LEU A 102 -10.85 27.36 -29.11
N GLN A 103 -12.14 27.63 -29.31
CA GLN A 103 -13.19 26.85 -28.68
C GLN A 103 -13.51 25.55 -29.43
N ASN A 104 -13.00 25.37 -30.64
CA ASN A 104 -13.18 24.13 -31.37
C ASN A 104 -12.50 22.98 -30.62
N PRO A 105 -13.23 21.92 -30.22
CA PRO A 105 -12.58 20.84 -29.46
C PRO A 105 -11.42 20.18 -30.18
N ALA A 106 -11.40 20.19 -31.51
CA ALA A 106 -10.29 19.60 -32.25
C ALA A 106 -8.98 20.35 -32.07
N HIS A 107 -9.03 21.57 -31.51
CA HIS A 107 -7.87 22.41 -31.26
C HIS A 107 -7.50 22.46 -29.78
N LYS A 108 -8.01 21.53 -28.98
CA LYS A 108 -7.71 21.50 -27.56
C LYS A 108 -6.20 21.47 -27.33
N GLY A 109 -5.73 22.26 -26.37
CA GLY A 109 -4.30 22.34 -26.09
C GLY A 109 -3.51 23.34 -26.92
N PHE A 110 -4.13 23.96 -27.91
CA PHE A 110 -3.43 24.94 -28.76
C PHE A 110 -2.76 26.02 -27.92
N GLU A 111 -1.47 26.25 -28.18
CA GLU A 111 -0.68 27.33 -27.61
C GLU A 111 -0.47 27.23 -26.10
N ARG A 112 -0.73 26.06 -25.51
CA ARG A 112 -0.54 25.91 -24.06
C ARG A 112 0.93 25.75 -23.72
N PRO A 113 1.48 26.54 -22.77
CA PRO A 113 0.87 27.68 -22.06
C PRO A 113 1.42 29.04 -22.52
N TYR A 114 2.37 29.03 -23.46
CA TYR A 114 3.08 30.25 -23.85
C TYR A 114 2.12 31.29 -24.45
N GLY A 115 1.28 30.87 -25.41
CA GLY A 115 0.31 31.79 -25.99
C GLY A 115 -0.74 32.23 -24.99
N TRP A 116 -1.11 31.34 -24.06
CA TRP A 116 -2.06 31.70 -23.02
C TRP A 116 -1.50 32.83 -22.17
N GLY A 117 -0.29 32.66 -21.67
CA GLY A 117 0.30 33.65 -20.78
C GLY A 117 0.54 34.97 -21.48
N TRP A 118 1.05 34.91 -22.70
CA TRP A 118 1.25 36.13 -23.46
C TRP A 118 -0.07 36.79 -23.80
N PHE A 119 -1.13 36.00 -24.05
CA PHE A 119 -2.40 36.66 -24.35
C PHE A 119 -2.93 37.39 -23.12
N LEU A 120 -2.79 36.78 -21.93
CA LEU A 120 -3.22 37.49 -20.73
C LEU A 120 -2.36 38.72 -20.48
N LYS A 121 -1.06 38.65 -20.81
CA LYS A 121 -0.21 39.82 -20.68
C LYS A 121 -0.65 40.95 -21.63
N LEU A 122 -0.97 40.60 -22.88
CA LEU A 122 -1.53 41.58 -23.81
C LEU A 122 -2.83 42.17 -23.28
N THR A 123 -3.76 41.31 -22.81
CA THR A 123 -5.04 41.79 -22.28
C THR A 123 -4.82 42.71 -21.08
N LEU A 124 -3.91 42.32 -20.20
CA LEU A 124 -3.56 43.16 -19.05
C LEU A 124 -3.07 44.54 -19.50
N GLU A 125 -2.13 44.57 -20.44
CA GLU A 125 -1.57 45.84 -20.91
C GLU A 125 -2.64 46.70 -21.57
N ILE A 126 -3.56 46.08 -22.32
CA ILE A 126 -4.65 46.84 -22.93
C ILE A 126 -5.56 47.45 -21.86
N ASN A 127 -5.91 46.66 -20.83
CA ASN A 127 -6.77 47.18 -19.77
C ASN A 127 -6.08 48.31 -19.02
N LEU A 128 -4.77 48.21 -18.80
CA LEU A 128 -4.06 49.32 -18.17
C LEU A 128 -4.08 50.56 -19.07
N LEU A 129 -3.89 50.38 -20.38
CA LEU A 129 -3.97 51.53 -21.29
C LEU A 129 -5.39 52.10 -21.32
N ALA A 130 -6.40 51.26 -21.10
CA ALA A 130 -7.77 51.71 -21.11
C ALA A 130 -8.10 52.62 -19.94
N LYS A 131 -7.20 52.74 -18.96
CA LYS A 131 -7.44 53.70 -17.89
C LYS A 131 -7.36 55.14 -18.39
N GLU A 132 -6.66 55.39 -19.51
CA GLU A 132 -6.52 56.71 -20.05
C GLU A 132 -6.98 56.85 -21.50
N ASN A 133 -7.16 55.74 -22.22
CA ASN A 133 -7.44 55.75 -23.65
C ASN A 133 -8.74 55.02 -23.94
N ASP A 134 -9.72 55.74 -24.47
CA ASP A 134 -11.06 55.17 -24.70
C ASP A 134 -11.04 54.10 -25.79
N LYS A 135 -10.18 54.25 -26.80
CA LYS A 135 -10.12 53.19 -27.80
C LYS A 135 -9.64 51.88 -27.21
N ALA A 136 -8.74 51.93 -26.22
CA ALA A 136 -8.26 50.69 -25.64
C ALA A 136 -9.33 50.02 -24.77
N GLU A 137 -10.31 50.77 -24.27
CA GLU A 137 -11.43 50.16 -23.57
C GLU A 137 -12.27 49.31 -24.52
N ILE A 138 -12.41 49.75 -25.77
CA ILE A 138 -13.11 48.94 -26.77
C ILE A 138 -12.30 47.70 -27.13
N TRP A 139 -10.98 47.88 -27.32
CA TRP A 139 -10.08 46.75 -27.56
C TRP A 139 -10.22 45.71 -26.45
N ALA A 140 -10.20 46.19 -25.20
CA ALA A 140 -10.30 45.33 -24.04
C ALA A 140 -11.62 44.58 -24.02
N LYS A 141 -12.72 45.27 -24.39
CA LYS A 141 -14.02 44.61 -24.45
C LYS A 141 -14.04 43.54 -25.54
N ASN A 142 -13.44 43.83 -26.70
CA ASN A 142 -13.48 42.91 -27.82
C ASN A 142 -12.62 41.67 -27.59
N LEU A 143 -11.56 41.77 -26.79
CA LEU A 143 -10.68 40.63 -26.51
C LEU A 143 -11.04 39.89 -25.23
N GLU A 144 -12.07 40.35 -24.52
CA GLU A 144 -12.41 39.77 -23.23
C GLU A 144 -12.77 38.28 -23.35
N GLY A 145 -13.48 37.89 -24.42
CA GLY A 145 -13.88 36.50 -24.55
C GLY A 145 -12.69 35.56 -24.71
N ILE A 146 -11.67 36.00 -25.46
CA ILE A 146 -10.47 35.18 -25.59
C ILE A 146 -9.76 35.06 -24.24
N ALA A 147 -9.64 36.19 -23.53
CA ALA A 147 -8.99 36.15 -22.23
C ALA A 147 -9.74 35.23 -21.27
N ASP A 148 -11.08 35.32 -21.24
CA ASP A 148 -11.86 34.42 -20.38
C ASP A 148 -11.65 32.95 -20.78
N PHE A 149 -11.51 32.68 -22.07
CA PHE A 149 -11.23 31.31 -22.49
C PHE A 149 -9.94 30.81 -21.87
N PHE A 150 -8.87 31.62 -21.96
CA PHE A 150 -7.58 31.15 -21.44
C PHE A 150 -7.60 31.02 -19.92
N VAL A 151 -8.29 31.93 -19.22
CA VAL A 151 -8.42 31.80 -17.76
C VAL A 151 -9.07 30.48 -17.40
N LYS A 152 -10.17 30.16 -18.08
CA LYS A 152 -10.84 28.88 -17.86
C LYS A 152 -9.93 27.70 -18.18
N GLU A 153 -9.18 27.78 -19.28
CA GLU A 153 -8.29 26.65 -19.62
C GLU A 153 -7.21 26.44 -18.55
N PHE A 154 -6.66 27.53 -18.00
CA PHE A 154 -5.69 27.43 -16.92
C PHE A 154 -6.31 26.75 -15.70
N LYS A 155 -7.51 27.18 -15.31
CA LYS A 155 -8.19 26.57 -14.18
C LYS A 155 -8.48 25.11 -14.41
N GLU A 156 -8.78 24.72 -15.64
CA GLU A 156 -9.03 23.31 -15.90
C GLU A 156 -7.72 22.51 -15.93
N PHE A 157 -6.63 23.07 -16.47
CA PHE A 157 -5.43 22.24 -16.68
C PHE A 157 -4.49 22.20 -15.48
N LEU A 158 -4.28 23.32 -14.79
CA LEU A 158 -3.33 23.33 -13.68
C LEU A 158 -3.55 22.22 -12.64
N PRO A 159 -4.78 21.90 -12.19
CA PRO A 159 -4.91 20.80 -11.21
C PRO A 159 -4.44 19.46 -11.73
N LYS A 160 -4.32 19.28 -13.05
CA LYS A 160 -3.84 18.03 -13.61
C LYS A 160 -2.33 17.93 -13.64
N MET A 161 -1.61 19.00 -13.28
CA MET A 161 -0.16 19.03 -13.44
C MET A 161 0.49 18.54 -12.16
N ASP A 162 0.84 17.26 -12.11
CA ASP A 162 1.62 16.74 -10.99
C ASP A 162 3.03 17.32 -11.01
N TYR A 163 3.52 17.68 -12.19
CA TYR A 163 4.90 18.12 -12.35
C TYR A 163 4.97 19.39 -13.16
N PRO A 164 5.94 20.25 -12.88
CA PRO A 164 6.13 21.46 -13.70
C PRO A 164 6.76 21.11 -15.03
N ILE A 165 6.84 22.11 -15.90
CA ILE A 165 7.69 22.01 -17.07
C ILE A 165 8.78 23.05 -16.90
N ARG A 166 10.02 22.59 -16.75
CA ARG A 166 11.13 23.46 -16.40
C ARG A 166 11.91 23.99 -17.61
N VAL A 167 11.83 23.33 -18.77
CA VAL A 167 12.70 23.70 -19.90
C VAL A 167 12.53 25.18 -20.30
N GLY A 168 13.61 25.79 -20.78
CA GLY A 168 13.61 27.22 -21.09
C GLY A 168 13.10 27.57 -22.47
N THR A 169 12.08 26.86 -22.95
CA THR A 169 11.43 27.13 -24.22
C THR A 169 10.00 27.59 -23.96
N HIS A 170 9.17 27.60 -25.00
CA HIS A 170 7.85 28.15 -24.80
C HIS A 170 6.96 27.25 -23.96
N PHE A 171 7.35 26.00 -23.68
CA PHE A 171 6.56 25.20 -22.73
C PHE A 171 6.83 25.53 -21.27
N ASN A 172 7.80 26.40 -20.97
CA ASN A 172 8.14 26.75 -19.58
C ASN A 172 6.92 27.14 -18.76
N SER A 173 6.66 26.43 -17.66
CA SER A 173 5.50 26.73 -16.82
C SER A 173 5.64 28.08 -16.14
N SER A 174 6.84 28.40 -15.64
CA SER A 174 6.99 29.59 -14.80
C SER A 174 6.75 30.86 -15.59
N PHE A 175 7.23 30.92 -16.84
CA PHE A 175 7.01 32.11 -17.66
C PHE A 175 5.53 32.41 -17.82
N ALA A 176 4.77 31.42 -18.30
CA ALA A 176 3.36 31.63 -18.57
C ALA A 176 2.59 31.97 -17.29
N LEU A 177 2.89 31.27 -16.19
CA LEU A 177 2.16 31.54 -14.95
C LEU A 177 2.53 32.89 -14.34
N TYR A 178 3.76 33.35 -14.54
CA TYR A 178 4.13 34.70 -14.08
C TYR A 178 3.20 35.75 -14.70
N PHE A 179 2.98 35.67 -16.00
CA PHE A 179 2.06 36.61 -16.65
C PHE A 179 0.62 36.35 -16.25
N ALA A 180 0.21 35.08 -16.18
CA ALA A 180 -1.18 34.82 -15.80
C ALA A 180 -1.45 35.34 -14.39
N LEU A 181 -0.44 35.31 -13.52
CA LEU A 181 -0.61 35.81 -12.15
C LEU A 181 -0.79 37.32 -12.11
N GLU A 182 -0.01 38.06 -12.92
CA GLU A 182 -0.22 39.50 -13.04
C GLU A 182 -1.65 39.81 -13.49
N TYR A 183 -2.09 39.09 -14.52
CA TYR A 183 -3.45 39.27 -15.01
C TYR A 183 -4.46 38.98 -13.92
N ALA A 184 -4.26 37.86 -13.21
CA ALA A 184 -5.22 37.44 -12.19
C ALA A 184 -5.37 38.48 -11.10
N ARG A 185 -4.26 39.06 -10.66
CA ARG A 185 -4.32 40.06 -9.58
C ARG A 185 -4.98 41.35 -10.07
N PHE A 186 -4.72 41.75 -11.31
CA PHE A 186 -5.38 42.95 -11.84
C PHE A 186 -6.88 42.75 -11.97
N LYS A 187 -7.30 41.59 -12.46
CA LYS A 187 -8.71 41.29 -12.63
C LYS A 187 -9.38 40.86 -11.34
N LYS A 188 -8.61 40.73 -10.25
CA LYS A 188 -9.12 40.22 -8.99
C LYS A 188 -9.77 38.83 -9.18
N ASP A 189 -9.14 38.01 -10.02
CA ASP A 189 -9.59 36.63 -10.18
C ASP A 189 -8.90 35.83 -9.08
N GLN A 190 -9.53 35.79 -7.91
CA GLN A 190 -8.92 35.14 -6.75
C GLN A 190 -8.69 33.66 -6.98
N GLU A 191 -9.60 33.01 -7.71
CA GLU A 191 -9.46 31.57 -7.95
C GLU A 191 -8.28 31.28 -8.87
N LEU A 192 -8.12 32.05 -9.95
CA LEU A 192 -6.93 31.85 -10.79
C LEU A 192 -5.66 32.10 -10.00
N GLU A 193 -5.66 33.16 -9.17
CA GLU A 193 -4.49 33.48 -8.37
C GLU A 193 -4.13 32.32 -7.43
N TYR A 194 -5.13 31.78 -6.75
CA TYR A 194 -4.91 30.67 -5.83
C TYR A 194 -4.39 29.43 -6.57
N CYS A 195 -4.98 29.12 -7.73
CA CYS A 195 -4.53 27.97 -8.51
C CYS A 195 -3.04 28.09 -8.86
N ILE A 196 -2.63 29.27 -9.31
CA ILE A 196 -1.24 29.49 -9.68
C ILE A 196 -0.35 29.40 -8.45
N ILE A 197 -0.72 30.03 -7.35
CA ILE A 197 0.14 30.02 -6.17
C ILE A 197 0.30 28.59 -5.64
N GLN A 198 -0.80 27.82 -5.57
CA GLN A 198 -0.75 26.43 -5.08
C GLN A 198 0.10 25.56 -5.99
N SER A 199 -0.05 25.72 -7.31
CA SER A 199 0.75 24.93 -8.24
C SER A 199 2.23 25.23 -8.08
N ALA A 200 2.59 26.52 -8.08
CA ALA A 200 4.00 26.89 -7.96
C ALA A 200 4.60 26.32 -6.69
N LYS A 201 3.90 26.46 -5.56
CA LYS A 201 4.41 25.94 -4.30
C LYS A 201 4.55 24.42 -4.35
N LYS A 202 3.53 23.73 -4.85
CA LYS A 202 3.61 22.27 -4.95
C LYS A 202 4.82 21.84 -5.78
N TRP A 203 5.08 22.50 -6.88
CA TRP A 203 6.15 22.06 -7.78
C TRP A 203 7.54 22.41 -7.26
N PHE A 204 7.71 23.59 -6.64
CA PHE A 204 9.02 24.20 -6.57
C PHE A 204 9.56 24.41 -5.17
N LEU A 205 8.73 24.27 -4.14
CA LEU A 205 9.15 24.72 -2.82
C LEU A 205 10.32 23.92 -2.26
N SER A 206 10.54 22.70 -2.72
CA SER A 206 11.68 21.93 -2.22
C SER A 206 12.94 22.10 -3.06
N ASP A 207 12.94 22.98 -4.07
CA ASP A 207 14.14 23.17 -4.88
C ASP A 207 15.17 23.97 -4.09
N LYS A 208 16.41 23.47 -4.06
CA LYS A 208 17.51 24.16 -3.38
C LYS A 208 18.83 23.82 -4.05
N ASN A 209 19.82 24.71 -3.87
CA ASN A 209 21.18 24.51 -4.37
C ASN A 209 21.16 24.02 -5.82
N MET A 210 20.62 24.86 -6.70
CA MET A 210 20.34 24.45 -8.07
C MET A 210 21.62 24.21 -8.87
N GLN A 211 21.61 23.15 -9.69
CA GLN A 211 22.77 22.81 -10.52
C GLN A 211 22.90 23.77 -11.72
N ALA A 212 21.78 24.12 -12.36
CA ALA A 212 21.74 25.09 -13.49
C ALA A 212 22.62 24.65 -14.66
N LEU A 213 22.25 23.51 -15.23
CA LEU A 213 22.85 22.94 -16.45
C LEU A 213 22.30 23.72 -17.63
N GLU A 214 22.81 24.93 -17.80
CA GLU A 214 22.27 25.91 -18.75
C GLU A 214 23.41 26.57 -19.50
N PRO A 215 23.17 27.03 -20.73
CA PRO A 215 21.89 26.90 -21.45
C PRO A 215 21.78 25.63 -22.25
N CYS A 216 20.59 25.31 -22.73
CA CYS A 216 20.44 24.29 -23.76
C CYS A 216 20.24 24.98 -25.10
N GLY A 217 20.50 24.23 -26.17
CA GLY A 217 20.73 24.78 -27.50
C GLY A 217 19.60 25.60 -28.10
N ASP A 218 18.36 25.43 -27.64
CA ASP A 218 17.23 26.15 -28.22
C ASP A 218 16.45 26.95 -27.18
N GLU A 219 17.06 27.25 -26.04
CA GLU A 219 16.35 27.93 -24.96
C GLU A 219 16.43 29.44 -25.14
N PHE A 220 15.31 30.12 -24.90
CA PHE A 220 15.31 31.56 -24.81
C PHE A 220 15.00 32.02 -23.40
N LEU A 221 14.86 31.08 -22.46
CA LEU A 221 14.61 31.36 -21.06
C LEU A 221 15.56 30.55 -20.20
N SER A 222 15.89 31.09 -19.02
CA SER A 222 16.68 30.33 -18.07
C SER A 222 15.75 29.55 -17.15
N PRO A 223 15.81 28.22 -17.14
CA PRO A 223 14.99 27.46 -16.18
C PRO A 223 15.11 27.94 -14.74
N VAL A 224 16.34 28.13 -14.23
CA VAL A 224 16.47 28.47 -12.81
C VAL A 224 16.01 29.90 -12.53
N LEU A 225 16.32 30.86 -13.44
CA LEU A 225 15.91 32.24 -13.19
C LEU A 225 14.42 32.43 -13.35
N MET A 226 13.82 31.82 -14.38
CA MET A 226 12.39 32.01 -14.59
C MET A 226 11.59 31.45 -13.41
N GLU A 227 12.00 30.29 -12.90
CA GLU A 227 11.36 29.73 -11.71
C GLU A 227 11.49 30.67 -10.51
N ALA A 228 12.69 31.23 -10.30
CA ALA A 228 12.86 32.17 -9.19
C ALA A 228 11.99 33.40 -9.39
N VAL A 229 11.84 33.86 -10.63
CA VAL A 229 11.03 35.05 -10.86
C VAL A 229 9.56 34.77 -10.55
N LEU A 230 9.04 33.63 -10.99
CA LEU A 230 7.67 33.26 -10.59
C LEU A 230 7.53 33.23 -9.07
N LEU A 231 8.47 32.57 -8.39
CA LEU A 231 8.38 32.49 -6.93
C LEU A 231 8.55 33.84 -6.26
N SER A 232 9.24 34.80 -6.89
CA SER A 232 9.31 36.14 -6.31
C SER A 232 7.95 36.82 -6.29
N ALA A 233 7.02 36.41 -7.16
CA ALA A 233 5.65 36.91 -7.11
C ALA A 233 4.71 36.00 -6.33
N VAL A 234 5.06 34.73 -6.14
CA VAL A 234 4.16 33.79 -5.47
C VAL A 234 4.35 33.80 -3.97
N LEU A 235 5.58 33.83 -3.49
CA LEU A 235 5.87 33.76 -2.06
C LEU A 235 5.84 35.16 -1.45
N HIS A 236 5.58 35.21 -0.13
CA HIS A 236 5.78 36.45 0.60
C HIS A 236 7.26 36.82 0.55
N LYS A 237 7.53 38.13 0.61
CA LYS A 237 8.89 38.62 0.43
C LYS A 237 9.87 37.92 1.36
N ASN A 238 9.60 37.98 2.67
CA ASN A 238 10.47 37.34 3.65
C ASN A 238 10.73 35.88 3.30
N ASP A 239 9.66 35.14 2.97
CA ASP A 239 9.83 33.74 2.58
C ASP A 239 10.65 33.60 1.31
N PHE A 240 10.44 34.49 0.33
CA PHE A 240 11.18 34.38 -0.92
C PHE A 240 12.67 34.62 -0.71
N VAL A 241 13.01 35.63 0.10
CA VAL A 241 14.41 35.94 0.34
C VAL A 241 15.13 34.74 0.94
N LYS A 242 14.50 34.09 1.93
CA LYS A 242 15.08 32.87 2.50
C LYS A 242 15.18 31.77 1.45
N PHE A 243 14.11 31.56 0.67
CA PHE A 243 14.14 30.54 -0.37
C PHE A 243 15.26 30.82 -1.38
N PHE A 244 15.36 32.08 -1.83
CA PHE A 244 16.32 32.46 -2.86
C PHE A 244 17.76 32.26 -2.39
N LYS A 245 18.04 32.53 -1.11
CA LYS A 245 19.40 32.34 -0.59
C LYS A 245 19.80 30.87 -0.63
N ALA A 246 18.87 29.96 -0.31
CA ALA A 246 19.15 28.53 -0.41
C ALA A 246 19.09 28.03 -1.85
N TYR A 247 18.40 28.76 -2.73
CA TYR A 247 18.18 28.29 -4.10
C TYR A 247 19.44 28.42 -4.96
N LEU A 248 20.07 29.61 -4.94
CA LEU A 248 21.33 29.89 -5.64
C LEU A 248 22.24 30.52 -4.59
N PRO A 249 22.86 29.71 -3.73
CA PRO A 249 23.57 30.27 -2.58
C PRO A 249 24.91 30.90 -2.92
N ASN A 250 25.43 30.73 -4.13
CA ASN A 250 26.75 31.26 -4.44
C ASN A 250 26.72 32.41 -5.45
N LEU A 251 25.56 33.08 -5.60
CA LEU A 251 25.46 34.14 -6.61
C LEU A 251 26.49 35.24 -6.38
N GLU A 252 26.76 35.60 -5.12
CA GLU A 252 27.73 36.65 -4.83
C GLU A 252 29.13 36.32 -5.30
N ALA A 253 29.45 35.04 -5.47
CA ALA A 253 30.71 34.64 -6.09
C ALA A 253 30.57 34.40 -7.59
N LYS A 254 29.51 34.91 -8.20
CA LYS A 254 29.25 34.70 -9.63
C LYS A 254 29.21 33.20 -9.97
N GLU A 255 28.52 32.43 -9.13
CA GLU A 255 28.35 31.01 -9.38
C GLU A 255 26.88 30.64 -9.26
N PRO A 256 26.38 29.72 -10.11
CA PRO A 256 27.10 28.99 -11.16
C PRO A 256 27.59 29.90 -12.29
N ALA A 257 28.81 29.65 -12.75
CA ALA A 257 29.47 30.53 -13.69
C ALA A 257 28.65 30.75 -14.97
N THR A 258 27.88 29.76 -15.41
CA THR A 258 27.16 29.93 -16.67
C THR A 258 26.19 31.11 -16.62
N LEU A 259 25.64 31.42 -15.45
CA LEU A 259 24.68 32.52 -15.34
C LEU A 259 25.33 33.89 -15.46
N PHE A 260 26.67 33.95 -15.30
CA PHE A 260 27.42 35.20 -15.43
C PHE A 260 28.25 35.22 -16.70
N THR A 261 27.93 34.34 -17.64
CA THR A 261 28.58 34.26 -18.95
C THR A 261 27.51 34.38 -20.03
N PRO A 262 27.39 35.51 -20.70
CA PRO A 262 26.40 35.60 -21.80
C PRO A 262 26.62 34.49 -22.82
N VAL A 263 25.53 33.91 -23.30
CA VAL A 263 25.62 32.69 -24.09
C VAL A 263 26.04 33.02 -25.52
N SER A 264 26.68 32.05 -26.17
CA SER A 264 27.14 32.19 -27.54
C SER A 264 26.02 31.80 -28.50
N VAL A 265 26.01 32.45 -29.66
CA VAL A 265 24.96 32.27 -30.66
C VAL A 265 25.66 31.95 -31.98
N SER A 266 25.72 30.68 -32.33
CA SER A 266 26.56 30.26 -33.46
C SER A 266 25.96 30.63 -34.82
N ASP A 267 24.63 30.67 -34.95
CA ASP A 267 24.03 30.93 -36.26
C ASP A 267 22.64 31.50 -36.07
N ARG A 268 22.51 32.80 -36.31
CA ARG A 268 21.25 33.51 -36.18
C ARG A 268 20.30 33.26 -37.34
N SER A 269 20.74 32.60 -38.40
CA SER A 269 19.81 32.22 -39.45
C SER A 269 19.17 30.85 -39.19
N ASP A 270 19.47 30.19 -38.08
CA ASP A 270 18.77 28.97 -37.71
C ASP A 270 17.75 29.30 -36.63
N GLY A 271 16.49 28.92 -36.88
CA GLY A 271 15.40 29.32 -35.99
C GLY A 271 15.58 28.89 -34.54
N LYS A 272 16.20 27.72 -34.30
CA LYS A 272 16.33 27.28 -32.91
C LYS A 272 17.52 27.95 -32.20
N ILE A 273 18.67 28.02 -32.88
CA ILE A 273 19.84 28.66 -32.28
C ILE A 273 19.58 30.15 -32.07
N ALA A 274 18.77 30.75 -32.95
CA ALA A 274 18.41 32.17 -32.79
C ALA A 274 17.75 32.43 -31.44
N HIS A 275 17.14 31.41 -30.84
CA HIS A 275 16.55 31.59 -29.51
C HIS A 275 17.57 32.07 -28.48
N LEU A 276 18.84 31.72 -28.65
CA LEU A 276 19.85 32.05 -27.64
C LEU A 276 20.09 33.57 -27.52
N ASP A 277 19.82 34.36 -28.57
CA ASP A 277 19.83 35.82 -28.40
C ASP A 277 18.75 36.23 -27.42
N GLY A 278 17.56 35.62 -27.52
CA GLY A 278 16.50 35.91 -26.59
C GLY A 278 16.86 35.50 -25.17
N LEU A 279 17.69 34.45 -25.04
CA LEU A 279 18.15 34.04 -23.71
C LEU A 279 18.99 35.13 -23.06
N ASN A 280 19.89 35.76 -23.81
CA ASN A 280 20.68 36.84 -23.22
C ASN A 280 19.77 37.97 -22.79
N LEU A 281 18.73 38.28 -23.58
CA LEU A 281 17.77 39.32 -23.24
C LEU A 281 16.90 38.93 -22.03
N SER A 282 16.36 37.70 -22.02
CA SER A 282 15.48 37.33 -20.92
C SER A 282 16.27 37.10 -19.62
N ARG A 283 17.51 36.61 -19.72
CA ARG A 283 18.36 36.60 -18.52
C ARG A 283 18.53 38.01 -17.93
N ALA A 284 18.77 39.01 -18.79
CA ALA A 284 18.87 40.38 -18.29
C ALA A 284 17.61 40.79 -17.58
N TRP A 285 16.45 40.51 -18.21
CA TRP A 285 15.16 40.79 -17.59
C TRP A 285 15.02 40.09 -16.23
N CYS A 286 15.27 38.78 -16.17
CA CYS A 286 15.13 38.07 -14.90
C CYS A 286 16.08 38.60 -13.84
N PHE A 287 17.33 38.88 -14.22
CA PHE A 287 18.30 39.39 -13.26
C PHE A 287 17.86 40.72 -12.67
N LYS A 288 17.32 41.61 -13.50
CA LYS A 288 16.84 42.90 -12.96
C LYS A 288 15.69 42.69 -11.98
N ILE A 289 14.74 41.82 -12.33
CA ILE A 289 13.63 41.56 -11.41
C ILE A 289 14.18 41.04 -10.08
N LEU A 290 15.07 40.06 -10.14
CA LEU A 290 15.57 39.45 -8.92
C LEU A 290 16.47 40.40 -8.14
N SER A 291 17.12 41.34 -8.83
CA SER A 291 18.01 42.28 -8.14
C SER A 291 17.28 43.10 -7.08
N ASN A 292 15.98 43.34 -7.27
CA ASN A 292 15.20 44.13 -6.32
C ASN A 292 14.94 43.42 -5.00
N PHE A 293 15.25 42.12 -4.91
CA PHE A 293 15.06 41.34 -3.70
C PHE A 293 16.37 41.07 -2.99
N CYS A 294 17.45 41.74 -3.41
CA CYS A 294 18.79 41.44 -2.93
C CYS A 294 19.32 42.59 -2.08
N ASP A 295 20.34 42.29 -1.29
CA ASP A 295 21.08 43.35 -0.61
C ASP A 295 21.92 44.12 -1.62
N GLU A 296 22.33 45.33 -1.22
CA GLU A 296 22.89 46.29 -2.15
C GLU A 296 24.01 45.71 -3.01
N ASN A 297 24.95 44.99 -2.41
CA ASN A 297 26.08 44.50 -3.20
C ASN A 297 25.62 43.55 -4.29
N LEU A 298 24.86 42.52 -3.92
CA LEU A 298 24.37 41.57 -4.90
C LEU A 298 23.43 42.24 -5.89
N LYS A 299 22.68 43.26 -5.45
CA LYS A 299 21.78 43.97 -6.35
C LYS A 299 22.53 44.54 -7.54
N ILE A 300 23.62 45.27 -7.28
CA ILE A 300 24.40 45.88 -8.35
C ILE A 300 25.11 44.82 -9.19
N LEU A 301 25.58 43.77 -8.54
CA LEU A 301 26.23 42.68 -9.25
C LEU A 301 25.29 42.07 -10.29
N LEU A 302 24.04 41.82 -9.91
CA LEU A 302 23.09 41.24 -10.84
C LEU A 302 22.72 42.23 -11.95
N ARG A 303 22.59 43.51 -11.60
CA ARG A 303 22.26 44.52 -12.61
C ARG A 303 23.41 44.75 -13.58
N ASN A 304 24.65 44.70 -13.09
CA ASN A 304 25.78 44.74 -14.02
C ASN A 304 25.76 43.52 -14.93
N ASN A 305 25.47 42.34 -14.36
CA ASN A 305 25.38 41.12 -15.16
C ASN A 305 24.28 41.24 -16.21
N ALA A 306 23.15 41.82 -15.83
CA ALA A 306 22.04 42.00 -16.77
C ALA A 306 22.47 42.85 -17.95
N THR A 307 23.17 43.96 -17.66
CA THR A 307 23.60 44.85 -18.72
C THR A 307 24.58 44.17 -19.67
N GLU A 308 25.48 43.35 -19.13
CA GLU A 308 26.43 42.63 -19.98
C GLU A 308 25.69 41.66 -20.90
N HIS A 309 24.66 40.97 -20.39
CA HIS A 309 23.86 40.08 -21.22
C HIS A 309 23.07 40.87 -22.28
N PHE A 310 22.39 41.94 -21.86
CA PHE A 310 21.62 42.76 -22.79
C PHE A 310 22.48 43.26 -23.95
N ASP A 311 23.66 43.82 -23.62
CA ASP A 311 24.55 44.38 -24.65
C ASP A 311 25.03 43.31 -25.64
N LYS A 312 25.11 42.05 -25.22
CA LYS A 312 25.54 40.99 -26.15
C LYS A 312 24.49 40.65 -27.21
N ALA A 313 23.22 41.00 -26.99
CA ALA A 313 22.16 40.62 -27.92
C ALA A 313 21.51 41.81 -28.61
N ILE A 314 21.51 43.00 -28.00
CA ILE A 314 20.64 44.07 -28.48
C ILE A 314 20.96 44.44 -29.93
N ALA A 315 22.23 44.36 -30.34
CA ALA A 315 22.60 44.77 -31.70
C ALA A 315 22.15 43.80 -32.78
N HIS A 316 21.66 42.61 -32.44
CA HIS A 316 21.37 41.57 -33.41
C HIS A 316 19.88 41.32 -33.62
N ILE A 317 19.00 42.12 -33.03
CA ILE A 317 17.57 41.77 -33.06
C ILE A 317 16.95 41.95 -34.43
N GLU A 318 17.65 42.60 -35.37
CA GLU A 318 17.15 42.75 -36.73
C GLU A 318 18.02 42.04 -37.76
N ASP A 319 18.92 41.16 -37.30
CA ASP A 319 19.79 40.45 -38.25
C ASP A 319 19.00 39.57 -39.20
N ASP A 320 17.89 39.02 -38.71
CA ASP A 320 17.15 37.99 -39.44
C ASP A 320 15.72 37.99 -38.93
N TYR A 321 14.77 37.73 -39.83
CA TYR A 321 13.38 37.68 -39.40
C TYR A 321 13.16 36.57 -38.36
N LEU A 322 13.99 35.51 -38.39
CA LEU A 322 13.88 34.48 -37.34
C LEU A 322 14.18 35.05 -35.96
N GLY A 323 14.83 36.22 -35.89
CA GLY A 323 14.98 36.93 -34.64
C GLY A 323 14.01 38.09 -34.50
N SER A 324 13.89 38.91 -35.54
CA SER A 324 13.10 40.13 -35.42
C SER A 324 11.60 39.84 -35.27
N HIS A 325 11.13 38.63 -35.64
CA HIS A 325 9.70 38.40 -35.40
C HIS A 325 9.35 38.27 -33.92
N TRP A 326 10.32 38.32 -33.00
CA TRP A 326 9.99 38.21 -31.58
C TRP A 326 10.95 38.89 -30.61
N LEU A 327 12.22 39.11 -31.00
CA LEU A 327 13.23 39.52 -30.01
C LEU A 327 12.93 40.90 -29.40
N GLY A 328 12.27 41.79 -30.16
CA GLY A 328 11.96 43.11 -29.62
C GLY A 328 11.19 43.08 -28.32
N SER A 329 10.28 42.11 -28.15
CA SER A 329 9.48 42.06 -26.93
C SER A 329 10.35 41.80 -25.70
N PHE A 330 11.33 40.91 -25.85
CA PHE A 330 12.21 40.64 -24.72
C PHE A 330 13.18 41.78 -24.47
N ALA A 331 13.61 42.47 -25.53
CA ALA A 331 14.48 43.64 -25.33
C ALA A 331 13.76 44.69 -24.50
N LEU A 332 12.49 44.99 -24.82
CA LEU A 332 11.74 45.96 -24.04
C LEU A 332 11.46 45.47 -22.63
N LEU A 333 11.11 44.18 -22.48
CA LEU A 333 10.95 43.64 -21.13
C LEU A 333 12.19 43.88 -20.28
N ALA A 334 13.37 43.58 -20.85
CA ALA A 334 14.60 43.78 -20.11
C ALA A 334 14.81 45.26 -19.77
N LEU A 335 14.51 46.14 -20.74
CA LEU A 335 14.74 47.56 -20.54
C LEU A 335 13.80 48.17 -19.50
N ASP A 336 12.59 47.64 -19.36
CA ASP A 336 11.53 48.34 -18.63
C ASP A 336 11.36 47.90 -17.17
N VAL A 337 12.23 47.03 -16.65
CA VAL A 337 12.04 46.55 -15.29
C VAL A 337 12.16 47.69 -14.29
N ASP A 338 11.21 47.78 -13.36
CA ASP A 338 11.25 48.78 -12.30
C ASP A 338 12.47 48.54 -11.40
N ILE A 339 13.42 49.45 -11.43
CA ILE A 339 14.59 49.37 -10.58
C ILE A 339 14.30 50.00 -9.23
N LEU A 340 14.38 49.19 -8.17
CA LEU A 340 14.11 49.63 -6.80
C LEU A 340 15.37 49.51 -5.94
N PRO B 6 4.74 -14.87 -23.97
CA PRO B 6 4.84 -13.57 -23.28
C PRO B 6 5.05 -12.45 -24.30
N MET B 7 6.08 -12.59 -25.15
CA MET B 7 6.22 -11.69 -26.30
C MET B 7 5.09 -11.89 -27.30
N GLU B 8 4.50 -13.09 -27.33
CA GLU B 8 3.49 -13.40 -28.34
C GLU B 8 2.31 -12.45 -28.26
N LYS B 9 1.73 -12.30 -27.07
CA LYS B 9 0.61 -11.36 -26.92
C LYS B 9 1.02 -9.97 -27.36
N PHE B 10 2.24 -9.52 -26.98
CA PHE B 10 2.66 -8.15 -27.27
C PHE B 10 2.83 -7.91 -28.77
N ILE B 11 3.54 -8.81 -29.45
CA ILE B 11 3.82 -8.62 -30.87
C ILE B 11 2.54 -8.60 -31.67
N LYS B 12 1.63 -9.54 -31.38
CA LYS B 12 0.33 -9.52 -32.05
C LYS B 12 -0.41 -8.23 -31.74
N GLN B 13 -0.35 -7.78 -30.48
CA GLN B 13 -0.91 -6.50 -30.09
C GLN B 13 -0.26 -5.34 -30.84
N PHE B 14 1.07 -5.25 -30.84
CA PHE B 14 1.73 -4.11 -31.50
C PHE B 14 1.42 -4.10 -33.00
N SER B 15 1.44 -5.27 -33.66
CA SER B 15 1.16 -5.37 -35.10
C SER B 15 -0.22 -4.82 -35.40
N PHE B 16 -1.20 -5.28 -34.62
CA PHE B 16 -2.58 -4.87 -34.67
C PHE B 16 -2.68 -3.35 -34.57
N ILE B 17 -2.00 -2.76 -33.58
CA ILE B 17 -2.04 -1.31 -33.39
C ILE B 17 -1.39 -0.58 -34.56
N ALA B 18 -0.16 -0.96 -34.92
CA ALA B 18 0.61 -0.17 -35.90
C ALA B 18 -0.02 -0.22 -37.29
N LEU B 19 -0.61 -1.35 -37.68
CA LEU B 19 -1.22 -1.41 -39.01
C LEU B 19 -2.39 -0.43 -39.11
N GLU B 20 -3.18 -0.27 -38.05
CA GLU B 20 -4.23 0.74 -38.08
C GLU B 20 -3.62 2.14 -38.12
N ASN B 21 -2.54 2.36 -37.35
CA ASN B 21 -1.95 3.69 -37.20
C ASN B 21 -1.51 4.26 -38.54
N ILE B 22 -0.72 3.49 -39.29
CA ILE B 22 -0.01 4.08 -40.41
C ILE B 22 -0.97 4.54 -41.51
N PHE B 23 -2.20 4.01 -41.54
CA PHE B 23 -3.20 4.41 -42.53
C PHE B 23 -4.28 5.33 -41.98
N ARG B 24 -4.30 5.57 -40.67
CA ARG B 24 -5.33 6.41 -40.05
C ARG B 24 -4.97 7.88 -40.25
N GLU B 25 -5.83 8.61 -40.96
CA GLU B 25 -5.50 10.00 -41.33
C GLU B 25 -5.80 10.99 -40.20
N LEU B 26 -6.89 10.77 -39.45
CA LEU B 26 -7.42 11.72 -38.48
C LEU B 26 -7.68 11.04 -37.15
N PRO B 27 -7.50 11.75 -36.04
CA PRO B 27 -7.01 13.13 -35.96
C PRO B 27 -5.52 13.23 -36.29
N ASN B 28 -5.02 14.46 -36.42
CA ASN B 28 -3.67 14.66 -36.90
C ASN B 28 -3.17 16.00 -36.36
N LYS B 29 -1.85 16.14 -36.30
CA LYS B 29 -1.25 17.40 -35.87
C LYS B 29 -0.02 17.67 -36.71
N ILE B 30 0.06 18.87 -37.29
CA ILE B 30 1.21 19.23 -38.13
C ILE B 30 1.98 20.37 -37.47
N THR B 31 3.30 20.34 -37.67
CA THR B 31 4.19 21.46 -37.37
C THR B 31 4.85 21.79 -38.71
N HIS B 32 4.40 22.86 -39.33
CA HIS B 32 4.62 23.07 -40.76
C HIS B 32 4.95 24.51 -41.02
N SER B 33 6.12 24.76 -41.59
CA SER B 33 6.55 26.10 -41.93
C SER B 33 6.49 26.25 -43.45
N PHE B 34 6.26 27.49 -43.91
CA PHE B 34 6.03 27.69 -45.34
C PHE B 34 6.33 29.13 -45.72
N ASN B 35 6.70 29.34 -46.98
CA ASN B 35 6.87 30.70 -47.50
C ASN B 35 6.01 30.90 -48.74
N ASP B 36 5.05 30.02 -48.95
CA ASP B 36 4.12 30.07 -50.07
C ASP B 36 2.75 29.67 -49.51
N ILE B 37 1.77 30.55 -49.69
CA ILE B 37 0.46 30.34 -49.10
C ILE B 37 -0.25 29.13 -49.69
N ASN B 38 0.16 28.69 -50.88
CA ASN B 38 -0.37 27.45 -51.45
C ASN B 38 0.26 26.21 -50.85
N ASP B 39 1.36 26.34 -50.11
CA ASP B 39 2.04 25.21 -49.50
C ASP B 39 1.41 24.86 -48.15
N ILE B 40 0.08 24.79 -48.13
CA ILE B 40 -0.67 24.34 -46.96
C ILE B 40 -1.66 23.31 -47.49
N LYS B 41 -1.37 22.03 -47.28
CA LYS B 41 -2.13 20.92 -47.82
C LYS B 41 -2.36 19.88 -46.74
N PRO B 42 -3.34 19.00 -46.91
CA PRO B 42 -3.53 17.92 -45.93
C PRO B 42 -2.28 17.04 -45.87
N PRO B 43 -2.03 16.42 -44.71
CA PRO B 43 -0.83 15.58 -44.57
C PRO B 43 -0.69 14.52 -45.64
N LYS B 44 -1.81 13.95 -46.09
CA LYS B 44 -1.76 12.91 -47.12
C LYS B 44 -1.05 13.40 -48.38
N LEU B 45 -1.15 14.70 -48.71
CA LEU B 45 -0.46 15.24 -49.87
C LEU B 45 0.96 15.71 -49.54
N MET B 46 1.15 16.32 -48.38
CA MET B 46 2.48 16.80 -48.01
C MET B 46 3.42 15.64 -47.73
N TYR B 47 2.92 14.59 -47.08
CA TYR B 47 3.71 13.45 -46.62
C TYR B 47 3.11 12.18 -47.22
N PRO B 48 3.46 11.85 -48.47
CA PRO B 48 2.76 10.72 -49.14
C PRO B 48 2.92 9.39 -48.44
N ILE B 49 3.96 9.20 -47.63
CA ILE B 49 4.12 7.98 -46.84
C ILE B 49 3.64 8.16 -45.41
N PHE B 50 4.14 9.19 -44.75
CA PHE B 50 4.07 9.32 -43.29
C PHE B 50 2.97 10.28 -42.84
N TYR B 51 1.80 10.22 -43.47
CA TYR B 51 0.69 11.11 -43.16
C TYR B 51 -0.17 10.63 -42.00
N GLY B 52 -0.03 9.36 -41.58
CA GLY B 52 -0.90 8.79 -40.58
C GLY B 52 -0.31 8.83 -39.18
N SER B 53 -0.93 8.06 -38.29
CA SER B 53 -0.43 7.82 -36.94
C SER B 53 -0.24 9.14 -36.17
N TYR B 54 -1.15 10.09 -36.41
CA TYR B 54 -1.28 11.37 -35.71
C TYR B 54 -0.23 12.41 -36.13
N ASP B 55 1.02 12.04 -36.31
CA ASP B 55 2.00 13.03 -36.78
C ASP B 55 3.16 12.32 -37.47
N TRP B 56 3.97 13.12 -38.19
CA TRP B 56 5.00 12.58 -39.08
C TRP B 56 5.97 11.63 -38.37
N HIS B 57 6.54 12.07 -37.23
CA HIS B 57 7.54 11.25 -36.57
C HIS B 57 6.91 9.99 -35.95
N SER B 58 5.68 10.06 -35.45
CA SER B 58 5.05 8.84 -34.92
C SER B 58 4.75 7.85 -36.03
N SER B 59 4.40 8.36 -37.21
CA SER B 59 4.21 7.46 -38.34
C SER B 59 5.51 6.75 -38.70
N VAL B 60 6.62 7.50 -38.73
CA VAL B 60 7.92 6.92 -39.04
C VAL B 60 8.23 5.77 -38.08
N HIS B 61 8.03 5.99 -36.79
CA HIS B 61 8.45 4.90 -35.93
C HIS B 61 7.39 3.81 -35.77
N SER B 62 6.12 4.05 -36.14
CA SER B 62 5.18 2.94 -36.29
C SER B 62 5.58 2.04 -37.47
N HIS B 63 6.10 2.64 -38.54
CA HIS B 63 6.67 1.84 -39.62
C HIS B 63 7.87 1.04 -39.12
N TRP B 64 8.74 1.66 -38.32
CA TRP B 64 9.86 0.91 -37.74
C TRP B 64 9.35 -0.28 -36.93
N LEU B 65 8.33 -0.07 -36.09
CA LEU B 65 7.78 -1.16 -35.28
C LEU B 65 7.36 -2.33 -36.17
N LEU B 66 6.69 -2.04 -37.28
CA LEU B 66 6.26 -3.12 -38.19
C LEU B 66 7.46 -3.80 -38.84
N VAL B 67 8.47 -3.02 -39.23
CA VAL B 67 9.67 -3.61 -39.84
C VAL B 67 10.40 -4.49 -38.83
N LYS B 68 10.55 -3.98 -37.61
CA LYS B 68 11.19 -4.74 -36.54
C LYS B 68 10.44 -6.05 -36.26
N ILE B 69 9.11 -5.98 -36.21
CA ILE B 69 8.30 -7.19 -36.02
C ILE B 69 8.51 -8.17 -37.16
N LEU B 70 8.50 -7.67 -38.40
CA LEU B 70 8.73 -8.53 -39.56
C LEU B 70 10.09 -9.21 -39.47
N LYS B 71 11.12 -8.47 -39.04
CA LYS B 71 12.45 -9.04 -39.04
C LYS B 71 12.67 -10.02 -37.89
N ASP B 72 12.21 -9.69 -36.69
CA ASP B 72 12.63 -10.47 -35.52
C ASP B 72 11.49 -11.26 -34.89
N PHE B 73 10.24 -11.00 -35.27
CA PHE B 73 9.13 -11.66 -34.60
C PHE B 73 8.07 -12.17 -35.60
N SER B 74 8.49 -12.54 -36.81
CA SER B 74 7.53 -12.81 -37.88
C SER B 74 6.64 -14.00 -37.57
N HIS B 75 7.12 -14.97 -36.78
CA HIS B 75 6.26 -16.10 -36.41
C HIS B 75 5.02 -15.65 -35.64
N PHE B 76 5.08 -14.49 -34.98
CA PHE B 76 3.96 -13.97 -34.21
C PHE B 76 3.13 -12.94 -34.97
N ALA B 77 3.44 -12.71 -36.23
CA ALA B 77 2.95 -11.51 -36.88
C ALA B 77 2.11 -11.82 -38.08
N PRO B 78 1.22 -10.91 -38.46
CA PRO B 78 0.48 -11.02 -39.74
C PRO B 78 1.39 -10.60 -40.89
N LYS B 79 2.30 -11.51 -41.26
CA LYS B 79 3.37 -11.17 -42.19
C LYS B 79 2.81 -10.69 -43.53
N ASP B 80 1.80 -11.40 -44.07
CA ASP B 80 1.30 -11.05 -45.39
C ASP B 80 0.70 -9.65 -45.39
N GLU B 81 -0.05 -9.30 -44.34
CA GLU B 81 -0.61 -7.96 -44.25
C GLU B 81 0.47 -6.90 -44.09
N ILE B 82 1.50 -7.16 -43.26
CA ILE B 82 2.57 -6.17 -43.07
C ILE B 82 3.32 -5.93 -44.37
N ILE B 83 3.71 -7.01 -45.05
CA ILE B 83 4.46 -6.88 -46.29
C ILE B 83 3.63 -6.12 -47.33
N LYS B 84 2.34 -6.44 -47.46
CA LYS B 84 1.50 -5.71 -48.41
C LYS B 84 1.43 -4.23 -48.05
N ALA B 85 1.26 -3.92 -46.75
CA ALA B 85 1.17 -2.52 -46.31
C ALA B 85 2.48 -1.79 -46.60
N LEU B 86 3.60 -2.38 -46.24
CA LEU B 86 4.89 -1.73 -46.44
C LEU B 86 5.21 -1.58 -47.92
N ASP B 87 4.83 -2.57 -48.73
CA ASP B 87 5.05 -2.51 -50.19
C ASP B 87 4.35 -1.31 -50.81
N SER B 88 3.09 -1.04 -50.42
CA SER B 88 2.42 0.11 -51.00
C SER B 88 2.88 1.42 -50.39
N GLN B 89 3.46 1.39 -49.17
CA GLN B 89 3.96 2.61 -48.54
C GLN B 89 5.30 3.03 -49.12
N PHE B 90 6.25 2.10 -49.23
CA PHE B 90 7.65 2.39 -49.55
C PHE B 90 7.93 2.36 -51.04
N SER B 91 7.11 3.04 -51.83
CA SER B 91 7.31 3.09 -53.27
C SER B 91 8.28 4.21 -53.61
N LYS B 92 8.89 4.10 -54.80
CA LYS B 92 9.81 5.13 -55.25
C LYS B 92 9.11 6.49 -55.37
N GLU B 93 7.89 6.50 -55.89
CA GLU B 93 7.15 7.76 -56.12
C GLU B 93 6.80 8.45 -54.80
N LYS B 94 6.30 7.69 -53.82
CA LYS B 94 5.96 8.28 -52.52
C LYS B 94 7.19 8.77 -51.77
N ALA B 95 8.29 8.01 -51.85
CA ALA B 95 9.52 8.47 -51.18
C ALA B 95 10.05 9.76 -51.81
N GLU B 96 9.98 9.87 -53.14
CA GLU B 96 10.36 11.12 -53.81
C GLU B 96 9.49 12.27 -53.35
N GLY B 97 8.21 12.00 -53.06
CA GLY B 97 7.35 13.04 -52.53
C GLY B 97 7.77 13.52 -51.15
N GLU B 98 8.09 12.59 -50.25
CA GLU B 98 8.60 12.98 -48.93
C GLU B 98 9.90 13.77 -49.06
N LEU B 99 10.81 13.30 -49.91
CA LEU B 99 12.09 13.98 -50.11
C LEU B 99 11.88 15.38 -50.67
N LYS B 100 10.89 15.53 -51.56
CA LYS B 100 10.59 16.85 -52.11
C LYS B 100 10.20 17.82 -50.99
N TYR B 101 9.35 17.38 -50.06
CA TYR B 101 9.01 18.20 -48.91
C TYR B 101 10.26 18.54 -48.10
N LEU B 102 11.09 17.53 -47.82
CA LEU B 102 12.25 17.76 -46.96
C LEU B 102 13.24 18.72 -47.58
N GLN B 103 13.45 18.65 -48.90
CA GLN B 103 14.48 19.44 -49.56
C GLN B 103 14.04 20.88 -49.84
N ASN B 104 12.75 21.18 -49.70
CA ASN B 104 12.27 22.54 -49.89
C ASN B 104 12.88 23.47 -48.84
N PRO B 105 13.59 24.52 -49.23
CA PRO B 105 14.21 25.41 -48.22
C PRO B 105 13.21 26.01 -47.24
N ALA B 106 11.97 26.18 -47.66
CA ALA B 106 10.98 26.72 -46.73
C ALA B 106 10.66 25.75 -45.59
N HIS B 107 11.09 24.49 -45.67
CA HIS B 107 10.84 23.49 -44.64
C HIS B 107 12.10 23.15 -43.85
N LYS B 108 13.12 24.01 -43.93
CA LYS B 108 14.38 23.77 -43.23
C LYS B 108 14.13 23.57 -41.74
N GLY B 109 14.79 22.56 -41.16
CA GLY B 109 14.64 22.27 -39.74
C GLY B 109 13.48 21.35 -39.40
N PHE B 110 12.66 21.00 -40.39
CA PHE B 110 11.52 20.12 -40.14
C PHE B 110 11.96 18.84 -39.42
N GLU B 111 11.31 18.55 -38.30
CA GLU B 111 11.44 17.26 -37.60
C GLU B 111 12.82 17.03 -36.99
N ARG B 112 13.62 18.07 -36.85
CA ARG B 112 14.94 17.96 -36.24
C ARG B 112 14.80 17.89 -34.72
N PRO B 113 15.44 16.94 -34.05
CA PRO B 113 16.21 15.83 -34.60
C PRO B 113 15.43 14.50 -34.42
N TYR B 114 14.27 14.56 -33.76
CA TYR B 114 13.54 13.34 -33.41
C TYR B 114 13.13 12.56 -34.64
N GLY B 115 12.51 13.24 -35.62
CA GLY B 115 12.16 12.54 -36.85
C GLY B 115 13.37 12.07 -37.61
N TRP B 116 14.48 12.82 -37.52
CA TRP B 116 15.72 12.43 -38.19
C TRP B 116 16.25 11.09 -37.64
N GLY B 117 16.41 11.01 -36.33
CA GLY B 117 16.92 9.79 -35.73
C GLY B 117 15.99 8.60 -35.94
N TRP B 118 14.68 8.81 -35.78
CA TRP B 118 13.77 7.70 -36.00
C TRP B 118 13.78 7.23 -37.45
N PHE B 119 13.92 8.15 -38.41
CA PHE B 119 13.96 7.71 -39.80
C PHE B 119 15.23 6.93 -40.09
N LEU B 120 16.37 7.35 -39.52
CA LEU B 120 17.59 6.56 -39.67
C LEU B 120 17.46 5.20 -38.98
N LYS B 121 16.76 5.13 -37.85
CA LYS B 121 16.51 3.85 -37.18
C LYS B 121 15.61 2.96 -38.05
N LEU B 122 14.58 3.54 -38.66
CA LEU B 122 13.75 2.82 -39.61
C LEU B 122 14.57 2.27 -40.78
N THR B 123 15.44 3.13 -41.34
CA THR B 123 16.27 2.73 -42.48
C THR B 123 17.23 1.63 -42.11
N LEU B 124 17.83 1.74 -40.93
CA LEU B 124 18.70 0.67 -40.43
C LEU B 124 17.97 -0.67 -40.37
N GLU B 125 16.76 -0.65 -39.79
CA GLU B 125 16.02 -1.90 -39.63
C GLU B 125 15.61 -2.48 -40.98
N ILE B 126 15.25 -1.61 -41.93
CA ILE B 126 14.94 -2.06 -43.29
C ILE B 126 16.17 -2.67 -43.93
N ASN B 127 17.32 -2.02 -43.77
CA ASN B 127 18.53 -2.57 -44.37
C ASN B 127 18.91 -3.89 -43.72
N LEU B 128 18.69 -4.05 -42.41
CA LEU B 128 18.92 -5.37 -41.81
C LEU B 128 17.95 -6.42 -42.35
N LEU B 129 16.67 -6.05 -42.49
CA LEU B 129 15.69 -6.98 -43.04
C LEU B 129 15.99 -7.35 -44.49
N ALA B 130 16.60 -6.44 -45.26
CA ALA B 130 16.94 -6.64 -46.66
C ALA B 130 18.03 -7.71 -46.86
N LYS B 131 18.71 -8.13 -45.81
CA LYS B 131 19.61 -9.27 -45.92
C LYS B 131 18.86 -10.58 -46.15
N GLU B 132 17.58 -10.65 -45.78
CA GLU B 132 16.80 -11.89 -45.85
C GLU B 132 15.51 -11.77 -46.65
N ASN B 133 15.06 -10.55 -46.95
CA ASN B 133 13.77 -10.33 -47.58
C ASN B 133 13.95 -9.46 -48.82
N ASP B 134 13.62 -10.01 -49.98
CA ASP B 134 13.90 -9.33 -51.24
C ASP B 134 13.09 -8.05 -51.38
N LYS B 135 11.89 -8.02 -50.82
CA LYS B 135 11.10 -6.80 -50.90
C LYS B 135 11.72 -5.69 -50.06
N ALA B 136 12.38 -6.04 -48.95
CA ALA B 136 12.98 -4.98 -48.15
C ALA B 136 14.16 -4.35 -48.87
N GLU B 137 14.85 -5.12 -49.70
CA GLU B 137 15.88 -4.58 -50.59
C GLU B 137 15.35 -3.40 -51.40
N ILE B 138 14.14 -3.52 -51.92
CA ILE B 138 13.55 -2.48 -52.73
C ILE B 138 13.14 -1.29 -51.86
N TRP B 139 12.54 -1.56 -50.70
CA TRP B 139 12.21 -0.49 -49.76
C TRP B 139 13.45 0.31 -49.39
N ALA B 140 14.56 -0.37 -49.12
CA ALA B 140 15.79 0.32 -48.72
C ALA B 140 16.31 1.22 -49.83
N LYS B 141 16.23 0.75 -51.07
CA LYS B 141 16.65 1.57 -52.21
C LYS B 141 15.75 2.79 -52.34
N ASN B 142 14.44 2.61 -52.13
CA ASN B 142 13.51 3.71 -52.32
C ASN B 142 13.64 4.76 -51.22
N LEU B 143 14.07 4.38 -50.02
CA LEU B 143 14.21 5.32 -48.91
C LEU B 143 15.61 5.90 -48.78
N GLU B 144 16.56 5.47 -49.61
CA GLU B 144 17.95 5.87 -49.42
C GLU B 144 18.14 7.38 -49.52
N GLY B 145 17.46 8.02 -50.47
CA GLY B 145 17.60 9.46 -50.64
C GLY B 145 17.17 10.24 -49.40
N ILE B 146 16.09 9.78 -48.75
CA ILE B 146 15.67 10.42 -47.51
C ILE B 146 16.71 10.21 -46.41
N ALA B 147 17.22 8.98 -46.27
CA ALA B 147 18.25 8.78 -45.25
C ALA B 147 19.49 9.65 -45.53
N ASP B 148 19.92 9.70 -46.80
CA ASP B 148 21.07 10.53 -47.16
C ASP B 148 20.81 11.99 -46.80
N PHE B 149 19.58 12.44 -47.00
CA PHE B 149 19.23 13.81 -46.65
C PHE B 149 19.46 14.05 -45.16
N PHE B 150 18.93 13.16 -44.31
CA PHE B 150 19.05 13.39 -42.87
C PHE B 150 20.51 13.29 -42.43
N VAL B 151 21.27 12.35 -43.00
CA VAL B 151 22.70 12.26 -42.68
C VAL B 151 23.39 13.59 -43.00
N LYS B 152 23.10 14.15 -44.18
CA LYS B 152 23.71 15.44 -44.55
C LYS B 152 23.25 16.57 -43.61
N GLU B 153 21.96 16.61 -43.26
CA GLU B 153 21.50 17.66 -42.35
C GLU B 153 22.16 17.55 -40.98
N PHE B 154 22.38 16.32 -40.48
CA PHE B 154 23.09 16.13 -39.22
C PHE B 154 24.52 16.66 -39.28
N LYS B 155 25.25 16.28 -40.34
CA LYS B 155 26.65 16.71 -40.47
C LYS B 155 26.74 18.22 -40.57
N GLU B 156 25.75 18.86 -41.19
CA GLU B 156 25.74 20.31 -41.30
C GLU B 156 25.39 20.96 -39.97
N PHE B 157 24.46 20.39 -39.22
CA PHE B 157 23.97 21.10 -38.04
C PHE B 157 24.80 20.85 -36.76
N LEU B 158 25.25 19.61 -36.52
CA LEU B 158 25.99 19.33 -35.28
C LEU B 158 27.14 20.31 -35.03
N PRO B 159 27.96 20.71 -36.00
CA PRO B 159 29.03 21.68 -35.68
C PRO B 159 28.52 23.01 -35.18
N LYS B 160 27.24 23.34 -35.40
CA LYS B 160 26.68 24.59 -34.89
C LYS B 160 26.19 24.49 -33.47
N MET B 161 26.17 23.30 -32.87
CA MET B 161 25.58 23.11 -31.55
C MET B 161 26.66 23.29 -30.49
N ASP B 162 26.78 24.51 -29.98
CA ASP B 162 27.64 24.75 -28.82
C ASP B 162 27.08 24.10 -27.58
N TYR B 163 25.76 23.88 -27.53
CA TYR B 163 25.08 23.36 -26.36
C TYR B 163 24.17 22.20 -26.73
N PRO B 164 24.04 21.20 -25.86
CA PRO B 164 23.11 20.09 -26.12
C PRO B 164 21.68 20.55 -25.89
N ILE B 165 20.72 19.71 -26.25
CA ILE B 165 19.35 19.85 -25.79
C ILE B 165 19.04 18.68 -24.89
N ARG B 166 18.77 18.97 -23.61
CA ARG B 166 18.65 17.94 -22.59
C ARG B 166 17.23 17.50 -22.31
N VAL B 167 16.24 18.34 -22.62
CA VAL B 167 14.86 18.08 -22.19
C VAL B 167 14.38 16.72 -22.68
N GLY B 168 13.53 16.07 -21.87
CA GLY B 168 13.09 14.72 -22.16
C GLY B 168 11.93 14.63 -23.13
N THR B 169 11.92 15.48 -24.15
CA THR B 169 10.90 15.44 -25.19
C THR B 169 11.53 15.14 -26.55
N HIS B 170 10.80 15.38 -27.63
CA HIS B 170 11.37 14.99 -28.90
C HIS B 170 12.55 15.87 -29.32
N PHE B 171 12.78 17.01 -28.67
CA PHE B 171 14.01 17.75 -28.99
C PHE B 171 15.27 17.15 -28.36
N ASN B 172 15.14 16.09 -27.53
CA ASN B 172 16.27 15.49 -26.84
C ASN B 172 17.41 15.14 -27.79
N SER B 173 18.59 15.70 -27.57
CA SER B 173 19.71 15.40 -28.46
C SER B 173 20.14 13.94 -28.36
N SER B 174 20.22 13.42 -27.14
CA SER B 174 20.80 12.10 -26.92
C SER B 174 20.01 11.01 -27.61
N PHE B 175 18.68 11.07 -27.53
CA PHE B 175 17.83 10.07 -28.17
C PHE B 175 18.11 9.98 -29.67
N ALA B 176 18.00 11.12 -30.37
CA ALA B 176 18.20 11.13 -31.80
C ALA B 176 19.61 10.70 -32.17
N LEU B 177 20.62 11.17 -31.43
CA LEU B 177 21.99 10.81 -31.77
C LEU B 177 22.29 9.35 -31.47
N TYR B 178 21.64 8.76 -30.46
CA TYR B 178 21.82 7.32 -30.19
C TYR B 178 21.46 6.49 -31.43
N PHE B 179 20.31 6.78 -32.04
CA PHE B 179 19.89 6.08 -33.25
C PHE B 179 20.75 6.48 -34.45
N ALA B 180 21.08 7.77 -34.58
CA ALA B 180 21.90 8.17 -35.73
C ALA B 180 23.26 7.50 -35.67
N LEU B 181 23.79 7.30 -34.46
CA LEU B 181 25.08 6.66 -34.27
C LEU B 181 25.03 5.20 -34.69
N GLU B 182 23.95 4.49 -34.30
CA GLU B 182 23.76 3.12 -34.77
C GLU B 182 23.74 3.07 -36.30
N TYR B 183 22.97 3.97 -36.92
CA TYR B 183 22.93 4.02 -38.37
C TYR B 183 24.32 4.26 -38.96
N ALA B 184 25.07 5.23 -38.40
CA ALA B 184 26.39 5.55 -38.92
C ALA B 184 27.32 4.35 -38.84
N ARG B 185 27.28 3.61 -37.74
CA ARG B 185 28.17 2.46 -37.61
C ARG B 185 27.78 1.35 -38.56
N PHE B 186 26.49 1.16 -38.81
CA PHE B 186 26.11 0.15 -39.81
C PHE B 186 26.56 0.59 -41.20
N LYS B 187 26.39 1.86 -41.53
CA LYS B 187 26.75 2.33 -42.87
C LYS B 187 28.24 2.57 -43.04
N LYS B 188 29.03 2.46 -41.97
CA LYS B 188 30.45 2.84 -42.01
C LYS B 188 30.62 4.30 -42.45
N ASP B 189 29.72 5.17 -42.01
CA ASP B 189 29.84 6.61 -42.25
C ASP B 189 30.72 7.17 -41.14
N GLN B 190 32.03 7.13 -41.35
CA GLN B 190 32.96 7.53 -40.29
C GLN B 190 32.76 8.99 -39.88
N GLU B 191 32.43 9.85 -40.83
CA GLU B 191 32.27 11.27 -40.49
C GLU B 191 31.06 11.49 -39.59
N LEU B 192 29.93 10.84 -39.90
CA LEU B 192 28.78 10.98 -39.02
C LEU B 192 29.09 10.45 -37.63
N GLU B 193 29.76 9.30 -37.55
CA GLU B 193 30.13 8.74 -36.25
C GLU B 193 31.02 9.71 -35.46
N TYR B 194 32.03 10.26 -36.13
CA TYR B 194 32.95 11.20 -35.50
C TYR B 194 32.21 12.45 -35.01
N CYS B 195 31.31 13.00 -35.83
CA CYS B 195 30.54 14.18 -35.44
C CYS B 195 29.77 13.94 -34.14
N ILE B 196 29.09 12.80 -34.06
CA ILE B 196 28.28 12.49 -32.89
C ILE B 196 29.16 12.32 -31.67
N ILE B 197 30.24 11.55 -31.80
CA ILE B 197 31.10 11.27 -30.65
C ILE B 197 31.69 12.57 -30.12
N GLN B 198 32.19 13.40 -31.03
CA GLN B 198 32.78 14.67 -30.63
C GLN B 198 31.73 15.58 -29.98
N SER B 199 30.53 15.66 -30.55
CA SER B 199 29.49 16.49 -29.96
C SER B 199 29.15 16.02 -28.56
N ALA B 200 28.90 14.70 -28.39
CA ALA B 200 28.57 14.18 -27.07
C ALA B 200 29.68 14.45 -26.06
N LYS B 201 30.94 14.24 -26.43
CA LYS B 201 32.03 14.50 -25.50
C LYS B 201 32.06 15.97 -25.10
N LYS B 202 32.01 16.87 -26.08
CA LYS B 202 32.01 18.31 -25.79
C LYS B 202 30.85 18.69 -24.87
N TRP B 203 29.65 18.17 -25.12
CA TRP B 203 28.50 18.62 -24.34
C TRP B 203 28.49 18.03 -22.93
N PHE B 204 28.91 16.79 -22.74
CA PHE B 204 28.48 16.07 -21.56
C PHE B 204 29.60 15.64 -20.62
N LEU B 205 30.87 15.67 -21.05
CA LEU B 205 31.91 14.99 -20.27
C LEU B 205 32.14 15.63 -18.92
N SER B 206 31.77 16.89 -18.72
CA SER B 206 31.97 17.50 -17.41
C SER B 206 30.75 17.32 -16.50
N ASP B 207 29.72 16.60 -16.94
CA ASP B 207 28.56 16.40 -16.10
C ASP B 207 28.88 15.41 -14.98
N LYS B 208 28.57 15.78 -13.73
CA LYS B 208 28.82 14.91 -12.59
C LYS B 208 27.77 15.20 -11.53
N ASN B 209 27.49 14.19 -10.68
CA ASN B 209 26.56 14.29 -9.56
C ASN B 209 25.25 14.96 -9.95
N MET B 210 24.51 14.32 -10.85
CA MET B 210 23.31 14.93 -11.44
C MET B 210 22.20 15.15 -10.42
N GLN B 211 21.55 16.32 -10.50
CA GLN B 211 20.43 16.61 -9.61
C GLN B 211 19.17 15.83 -10.02
N ALA B 212 18.94 15.66 -11.33
CA ALA B 212 17.80 14.91 -11.88
C ALA B 212 16.46 15.46 -11.37
N LEU B 213 16.20 16.71 -11.72
CA LEU B 213 14.91 17.33 -11.41
C LEU B 213 13.87 16.84 -12.42
N GLU B 214 13.46 15.60 -12.25
CA GLU B 214 12.65 14.83 -13.18
C GLU B 214 11.53 14.17 -12.39
N PRO B 215 10.38 13.92 -13.01
CA PRO B 215 10.11 14.26 -14.41
C PRO B 215 9.52 15.64 -14.52
N CYS B 216 9.50 16.15 -15.73
CA CYS B 216 8.68 17.30 -16.04
C CYS B 216 7.41 16.81 -16.74
N GLY B 217 6.37 17.66 -16.73
CA GLY B 217 5.00 17.27 -17.03
C GLY B 217 4.71 16.70 -18.41
N ASP B 218 5.58 16.94 -19.41
CA ASP B 218 5.31 16.47 -20.76
C ASP B 218 6.42 15.56 -21.30
N GLU B 219 7.24 14.99 -20.42
CA GLU B 219 8.40 14.23 -20.89
C GLU B 219 8.07 12.77 -21.11
N PHE B 220 8.60 12.21 -22.20
CA PHE B 220 8.56 10.77 -22.41
C PHE B 220 9.95 10.15 -22.38
N LEU B 221 10.97 10.95 -22.12
CA LEU B 221 12.35 10.51 -21.95
C LEU B 221 12.89 11.12 -20.67
N SER B 222 13.83 10.40 -20.03
CA SER B 222 14.55 10.91 -18.87
C SER B 222 15.79 11.65 -19.34
N PRO B 223 15.93 12.95 -19.06
CA PRO B 223 17.19 13.63 -19.42
C PRO B 223 18.45 12.92 -18.93
N VAL B 224 18.53 12.50 -17.66
CA VAL B 224 19.81 11.98 -17.18
C VAL B 224 20.09 10.59 -17.75
N LEU B 225 19.06 9.75 -17.88
CA LEU B 225 19.29 8.40 -18.37
C LEU B 225 19.60 8.42 -19.86
N MET B 226 18.88 9.23 -20.63
CA MET B 226 19.10 9.24 -22.08
C MET B 226 20.50 9.73 -22.40
N GLU B 227 20.98 10.74 -21.67
CA GLU B 227 22.36 11.18 -21.80
C GLU B 227 23.34 10.05 -21.47
N ALA B 228 23.11 9.30 -20.37
CA ALA B 228 24.04 8.21 -20.05
C ALA B 228 24.02 7.15 -21.13
N VAL B 229 22.84 6.86 -21.69
CA VAL B 229 22.76 5.83 -22.71
C VAL B 229 23.56 6.23 -23.94
N LEU B 230 23.42 7.49 -24.39
CA LEU B 230 24.28 7.94 -25.51
C LEU B 230 25.76 7.79 -25.16
N LEU B 231 26.18 8.23 -23.97
CA LEU B 231 27.60 8.11 -23.63
C LEU B 231 28.04 6.65 -23.50
N SER B 232 27.14 5.76 -23.16
CA SER B 232 27.51 4.35 -23.11
C SER B 232 27.88 3.82 -24.49
N ALA B 233 27.42 4.46 -25.56
CA ALA B 233 27.79 4.04 -26.92
C ALA B 233 28.94 4.86 -27.49
N VAL B 234 29.20 6.02 -26.91
CA VAL B 234 30.24 6.96 -27.35
C VAL B 234 31.59 6.69 -26.70
N LEU B 235 31.61 6.41 -25.40
CA LEU B 235 32.85 6.20 -24.66
C LEU B 235 33.26 4.73 -24.67
N HIS B 236 34.57 4.49 -24.52
CA HIS B 236 35.05 3.15 -24.22
C HIS B 236 34.49 2.75 -22.86
N LYS B 237 34.28 1.43 -22.70
CA LYS B 237 33.58 0.91 -21.51
C LYS B 237 34.22 1.40 -20.22
N ASN B 238 35.53 1.25 -20.08
CA ASN B 238 36.17 1.64 -18.83
C ASN B 238 36.03 3.15 -18.60
N ASP B 239 36.10 3.95 -19.65
CA ASP B 239 35.82 5.38 -19.51
C ASP B 239 34.37 5.62 -19.10
N PHE B 240 33.42 4.85 -19.66
CA PHE B 240 32.01 5.06 -19.31
C PHE B 240 31.74 4.67 -17.86
N VAL B 241 32.33 3.56 -17.43
CA VAL B 241 32.10 3.07 -16.07
C VAL B 241 32.57 4.10 -15.05
N LYS B 242 33.75 4.69 -15.27
CA LYS B 242 34.24 5.76 -14.39
C LYS B 242 33.34 6.98 -14.47
N PHE B 243 32.95 7.38 -15.69
CA PHE B 243 32.05 8.52 -15.84
C PHE B 243 30.72 8.30 -15.14
N PHE B 244 30.12 7.12 -15.34
CA PHE B 244 28.79 6.85 -14.82
C PHE B 244 28.78 6.83 -13.31
N LYS B 245 29.85 6.33 -12.68
CA LYS B 245 29.93 6.30 -11.22
C LYS B 245 29.97 7.71 -10.63
N ALA B 246 30.69 8.64 -11.27
CA ALA B 246 30.70 10.03 -10.83
C ALA B 246 29.44 10.78 -11.25
N TYR B 247 28.73 10.27 -12.25
CA TYR B 247 27.55 10.92 -12.82
C TYR B 247 26.34 10.78 -11.91
N LEU B 248 26.06 9.56 -11.44
CA LEU B 248 24.98 9.28 -10.49
C LEU B 248 25.59 8.52 -9.34
N PRO B 249 26.27 9.19 -8.40
CA PRO B 249 27.09 8.45 -7.43
C PRO B 249 26.27 7.72 -6.37
N ASN B 250 24.99 8.02 -6.23
CA ASN B 250 24.20 7.40 -5.16
C ASN B 250 23.16 6.43 -5.72
N LEU B 251 23.31 5.97 -6.97
CA LEU B 251 22.32 5.06 -7.55
C LEU B 251 22.14 3.80 -6.73
N GLU B 252 23.24 3.24 -6.19
CA GLU B 252 23.12 2.02 -5.40
C GLU B 252 22.30 2.23 -4.13
N ALA B 253 22.19 3.45 -3.64
CA ALA B 253 21.27 3.80 -2.56
C ALA B 253 19.93 4.31 -3.08
N LYS B 254 19.63 4.07 -4.36
CA LYS B 254 18.38 4.51 -5.01
C LYS B 254 18.17 6.02 -4.92
N GLU B 255 19.24 6.78 -5.15
CA GLU B 255 19.17 8.23 -5.18
C GLU B 255 19.80 8.74 -6.47
N PRO B 256 19.21 9.76 -7.10
CA PRO B 256 17.98 10.44 -6.66
C PRO B 256 16.72 9.57 -6.71
N ALA B 257 15.89 9.72 -5.67
CA ALA B 257 14.73 8.87 -5.47
C ALA B 257 13.78 8.86 -6.67
N THR B 258 13.70 9.97 -7.43
CA THR B 258 12.76 10.00 -8.54
C THR B 258 13.05 8.92 -9.57
N LEU B 259 14.32 8.55 -9.75
CA LEU B 259 14.65 7.54 -10.75
C LEU B 259 14.16 6.15 -10.37
N PHE B 260 13.81 5.91 -9.09
CA PHE B 260 13.27 4.64 -8.64
C PHE B 260 11.79 4.72 -8.30
N THR B 261 11.11 5.74 -8.80
CA THR B 261 9.69 5.94 -8.58
C THR B 261 8.99 6.05 -9.93
N PRO B 262 8.26 5.03 -10.37
CA PRO B 262 7.49 5.16 -11.62
C PRO B 262 6.60 6.40 -11.56
N VAL B 263 6.52 7.13 -12.68
CA VAL B 263 5.90 8.46 -12.62
C VAL B 263 4.39 8.31 -12.71
N SER B 264 3.68 9.30 -12.16
CA SER B 264 2.23 9.32 -12.18
C SER B 264 1.69 9.98 -13.45
N VAL B 265 0.55 9.47 -13.90
CA VAL B 265 -0.09 9.90 -15.15
C VAL B 265 -1.51 10.34 -14.79
N SER B 266 -1.72 11.64 -14.60
CA SER B 266 -3.00 12.10 -14.07
C SER B 266 -4.13 12.07 -15.09
N ASP B 267 -3.84 12.17 -16.38
CA ASP B 267 -4.91 12.20 -17.39
C ASP B 267 -4.37 11.73 -18.73
N ARG B 268 -4.73 10.50 -19.11
CA ARG B 268 -4.32 9.92 -20.38
C ARG B 268 -5.06 10.48 -21.58
N SER B 269 -6.09 11.27 -21.37
CA SER B 269 -6.74 11.92 -22.50
C SER B 269 -6.12 13.26 -22.85
N ASP B 270 -5.07 13.69 -22.14
CA ASP B 270 -4.34 14.88 -22.54
C ASP B 270 -3.05 14.49 -23.24
N GLY B 271 -2.84 15.03 -24.44
CA GLY B 271 -1.74 14.60 -25.27
C GLY B 271 -0.37 14.78 -24.61
N LYS B 272 -0.21 15.85 -23.82
CA LYS B 272 1.08 16.10 -23.19
C LYS B 272 1.27 15.22 -21.96
N ILE B 273 0.26 15.15 -21.10
CA ILE B 273 0.38 14.31 -19.91
C ILE B 273 0.51 12.85 -20.31
N ALA B 274 -0.12 12.45 -21.43
CA ALA B 274 -0.01 11.07 -21.91
C ALA B 274 1.44 10.66 -22.16
N HIS B 275 2.33 11.63 -22.41
CA HIS B 275 3.75 11.33 -22.58
C HIS B 275 4.32 10.62 -21.36
N LEU B 276 3.75 10.86 -20.18
CA LEU B 276 4.32 10.27 -18.98
C LEU B 276 4.17 8.74 -18.97
N ASP B 277 3.19 8.16 -19.69
CA ASP B 277 3.20 6.70 -19.85
C ASP B 277 4.43 6.25 -20.62
N GLY B 278 4.78 6.98 -21.68
CA GLY B 278 5.96 6.64 -22.44
C GLY B 278 7.24 6.78 -21.64
N LEU B 279 7.26 7.71 -20.68
CA LEU B 279 8.43 7.87 -19.82
C LEU B 279 8.69 6.62 -18.97
N ASN B 280 7.64 6.02 -18.43
CA ASN B 280 7.86 4.80 -17.66
C ASN B 280 8.44 3.70 -18.55
N LEU B 281 7.99 3.64 -19.79
CA LEU B 281 8.51 2.66 -20.75
C LEU B 281 9.95 2.99 -21.15
N SER B 282 10.23 4.26 -21.49
CA SER B 282 11.59 4.60 -21.92
C SER B 282 12.58 4.52 -20.76
N ARG B 283 12.15 4.87 -19.54
CA ARG B 283 13.00 4.59 -18.38
C ARG B 283 13.36 3.12 -18.28
N ALA B 284 12.36 2.24 -18.47
CA ALA B 284 12.64 0.80 -18.43
C ALA B 284 13.66 0.42 -19.48
N TRP B 285 13.46 0.91 -20.70
CA TRP B 285 14.43 0.70 -21.77
C TRP B 285 15.82 1.19 -21.37
N CYS B 286 15.93 2.45 -20.89
CA CYS B 286 17.26 2.97 -20.52
C CYS B 286 17.88 2.20 -19.36
N PHE B 287 17.09 1.84 -18.37
CA PHE B 287 17.65 1.12 -17.23
C PHE B 287 18.23 -0.23 -17.65
N LYS B 288 17.54 -0.92 -18.57
CA LYS B 288 18.03 -2.20 -19.07
C LYS B 288 19.34 -2.03 -19.82
N ILE B 289 19.43 -1.02 -20.70
CA ILE B 289 20.68 -0.76 -21.41
C ILE B 289 21.79 -0.46 -20.42
N LEU B 290 21.51 0.42 -19.44
CA LEU B 290 22.56 0.81 -18.52
C LEU B 290 22.96 -0.34 -17.59
N SER B 291 22.04 -1.27 -17.30
CA SER B 291 22.39 -2.36 -16.41
C SER B 291 23.50 -3.23 -16.99
N ASN B 292 23.60 -3.31 -18.32
CA ASN B 292 24.65 -4.12 -18.93
C ASN B 292 26.05 -3.55 -18.74
N PHE B 293 26.18 -2.31 -18.24
CA PHE B 293 27.47 -1.70 -17.99
C PHE B 293 27.82 -1.65 -16.51
N CYS B 294 27.02 -2.27 -15.65
CA CYS B 294 27.21 -2.12 -14.22
C CYS B 294 27.71 -3.43 -13.62
N ASP B 295 28.27 -3.31 -12.43
CA ASP B 295 28.61 -4.47 -11.63
C ASP B 295 27.32 -5.10 -11.11
N GLU B 296 27.44 -6.34 -10.66
CA GLU B 296 26.27 -7.18 -10.36
C GLU B 296 25.26 -6.50 -9.46
N ASN B 297 25.71 -5.77 -8.44
CA ASN B 297 24.78 -5.16 -7.48
C ASN B 297 23.86 -4.16 -8.16
N LEU B 298 24.46 -3.17 -8.83
CA LEU B 298 23.66 -2.14 -9.47
C LEU B 298 22.90 -2.72 -10.67
N LYS B 299 23.48 -3.72 -11.35
CA LYS B 299 22.78 -4.38 -12.45
C LYS B 299 21.42 -4.91 -11.98
N ILE B 300 21.40 -5.59 -10.82
CA ILE B 300 20.16 -6.17 -10.32
C ILE B 300 19.18 -5.08 -9.93
N LEU B 301 19.66 -4.02 -9.25
CA LEU B 301 18.78 -2.92 -8.85
C LEU B 301 18.12 -2.27 -10.06
N LEU B 302 18.89 -1.99 -11.10
CA LEU B 302 18.31 -1.30 -12.25
C LEU B 302 17.34 -2.20 -13.01
N ARG B 303 17.62 -3.50 -13.09
CA ARG B 303 16.72 -4.40 -13.79
C ARG B 303 15.41 -4.59 -13.03
N ASN B 304 15.47 -4.65 -11.70
CA ASN B 304 14.21 -4.68 -10.95
C ASN B 304 13.45 -3.38 -11.13
N ASN B 305 14.18 -2.25 -11.11
CA ASN B 305 13.56 -0.94 -11.31
C ASN B 305 12.92 -0.84 -12.69
N ALA B 306 13.60 -1.38 -13.70
CA ALA B 306 13.06 -1.36 -15.05
C ALA B 306 11.74 -2.10 -15.13
N THR B 307 11.67 -3.27 -14.48
CA THR B 307 10.43 -4.06 -14.53
C THR B 307 9.28 -3.31 -13.89
N GLU B 308 9.52 -2.65 -12.74
CA GLU B 308 8.45 -1.91 -12.10
C GLU B 308 7.97 -0.77 -12.99
N HIS B 309 8.90 -0.10 -13.67
CA HIS B 309 8.48 0.99 -14.56
C HIS B 309 7.65 0.43 -15.72
N PHE B 310 8.14 -0.63 -16.35
CA PHE B 310 7.43 -1.24 -17.47
C PHE B 310 6.02 -1.66 -17.07
N ASP B 311 5.91 -2.36 -15.93
CA ASP B 311 4.62 -2.88 -15.47
C ASP B 311 3.65 -1.75 -15.17
N LYS B 312 4.15 -0.57 -14.78
CA LYS B 312 3.26 0.54 -14.46
C LYS B 312 2.60 1.12 -15.72
N ALA B 313 3.15 0.86 -16.90
CA ALA B 313 2.66 1.49 -18.10
C ALA B 313 2.04 0.55 -19.12
N ILE B 314 2.50 -0.71 -19.17
CA ILE B 314 2.19 -1.58 -20.31
C ILE B 314 0.69 -1.75 -20.51
N ALA B 315 -0.08 -1.79 -19.42
CA ALA B 315 -1.52 -2.04 -19.52
C ALA B 315 -2.29 -0.86 -20.09
N HIS B 316 -1.67 0.31 -20.21
CA HIS B 316 -2.42 1.49 -20.61
C HIS B 316 -2.14 1.92 -22.04
N ILE B 317 -1.39 1.14 -22.80
CA ILE B 317 -0.93 1.63 -24.10
C ILE B 317 -2.04 1.71 -25.15
N GLU B 318 -3.23 1.17 -24.87
CA GLU B 318 -4.39 1.24 -25.75
C GLU B 318 -5.57 2.02 -25.16
N ASP B 319 -5.35 2.75 -24.07
CA ASP B 319 -6.43 3.51 -23.45
C ASP B 319 -6.96 4.63 -24.34
N ASP B 320 -6.10 5.21 -25.17
CA ASP B 320 -6.48 6.39 -25.94
C ASP B 320 -5.58 6.45 -27.17
N TYR B 321 -6.13 6.99 -28.28
CA TYR B 321 -5.29 7.15 -29.47
C TYR B 321 -4.11 8.07 -29.21
N LEU B 322 -4.24 9.00 -28.25
CA LEU B 322 -3.12 9.86 -27.88
C LEU B 322 -1.96 9.06 -27.30
N GLY B 323 -2.20 7.83 -26.85
CA GLY B 323 -1.13 6.92 -26.49
C GLY B 323 -0.86 5.86 -27.54
N SER B 324 -1.92 5.20 -28.04
CA SER B 324 -1.70 4.07 -28.94
C SER B 324 -1.08 4.47 -30.28
N HIS B 325 -1.16 5.75 -30.68
CA HIS B 325 -0.45 6.05 -31.92
C HIS B 325 1.07 6.00 -31.78
N TRP B 326 1.62 5.76 -30.59
CA TRP B 326 3.07 5.76 -30.47
C TRP B 326 3.62 4.88 -29.35
N LEU B 327 2.83 4.56 -28.31
CA LEU B 327 3.44 3.90 -27.15
C LEU B 327 4.00 2.50 -27.47
N GLY B 328 3.41 1.78 -28.44
CA GLY B 328 3.89 0.45 -28.77
C GLY B 328 5.38 0.37 -29.11
N SER B 329 5.89 1.40 -29.80
CA SER B 329 7.30 1.40 -30.18
C SER B 329 8.22 1.45 -28.96
N PHE B 330 7.84 2.25 -27.95
CA PHE B 330 8.65 2.30 -26.74
C PHE B 330 8.48 1.04 -25.89
N ALA B 331 7.29 0.45 -25.93
CA ALA B 331 7.11 -0.85 -25.28
C ALA B 331 8.05 -1.89 -25.91
N LEU B 332 8.10 -1.94 -27.24
CA LEU B 332 8.97 -2.92 -27.90
C LEU B 332 10.45 -2.63 -27.64
N LEU B 333 10.84 -1.35 -27.63
CA LEU B 333 12.23 -1.01 -27.31
C LEU B 333 12.62 -1.58 -25.95
N ALA B 334 11.79 -1.35 -24.93
CA ALA B 334 12.09 -1.83 -23.58
C ALA B 334 12.11 -3.36 -23.54
N LEU B 335 11.15 -4.00 -24.20
CA LEU B 335 11.11 -5.47 -24.18
C LEU B 335 12.31 -6.08 -24.89
N ASP B 336 12.91 -5.37 -25.84
CA ASP B 336 13.86 -6.00 -26.75
C ASP B 336 15.32 -5.85 -26.33
N VAL B 337 15.61 -5.22 -25.19
CA VAL B 337 17.01 -5.03 -24.77
C VAL B 337 17.63 -6.37 -24.40
N ASP B 338 18.80 -6.65 -24.97
CA ASP B 338 19.56 -7.85 -24.65
C ASP B 338 20.12 -7.77 -23.23
N ILE B 339 19.69 -8.68 -22.37
CA ILE B 339 20.19 -8.79 -21.01
C ILE B 339 21.49 -9.58 -21.03
N LEU B 340 22.62 -8.89 -20.78
CA LEU B 340 23.97 -9.48 -20.83
C LEU B 340 24.55 -9.75 -19.43
N PRO C 6 -27.95 49.57 29.79
CA PRO C 6 -28.71 48.32 29.75
C PRO C 6 -28.41 47.52 28.49
N MET C 7 -29.17 47.85 27.43
CA MET C 7 -28.84 47.36 26.10
C MET C 7 -27.50 47.88 25.60
N GLU C 8 -27.01 48.99 26.17
CA GLU C 8 -25.83 49.64 25.60
C GLU C 8 -24.62 48.73 25.67
N LYS C 9 -24.34 48.16 26.85
CA LYS C 9 -23.26 47.18 26.96
C LYS C 9 -23.46 46.02 25.99
N PHE C 10 -24.71 45.53 25.87
CA PHE C 10 -24.98 44.39 24.99
C PHE C 10 -24.70 44.74 23.52
N ILE C 11 -25.18 45.90 23.07
CA ILE C 11 -25.03 46.25 21.66
C ILE C 11 -23.56 46.37 21.30
N LYS C 12 -22.75 46.96 22.18
CA LYS C 12 -21.31 47.08 21.94
C LYS C 12 -20.68 45.70 21.84
N GLN C 13 -20.95 44.85 22.83
CA GLN C 13 -20.42 43.49 22.81
C GLN C 13 -20.84 42.75 21.53
N PHE C 14 -22.13 42.81 21.17
CA PHE C 14 -22.59 42.10 19.97
C PHE C 14 -21.93 42.67 18.70
N SER C 15 -21.80 44.01 18.63
CA SER C 15 -21.15 44.63 17.48
C SER C 15 -19.72 44.12 17.32
N PHE C 16 -18.95 44.13 18.42
CA PHE C 16 -17.58 43.64 18.38
C PHE C 16 -17.51 42.20 17.90
N ILE C 17 -18.34 41.33 18.49
CA ILE C 17 -18.31 39.91 18.14
C ILE C 17 -18.68 39.70 16.68
N ALA C 18 -19.78 40.30 16.25
CA ALA C 18 -20.23 40.06 14.88
C ALA C 18 -19.22 40.59 13.88
N LEU C 19 -18.63 41.76 14.16
CA LEU C 19 -17.65 42.32 13.22
C LEU C 19 -16.41 41.44 13.13
N GLU C 20 -15.94 40.89 14.25
CA GLU C 20 -14.81 39.98 14.15
C GLU C 20 -15.22 38.73 13.39
N ASN C 21 -16.44 38.23 13.65
CA ASN C 21 -16.90 36.99 13.05
C ASN C 21 -16.90 37.05 11.53
N ILE C 22 -17.46 38.11 10.95
CA ILE C 22 -17.71 38.06 9.51
C ILE C 22 -16.42 38.07 8.71
N PHE C 23 -15.29 38.52 9.28
CA PHE C 23 -14.03 38.50 8.56
C PHE C 23 -13.09 37.39 9.03
N ARG C 24 -13.37 36.72 10.14
CA ARG C 24 -12.43 35.75 10.67
C ARG C 24 -12.46 34.47 9.85
N GLU C 25 -11.33 34.12 9.25
CA GLU C 25 -11.31 32.99 8.32
C GLU C 25 -11.23 31.64 9.03
N LEU C 26 -10.48 31.56 10.13
CA LEU C 26 -10.14 30.30 10.78
C LEU C 26 -10.35 30.39 12.29
N PRO C 27 -10.71 29.27 12.94
CA PRO C 27 -11.02 27.98 12.32
C PRO C 27 -12.35 28.04 11.56
N ASN C 28 -12.65 26.98 10.82
CA ASN C 28 -13.80 26.96 9.93
C ASN C 28 -14.27 25.52 9.77
N LYS C 29 -15.54 25.35 9.41
CA LYS C 29 -16.09 24.01 9.18
C LYS C 29 -17.01 24.06 7.97
N ILE C 30 -16.76 23.20 7.00
CA ILE C 30 -17.57 23.17 5.79
C ILE C 30 -18.36 21.86 5.76
N THR C 31 -19.57 21.96 5.24
CA THR C 31 -20.39 20.80 4.89
C THR C 31 -20.64 20.98 3.40
N HIS C 32 -19.97 20.18 2.59
CA HIS C 32 -19.79 20.54 1.20
C HIS C 32 -19.90 19.30 0.33
N SER C 33 -20.86 19.29 -0.59
CA SER C 33 -21.02 18.19 -1.51
C SER C 33 -20.59 18.62 -2.91
N PHE C 34 -20.13 17.66 -3.70
CA PHE C 34 -19.52 18.01 -4.97
C PHE C 34 -19.47 16.77 -5.86
N ASN C 35 -19.46 17.00 -7.16
CA ASN C 35 -19.23 15.93 -8.13
C ASN C 35 -18.06 16.26 -9.06
N ASP C 36 -17.22 17.19 -8.64
CA ASP C 36 -16.05 17.62 -9.39
C ASP C 36 -14.92 17.72 -8.37
N ILE C 37 -13.83 16.99 -8.62
CA ILE C 37 -12.75 16.98 -7.64
C ILE C 37 -12.08 18.36 -7.55
N ASN C 38 -12.27 19.22 -8.56
CA ASN C 38 -11.77 20.59 -8.46
C ASN C 38 -12.66 21.48 -7.62
N ASP C 39 -13.87 21.05 -7.27
CA ASP C 39 -14.80 21.87 -6.52
C ASP C 39 -14.60 21.69 -5.02
N ILE C 40 -13.34 21.75 -4.59
CA ILE C 40 -12.97 21.70 -3.17
C ILE C 40 -12.00 22.86 -2.95
N LYS C 41 -12.47 23.95 -2.38
CA LYS C 41 -11.69 25.18 -2.27
C LYS C 41 -11.82 25.76 -0.87
N PRO C 42 -10.89 26.62 -0.46
CA PRO C 42 -11.07 27.33 0.79
C PRO C 42 -12.37 28.10 0.79
N PRO C 43 -12.99 28.27 1.95
CA PRO C 43 -14.29 28.99 2.01
C PRO C 43 -14.27 30.37 1.38
N LYS C 44 -13.17 31.11 1.52
CA LYS C 44 -13.12 32.46 0.96
C LYS C 44 -13.41 32.45 -0.53
N LEU C 45 -13.07 31.36 -1.21
CA LEU C 45 -13.35 31.22 -2.64
C LEU C 45 -14.73 30.64 -2.89
N MET C 46 -15.18 29.67 -2.09
CA MET C 46 -16.51 29.10 -2.30
C MET C 46 -17.61 30.08 -1.92
N TYR C 47 -17.40 30.84 -0.84
CA TYR C 47 -18.41 31.71 -0.26
C TYR C 47 -17.82 33.12 -0.18
N PRO C 48 -17.89 33.90 -1.26
CA PRO C 48 -17.20 35.21 -1.25
C PRO C 48 -17.70 36.17 -0.19
N ILE C 49 -18.94 36.03 0.28
CA ILE C 49 -19.47 36.84 1.38
C ILE C 49 -19.38 36.11 2.72
N PHE C 50 -19.91 34.89 2.76
CA PHE C 50 -20.21 34.22 4.03
C PHE C 50 -19.16 33.17 4.40
N TYR C 51 -17.89 33.49 4.18
CA TYR C 51 -16.78 32.59 4.43
C TYR C 51 -16.33 32.60 5.89
N GLY C 52 -16.76 33.57 6.69
CA GLY C 52 -16.27 33.73 8.04
C GLY C 52 -17.20 33.10 9.08
N SER C 53 -16.96 33.47 10.33
CA SER C 53 -17.86 33.14 11.44
C SER C 53 -18.05 31.64 11.62
N TYR C 54 -17.00 30.87 11.31
CA TYR C 54 -16.91 29.42 11.47
C TYR C 54 -17.66 28.61 10.40
N ASP C 55 -18.87 29.02 10.02
CA ASP C 55 -19.59 28.33 8.95
C ASP C 55 -20.59 29.28 8.29
N TRP C 56 -21.09 28.84 7.12
CA TRP C 56 -21.90 29.66 6.24
C TRP C 56 -23.10 30.27 6.96
N HIS C 57 -23.89 29.41 7.63
CA HIS C 57 -25.11 29.90 8.26
C HIS C 57 -24.82 30.82 9.42
N SER C 58 -23.75 30.57 10.19
CA SER C 58 -23.41 31.49 11.27
C SER C 58 -22.93 32.83 10.71
N SER C 59 -22.22 32.82 9.59
CA SER C 59 -21.84 34.10 8.99
C SER C 59 -23.08 34.87 8.59
N VAL C 60 -24.04 34.17 7.95
CA VAL C 60 -25.26 34.84 7.53
C VAL C 60 -25.95 35.53 8.71
N HIS C 61 -26.12 34.82 9.84
CA HIS C 61 -26.86 35.50 10.90
C HIS C 61 -25.98 36.42 11.75
N SER C 62 -24.65 36.30 11.68
CA SER C 62 -23.82 37.37 12.22
C SER C 62 -24.00 38.66 11.40
N HIS C 63 -24.15 38.55 10.07
CA HIS C 63 -24.52 39.71 9.27
C HIS C 63 -25.90 40.26 9.67
N TRP C 64 -26.87 39.36 9.89
CA TRP C 64 -28.18 39.78 10.35
C TRP C 64 -28.09 40.56 11.66
N LEU C 65 -27.24 40.10 12.58
CA LEU C 65 -27.06 40.79 13.84
C LEU C 65 -26.61 42.24 13.63
N LEU C 66 -25.66 42.46 12.72
CA LEU C 66 -25.20 43.82 12.45
C LEU C 66 -26.27 44.67 11.79
N VAL C 67 -27.02 44.08 10.84
CA VAL C 67 -28.09 44.83 10.18
C VAL C 67 -29.15 45.22 11.20
N LYS C 68 -29.52 44.30 12.07
CA LYS C 68 -30.49 44.59 13.12
C LYS C 68 -29.99 45.69 14.06
N ILE C 69 -28.72 45.60 14.49
CA ILE C 69 -28.13 46.62 15.32
C ILE C 69 -28.17 47.98 14.60
N LEU C 70 -27.83 47.98 13.31
CA LEU C 70 -27.88 49.21 12.54
C LEU C 70 -29.29 49.79 12.50
N LYS C 71 -30.31 48.93 12.37
CA LYS C 71 -31.67 49.43 12.20
C LYS C 71 -32.24 49.99 13.51
N ASP C 72 -32.03 49.29 14.63
CA ASP C 72 -32.75 49.58 15.86
C ASP C 72 -31.89 50.07 17.00
N PHE C 73 -30.55 49.96 16.91
CA PHE C 73 -29.69 50.31 18.04
C PHE C 73 -28.46 51.11 17.59
N SER C 74 -28.56 51.88 16.50
CA SER C 74 -27.35 52.47 15.93
C SER C 74 -26.68 53.45 16.87
N HIS C 75 -27.46 54.09 17.75
CA HIS C 75 -26.95 55.02 18.75
C HIS C 75 -25.99 54.38 19.74
N PHE C 76 -26.08 53.05 19.92
CA PHE C 76 -25.19 52.32 20.82
C PHE C 76 -24.06 51.62 20.09
N ALA C 77 -23.95 51.78 18.79
CA ALA C 77 -23.15 50.88 17.97
C ALA C 77 -22.09 51.67 17.23
N PRO C 78 -21.00 51.01 16.75
CA PRO C 78 -20.06 51.68 15.83
C PRO C 78 -20.64 51.71 14.43
N LYS C 79 -21.64 52.56 14.21
CA LYS C 79 -22.47 52.47 13.02
C LYS C 79 -21.67 52.68 11.74
N ASP C 80 -20.75 53.66 11.71
CA ASP C 80 -20.01 53.94 10.49
C ASP C 80 -19.09 52.76 10.14
N GLU C 81 -18.45 52.18 11.15
CA GLU C 81 -17.63 51.00 10.89
C GLU C 81 -18.49 49.85 10.37
N ILE C 82 -19.68 49.67 10.96
CA ILE C 82 -20.57 48.60 10.48
C ILE C 82 -20.98 48.86 9.04
N ILE C 83 -21.36 50.11 8.72
CA ILE C 83 -21.77 50.43 7.35
C ILE C 83 -20.63 50.15 6.38
N LYS C 84 -19.39 50.51 6.77
CA LYS C 84 -18.24 50.24 5.92
C LYS C 84 -18.06 48.74 5.70
N ALA C 85 -18.17 47.96 6.77
CA ALA C 85 -18.01 46.51 6.66
C ALA C 85 -19.09 45.91 5.76
N LEU C 86 -20.36 46.26 6.00
CA LEU C 86 -21.43 45.68 5.18
C LEU C 86 -21.32 46.12 3.74
N ASP C 87 -20.87 47.35 3.52
CA ASP C 87 -20.68 47.86 2.17
C ASP C 87 -19.70 47.01 1.38
N SER C 88 -18.59 46.61 2.01
CA SER C 88 -17.63 45.79 1.30
C SER C 88 -18.09 44.34 1.13
N GLN C 89 -19.00 43.88 2.00
CA GLN C 89 -19.50 42.51 1.91
C GLN C 89 -20.60 42.35 0.85
N PHE C 90 -21.59 43.24 0.88
CA PHE C 90 -22.80 43.08 0.08
C PHE C 90 -22.66 43.72 -1.30
N SER C 91 -21.59 43.38 -2.00
CA SER C 91 -21.40 43.90 -3.35
C SER C 91 -22.13 43.00 -4.35
N LYS C 92 -22.43 43.56 -5.52
CA LYS C 92 -23.10 42.76 -6.55
C LYS C 92 -22.23 41.58 -6.94
N GLU C 93 -20.93 41.80 -7.05
CA GLU C 93 -20.02 40.74 -7.50
C GLU C 93 -19.96 39.57 -6.52
N LYS C 94 -19.77 39.86 -5.23
CA LYS C 94 -19.67 38.79 -4.25
C LYS C 94 -20.98 38.02 -4.14
N ALA C 95 -22.12 38.73 -4.20
CA ALA C 95 -23.40 38.06 -4.15
C ALA C 95 -23.59 37.14 -5.34
N GLU C 96 -23.13 37.54 -6.52
CA GLU C 96 -23.17 36.63 -7.67
C GLU C 96 -22.31 35.40 -7.41
N GLY C 97 -21.18 35.55 -6.72
CA GLY C 97 -20.36 34.41 -6.36
C GLY C 97 -21.08 33.44 -5.42
N GLU C 98 -21.75 33.97 -4.39
CA GLU C 98 -22.58 33.11 -3.54
C GLU C 98 -23.69 32.46 -4.36
N LEU C 99 -24.35 33.23 -5.24
CA LEU C 99 -25.45 32.66 -6.01
C LEU C 99 -24.97 31.55 -6.96
N LYS C 100 -23.77 31.70 -7.51
CA LYS C 100 -23.21 30.67 -8.38
C LYS C 100 -23.02 29.36 -7.64
N TYR C 101 -22.49 29.41 -6.42
CA TYR C 101 -22.37 28.19 -5.63
C TYR C 101 -23.73 27.57 -5.40
N LEU C 102 -24.71 28.40 -5.04
CA LEU C 102 -26.03 27.89 -4.69
C LEU C 102 -26.69 27.19 -5.87
N GLN C 103 -26.54 27.75 -7.07
CA GLN C 103 -27.21 27.24 -8.26
C GLN C 103 -26.51 26.05 -8.89
N ASN C 104 -25.31 25.73 -8.46
CA ASN C 104 -24.64 24.55 -8.99
C ASN C 104 -25.44 23.31 -8.59
N PRO C 105 -25.91 22.50 -9.55
CA PRO C 105 -26.70 21.32 -9.16
C PRO C 105 -25.94 20.37 -8.24
N ALA C 106 -24.61 20.36 -8.26
CA ALA C 106 -23.89 19.50 -7.34
C ALA C 106 -24.04 19.91 -5.86
N HIS C 107 -24.58 21.09 -5.59
CA HIS C 107 -24.73 21.61 -4.24
C HIS C 107 -26.20 21.62 -3.79
N LYS C 108 -27.06 20.87 -4.48
CA LYS C 108 -28.47 20.81 -4.12
C LYS C 108 -28.64 20.42 -2.66
N GLY C 109 -29.56 21.09 -1.97
CA GLY C 109 -29.78 20.82 -0.56
C GLY C 109 -28.88 21.58 0.39
N PHE C 110 -27.90 22.32 -0.12
CA PHE C 110 -26.97 23.06 0.74
C PHE C 110 -27.74 23.96 1.68
N GLU C 111 -27.42 23.83 2.97
CA GLU C 111 -27.91 24.71 4.03
C GLU C 111 -29.42 24.62 4.25
N ARG C 112 -30.07 23.57 3.74
CA ARG C 112 -31.51 23.45 3.95
C ARG C 112 -31.80 22.95 5.36
N PRO C 113 -32.66 23.61 6.14
CA PRO C 113 -33.36 24.88 5.88
C PRO C 113 -32.82 26.04 6.71
N TYR C 114 -31.86 25.75 7.59
CA TYR C 114 -31.38 26.74 8.55
C TYR C 114 -30.76 27.94 7.86
N GLY C 115 -29.85 27.71 6.93
CA GLY C 115 -29.26 28.82 6.19
C GLY C 115 -30.27 29.53 5.31
N TRP C 116 -31.24 28.79 4.77
CA TRP C 116 -32.30 29.39 3.96
C TRP C 116 -33.10 30.37 4.79
N GLY C 117 -33.56 29.91 5.96
CA GLY C 117 -34.38 30.76 6.82
C GLY C 117 -33.62 31.97 7.33
N TRP C 118 -32.38 31.78 7.76
CA TRP C 118 -31.60 32.90 8.25
C TRP C 118 -31.28 33.89 7.13
N PHE C 119 -31.06 33.40 5.90
CA PHE C 119 -30.79 34.34 4.81
C PHE C 119 -32.02 35.19 4.51
N LEU C 120 -33.21 34.58 4.52
CA LEU C 120 -34.41 35.39 4.30
C LEU C 120 -34.62 36.37 5.42
N LYS C 121 -34.28 35.98 6.66
CA LYS C 121 -34.34 36.91 7.78
C LYS C 121 -33.37 38.07 7.61
N LEU C 122 -32.15 37.77 7.15
CA LEU C 122 -31.20 38.84 6.83
C LEU C 122 -31.77 39.73 5.73
N THR C 123 -32.32 39.12 4.67
CA THR C 123 -32.85 39.93 3.56
C THR C 123 -34.01 40.79 4.05
N LEU C 124 -34.88 40.21 4.87
CA LEU C 124 -35.96 41.00 5.44
C LEU C 124 -35.43 42.20 6.23
N GLU C 125 -34.44 41.96 7.09
CA GLU C 125 -33.91 43.03 7.94
C GLU C 125 -33.24 44.10 7.10
N ILE C 126 -32.56 43.71 6.02
CA ILE C 126 -31.95 44.69 5.14
C ILE C 126 -33.04 45.55 4.48
N ASN C 127 -34.13 44.92 4.04
CA ASN C 127 -35.20 45.68 3.39
C ASN C 127 -35.89 46.62 4.37
N LEU C 128 -36.07 46.19 5.63
CA LEU C 128 -36.66 47.09 6.63
C LEU C 128 -35.73 48.27 6.93
N LEU C 129 -34.41 48.01 7.00
CA LEU C 129 -33.43 49.09 7.20
C LEU C 129 -33.37 50.03 6.00
N ALA C 130 -33.60 49.50 4.78
CA ALA C 130 -33.52 50.33 3.59
C ALA C 130 -34.63 51.36 3.50
N LYS C 131 -35.70 51.20 4.29
CA LYS C 131 -36.74 52.21 4.34
C LYS C 131 -36.24 53.49 5.02
N GLU C 132 -35.18 53.39 5.83
CA GLU C 132 -34.67 54.52 6.57
C GLU C 132 -33.21 54.85 6.28
N ASN C 133 -32.43 53.93 5.69
CA ASN C 133 -31.01 54.14 5.44
C ASN C 133 -30.73 53.83 3.98
N ASP C 134 -30.43 54.86 3.19
CA ASP C 134 -30.24 54.70 1.75
C ASP C 134 -29.15 53.69 1.41
N LYS C 135 -28.17 53.53 2.30
CA LYS C 135 -27.07 52.61 1.99
C LYS C 135 -27.57 51.17 1.88
N ALA C 136 -28.61 50.82 2.64
CA ALA C 136 -29.15 49.46 2.64
C ALA C 136 -29.92 49.14 1.37
N GLU C 137 -30.44 50.17 0.68
CA GLU C 137 -31.10 49.96 -0.60
C GLU C 137 -30.19 49.26 -1.58
N ILE C 138 -28.89 49.57 -1.54
CA ILE C 138 -27.94 48.89 -2.41
C ILE C 138 -27.77 47.43 -2.00
N TRP C 139 -27.61 47.18 -0.69
CA TRP C 139 -27.46 45.81 -0.18
C TRP C 139 -28.65 44.93 -0.56
N ALA C 140 -29.86 45.46 -0.44
CA ALA C 140 -31.05 44.69 -0.74
C ALA C 140 -31.10 44.31 -2.21
N LYS C 141 -30.69 45.23 -3.08
CA LYS C 141 -30.64 44.94 -4.51
C LYS C 141 -29.60 43.87 -4.82
N ASN C 142 -28.45 43.92 -4.16
CA ASN C 142 -27.40 42.95 -4.47
C ASN C 142 -27.71 41.54 -3.94
N LEU C 143 -28.51 41.43 -2.87
CA LEU C 143 -28.82 40.12 -2.31
C LEU C 143 -30.13 39.53 -2.82
N GLU C 144 -30.82 40.25 -3.72
CA GLU C 144 -32.14 39.82 -4.17
C GLU C 144 -32.09 38.46 -4.87
N GLY C 145 -31.06 38.23 -5.68
CA GLY C 145 -30.96 36.96 -6.40
C GLY C 145 -30.82 35.77 -5.46
N ILE C 146 -30.03 35.93 -4.40
CA ILE C 146 -29.90 34.83 -3.44
C ILE C 146 -31.23 34.58 -2.74
N ALA C 147 -31.91 35.66 -2.32
CA ALA C 147 -33.19 35.49 -1.65
C ALA C 147 -34.22 34.81 -2.55
N ASP C 148 -34.30 35.23 -3.81
CA ASP C 148 -35.22 34.58 -4.73
C ASP C 148 -34.90 33.11 -4.89
N PHE C 149 -33.61 32.76 -4.89
CA PHE C 149 -33.24 31.35 -4.99
C PHE C 149 -33.81 30.54 -3.82
N PHE C 150 -33.65 31.04 -2.59
CA PHE C 150 -34.16 30.30 -1.44
C PHE C 150 -35.68 30.23 -1.42
N VAL C 151 -36.35 31.31 -1.84
CA VAL C 151 -37.81 31.30 -1.98
C VAL C 151 -38.25 30.19 -2.94
N LYS C 152 -37.57 30.09 -4.09
CA LYS C 152 -37.85 29.03 -5.05
C LYS C 152 -37.58 27.65 -4.46
N GLU C 153 -36.46 27.50 -3.73
CA GLU C 153 -36.14 26.20 -3.16
C GLU C 153 -37.17 25.77 -2.12
N PHE C 154 -37.66 26.72 -1.31
CA PHE C 154 -38.73 26.40 -0.35
C PHE C 154 -39.98 25.93 -1.07
N LYS C 155 -40.41 26.65 -2.10
CA LYS C 155 -41.62 26.27 -2.81
C LYS C 155 -41.49 24.91 -3.45
N GLU C 156 -40.27 24.55 -3.88
CA GLU C 156 -40.06 23.24 -4.48
C GLU C 156 -40.06 22.13 -3.44
N PHE C 157 -39.47 22.38 -2.26
CA PHE C 157 -39.24 21.31 -1.30
C PHE C 157 -40.40 21.09 -0.33
N LEU C 158 -41.04 22.16 0.16
CA LEU C 158 -42.13 21.98 1.12
C LEU C 158 -43.19 20.97 0.67
N PRO C 159 -43.66 20.94 -0.59
CA PRO C 159 -44.66 19.91 -0.97
C PRO C 159 -44.15 18.49 -0.84
N LYS C 160 -42.83 18.28 -0.80
CA LYS C 160 -42.29 16.93 -0.70
C LYS C 160 -42.19 16.44 0.73
N MET C 161 -42.45 17.29 1.72
CA MET C 161 -42.26 16.96 3.13
C MET C 161 -43.56 16.38 3.70
N ASP C 162 -43.63 15.04 3.73
CA ASP C 162 -44.75 14.39 4.40
C ASP C 162 -44.68 14.54 5.91
N TYR C 163 -43.48 14.71 6.45
CA TYR C 163 -43.23 14.76 7.87
C TYR C 163 -42.39 15.99 8.19
N PRO C 164 -42.63 16.62 9.34
CA PRO C 164 -41.79 17.76 9.74
C PRO C 164 -40.46 17.25 10.26
N ILE C 165 -39.54 18.17 10.51
CA ILE C 165 -38.35 17.85 11.29
C ILE C 165 -38.43 18.63 12.59
N ARG C 166 -38.55 17.89 13.70
CA ARG C 166 -38.81 18.45 15.00
C ARG C 166 -37.57 18.71 15.84
N VAL C 167 -36.45 18.05 15.54
CA VAL C 167 -35.28 18.11 16.41
C VAL C 167 -34.82 19.58 16.56
N GLY C 168 -34.30 19.90 17.76
CA GLY C 168 -33.92 21.27 18.10
C GLY C 168 -32.52 21.66 17.64
N THR C 169 -32.12 21.21 16.46
CA THR C 169 -30.85 21.60 15.85
C THR C 169 -31.16 22.42 14.58
N HIS C 170 -30.18 22.59 13.72
CA HIS C 170 -30.43 23.47 12.60
C HIS C 170 -31.36 22.88 11.54
N PHE C 171 -31.68 21.58 11.61
CA PHE C 171 -32.68 21.02 10.72
C PHE C 171 -34.12 21.32 11.13
N ASN C 172 -34.33 21.92 12.30
CA ASN C 172 -35.68 22.23 12.79
C ASN C 172 -36.54 22.98 11.77
N SER C 173 -37.69 22.39 11.39
CA SER C 173 -38.57 22.99 10.38
C SER C 173 -39.17 24.29 10.89
N SER C 174 -39.56 24.31 12.17
CA SER C 174 -40.31 25.44 12.70
C SER C 174 -39.48 26.72 12.68
N PHE C 175 -38.22 26.64 13.10
CA PHE C 175 -37.35 27.84 13.11
C PHE C 175 -37.24 28.45 11.73
N ALA C 176 -36.87 27.65 10.74
CA ALA C 176 -36.65 28.19 9.40
C ALA C 176 -37.93 28.75 8.82
N LEU C 177 -39.06 28.05 8.99
CA LEU C 177 -40.32 28.52 8.43
C LEU C 177 -40.84 29.76 9.15
N TYR C 178 -40.54 29.89 10.43
CA TYR C 178 -40.91 31.12 11.14
C TYR C 178 -40.31 32.34 10.46
N PHE C 179 -39.01 32.29 10.14
CA PHE C 179 -38.37 33.41 9.45
C PHE C 179 -38.84 33.51 8.00
N ALA C 180 -39.00 32.38 7.32
CA ALA C 180 -39.45 32.45 5.93
C ALA C 180 -40.84 33.07 5.82
N LEU C 181 -41.69 32.85 6.83
CA LEU C 181 -43.05 33.40 6.82
C LEU C 181 -43.03 34.91 6.98
N GLU C 182 -42.19 35.44 7.86
CA GLU C 182 -42.00 36.89 7.96
C GLU C 182 -41.58 37.48 6.61
N TYR C 183 -40.58 36.86 5.97
CA TYR C 183 -40.13 37.35 4.67
C TYR C 183 -41.24 37.29 3.64
N ALA C 184 -41.98 36.17 3.60
CA ALA C 184 -43.03 36.02 2.61
C ALA C 184 -44.10 37.09 2.78
N ARG C 185 -44.50 37.35 4.02
CA ARG C 185 -45.52 38.36 4.25
C ARG C 185 -45.01 39.76 3.92
N PHE C 186 -43.73 40.03 4.22
CA PHE C 186 -43.19 41.34 3.87
C PHE C 186 -43.12 41.52 2.36
N LYS C 187 -42.68 40.48 1.64
CA LYS C 187 -42.59 40.56 0.19
C LYS C 187 -43.94 40.37 -0.49
N LYS C 188 -44.99 40.12 0.31
CA LYS C 188 -46.33 39.82 -0.21
C LYS C 188 -46.31 38.63 -1.17
N ASP C 189 -45.46 37.64 -0.87
CA ASP C 189 -45.41 36.41 -1.66
C ASP C 189 -46.47 35.45 -1.11
N GLN C 190 -47.69 35.60 -1.61
CA GLN C 190 -48.82 34.85 -1.07
C GLN C 190 -48.63 33.34 -1.22
N GLU C 191 -48.02 32.91 -2.32
CA GLU C 191 -47.84 31.47 -2.51
C GLU C 191 -46.81 30.91 -1.52
N LEU C 192 -45.72 31.63 -1.26
CA LEU C 192 -44.81 31.18 -0.21
C LEU C 192 -45.53 31.16 1.13
N GLU C 193 -46.31 32.22 1.42
CA GLU C 193 -47.05 32.27 2.69
C GLU C 193 -48.01 31.10 2.82
N TYR C 194 -48.80 30.83 1.78
CA TYR C 194 -49.76 29.72 1.83
C TYR C 194 -49.05 28.38 1.96
N CYS C 195 -47.97 28.18 1.21
CA CYS C 195 -47.20 26.95 1.30
C CYS C 195 -46.73 26.69 2.72
N ILE C 196 -46.21 27.72 3.39
CA ILE C 196 -45.72 27.56 4.76
C ILE C 196 -46.87 27.22 5.69
N ILE C 197 -47.98 27.97 5.57
CA ILE C 197 -49.13 27.79 6.45
C ILE C 197 -49.73 26.39 6.29
N GLN C 198 -49.87 25.92 5.05
CA GLN C 198 -50.43 24.58 4.86
C GLN C 198 -49.53 23.51 5.47
N SER C 199 -48.21 23.62 5.26
CA SER C 199 -47.28 22.67 5.85
C SER C 199 -47.38 22.67 7.36
N ALA C 200 -47.32 23.85 7.97
CA ALA C 200 -47.41 23.95 9.42
C ALA C 200 -48.70 23.30 9.93
N LYS C 201 -49.83 23.62 9.30
CA LYS C 201 -51.10 23.05 9.72
C LYS C 201 -51.10 21.54 9.56
N LYS C 202 -50.63 21.05 8.41
CA LYS C 202 -50.59 19.62 8.15
C LYS C 202 -49.76 18.87 9.21
N TRP C 203 -48.58 19.40 9.58
CA TRP C 203 -47.70 18.68 10.49
C TRP C 203 -48.15 18.77 11.94
N PHE C 204 -48.66 19.93 12.35
CA PHE C 204 -48.68 20.28 13.77
C PHE C 204 -50.07 20.53 14.35
N LEU C 205 -51.12 20.70 13.54
CA LEU C 205 -52.40 21.17 14.10
C LEU C 205 -53.03 20.18 15.06
N SER C 206 -52.71 18.90 14.97
CA SER C 206 -53.27 17.94 15.89
C SER C 206 -52.40 17.67 17.10
N ASP C 207 -51.31 18.42 17.28
CA ASP C 207 -50.46 18.23 18.45
C ASP C 207 -51.14 18.78 19.71
N LYS C 208 -51.17 17.97 20.75
CA LYS C 208 -51.82 18.36 22.00
C LYS C 208 -51.07 17.74 23.17
N ASN C 209 -51.17 18.39 24.33
CA ASN C 209 -50.62 17.89 25.60
C ASN C 209 -49.19 17.34 25.41
N MET C 210 -48.29 18.22 24.97
CA MET C 210 -46.96 17.80 24.56
C MET C 210 -46.14 17.28 25.74
N GLN C 211 -45.39 16.20 25.50
CA GLN C 211 -44.55 15.61 26.53
C GLN C 211 -43.25 16.40 26.75
N ALA C 212 -42.63 16.88 25.68
CA ALA C 212 -41.38 17.64 25.75
C ALA C 212 -40.25 16.82 26.39
N LEU C 213 -39.85 15.74 25.71
CA LEU C 213 -38.66 14.98 26.10
C LEU C 213 -37.41 15.77 25.71
N GLU C 214 -37.13 16.81 26.49
CA GLU C 214 -36.10 17.79 26.18
C GLU C 214 -35.26 18.07 27.41
N PRO C 215 -33.98 18.45 27.24
CA PRO C 215 -33.26 18.60 25.98
C PRO C 215 -32.49 17.37 25.54
N CYS C 216 -32.05 17.38 24.30
CA CYS C 216 -31.05 16.43 23.84
C CYS C 216 -29.70 17.13 23.79
N GLY C 217 -28.63 16.32 23.78
CA GLY C 217 -27.29 16.79 24.09
C GLY C 217 -26.71 17.87 23.19
N ASP C 218 -27.26 18.06 21.99
CA ASP C 218 -26.69 19.04 21.04
C ASP C 218 -27.73 20.06 20.55
N GLU C 219 -28.81 20.26 21.28
CA GLU C 219 -29.87 21.14 20.79
C GLU C 219 -29.60 22.56 21.24
N PHE C 220 -29.84 23.52 20.33
CA PHE C 220 -29.88 24.93 20.69
C PHE C 220 -31.30 25.49 20.56
N LEU C 221 -32.27 24.65 20.20
CA LEU C 221 -33.66 25.06 20.13
C LEU C 221 -34.52 24.06 20.89
N SER C 222 -35.65 24.55 21.44
CA SER C 222 -36.63 23.65 22.04
C SER C 222 -37.64 23.22 21.00
N PRO C 223 -37.74 21.93 20.68
CA PRO C 223 -38.77 21.48 19.73
C PRO C 223 -40.18 21.97 20.06
N VAL C 224 -40.63 21.82 21.31
CA VAL C 224 -42.03 22.14 21.59
C VAL C 224 -42.25 23.65 21.58
N LEU C 225 -41.27 24.43 22.08
CA LEU C 225 -41.44 25.87 22.12
C LEU C 225 -41.37 26.48 20.71
N MET C 226 -40.46 25.97 19.87
CA MET C 226 -40.31 26.52 18.53
C MET C 226 -41.52 26.23 17.67
N GLU C 227 -42.07 25.02 17.78
CA GLU C 227 -43.30 24.71 17.08
C GLU C 227 -44.43 25.63 17.51
N ALA C 228 -44.55 25.91 18.82
CA ALA C 228 -45.59 26.83 19.30
C ALA C 228 -45.39 28.24 18.75
N VAL C 229 -44.13 28.68 18.69
CA VAL C 229 -43.85 30.03 18.19
C VAL C 229 -44.25 30.13 16.73
N LEU C 230 -43.91 29.11 15.93
CA LEU C 230 -44.32 29.12 14.53
C LEU C 230 -45.84 29.22 14.42
N LEU C 231 -46.57 28.41 15.20
CA LEU C 231 -48.03 28.42 15.12
C LEU C 231 -48.61 29.73 15.63
N SER C 232 -47.90 30.44 16.50
CA SER C 232 -48.37 31.77 16.90
C SER C 232 -48.34 32.75 15.74
N ALA C 233 -47.55 32.50 14.70
CA ALA C 233 -47.60 33.33 13.51
C ALA C 233 -48.46 32.73 12.41
N VAL C 234 -48.72 31.42 12.45
CA VAL C 234 -49.53 30.80 11.41
C VAL C 234 -51.02 30.91 11.72
N LEU C 235 -51.43 30.74 12.98
CA LEU C 235 -52.84 30.80 13.35
C LEU C 235 -53.23 32.21 13.76
N HIS C 236 -54.53 32.52 13.60
CA HIS C 236 -55.07 33.76 14.13
C HIS C 236 -55.01 33.74 15.65
N LYS C 237 -54.94 34.93 16.26
CA LYS C 237 -54.70 35.03 17.70
C LYS C 237 -55.68 34.18 18.49
N ASN C 238 -56.97 34.23 18.16
CA ASN C 238 -57.95 33.44 18.88
C ASN C 238 -57.71 31.94 18.67
N ASP C 239 -57.50 31.53 17.42
CA ASP C 239 -57.20 30.13 17.15
C ASP C 239 -55.95 29.70 17.90
N PHE C 240 -54.92 30.54 17.93
CA PHE C 240 -53.69 30.15 18.60
C PHE C 240 -53.86 30.05 20.10
N VAL C 241 -54.59 30.99 20.72
CA VAL C 241 -54.76 30.97 22.17
C VAL C 241 -55.44 29.69 22.62
N LYS C 242 -56.48 29.27 21.91
CA LYS C 242 -57.11 27.98 22.21
C LYS C 242 -56.16 26.82 21.94
N PHE C 243 -55.46 26.86 20.81
CA PHE C 243 -54.51 25.79 20.50
C PHE C 243 -53.44 25.69 21.58
N PHE C 244 -52.88 26.83 22.00
CA PHE C 244 -51.79 26.81 22.98
C PHE C 244 -52.26 26.25 24.32
N LYS C 245 -53.50 26.55 24.71
CA LYS C 245 -54.02 26.03 25.97
C LYS C 245 -54.11 24.50 25.91
N ALA C 246 -54.51 23.95 24.77
CA ALA C 246 -54.53 22.50 24.59
C ALA C 246 -53.14 21.92 24.35
N TYR C 247 -52.20 22.76 23.90
CA TYR C 247 -50.86 22.33 23.53
C TYR C 247 -50.01 22.02 24.75
N LEU C 248 -49.94 22.96 25.70
CA LEU C 248 -49.18 22.80 26.94
C LEU C 248 -50.11 23.19 28.09
N PRO C 249 -51.00 22.30 28.49
CA PRO C 249 -52.09 22.69 29.42
C PRO C 249 -51.65 22.90 30.86
N ASN C 250 -50.45 22.47 31.24
CA ASN C 250 -50.02 22.55 32.62
C ASN C 250 -48.88 23.53 32.86
N LEU C 251 -48.70 24.49 31.95
CA LEU C 251 -47.59 25.44 32.10
C LEU C 251 -47.69 26.19 33.43
N GLU C 252 -48.89 26.62 33.81
CA GLU C 252 -49.04 27.36 35.06
C GLU C 252 -48.65 26.53 36.27
N ALA C 253 -48.68 25.21 36.16
CA ALA C 253 -48.15 24.35 37.20
C ALA C 253 -46.68 23.98 36.96
N LYS C 254 -46.00 24.74 36.09
CA LYS C 254 -44.59 24.52 35.76
C LYS C 254 -44.33 23.10 35.28
N GLU C 255 -45.20 22.60 34.41
CA GLU C 255 -45.07 21.29 33.77
C GLU C 255 -45.26 21.42 32.27
N PRO C 256 -44.47 20.69 31.45
CA PRO C 256 -43.41 19.75 31.83
C PRO C 256 -42.24 20.42 32.50
N ALA C 257 -41.75 19.80 33.58
CA ALA C 257 -40.78 20.42 34.47
C ALA C 257 -39.53 20.89 33.73
N THR C 258 -39.11 20.17 32.70
CA THR C 258 -37.85 20.51 32.03
C THR C 258 -37.87 21.91 31.42
N LEU C 259 -39.04 22.39 31.01
CA LEU C 259 -39.12 23.71 30.41
C LEU C 259 -38.89 24.82 31.41
N PHE C 260 -38.94 24.52 32.71
CA PHE C 260 -38.69 25.50 33.74
C PHE C 260 -37.37 25.27 34.45
N THR C 261 -36.48 24.47 33.86
CA THR C 261 -35.14 24.26 34.41
C THR C 261 -34.10 24.60 33.34
N PRO C 262 -33.36 25.70 33.45
CA PRO C 262 -32.29 25.99 32.50
C PRO C 262 -31.35 24.80 32.39
N VAL C 263 -30.89 24.53 31.18
CA VAL C 263 -30.18 23.28 30.94
C VAL C 263 -28.73 23.41 31.37
N SER C 264 -28.12 22.26 31.66
CA SER C 264 -26.72 22.22 32.06
C SER C 264 -25.80 22.15 30.85
N VAL C 265 -24.64 22.78 30.96
CA VAL C 265 -23.66 22.85 29.88
C VAL C 265 -22.35 22.34 30.46
N SER C 266 -22.02 21.07 30.19
CA SER C 266 -20.86 20.45 30.84
C SER C 266 -19.53 20.94 30.29
N ASP C 267 -19.44 21.30 29.00
CA ASP C 267 -18.15 21.65 28.43
C ASP C 267 -18.37 22.59 27.26
N ARG C 268 -18.09 23.87 27.48
CA ARG C 268 -18.25 24.87 26.43
C ARG C 268 -17.17 24.84 25.37
N SER C 269 -16.09 24.06 25.58
CA SER C 269 -15.07 23.89 24.56
C SER C 269 -15.39 22.77 23.58
N ASP C 270 -16.54 22.11 23.74
CA ASP C 270 -17.01 21.13 22.77
C ASP C 270 -18.09 21.76 21.89
N GLY C 271 -17.91 21.63 20.57
CA GLY C 271 -18.79 22.31 19.64
C GLY C 271 -20.26 21.93 19.76
N LYS C 272 -20.54 20.66 20.10
CA LYS C 272 -21.93 20.23 20.19
C LYS C 272 -22.54 20.62 21.54
N ILE C 273 -21.83 20.36 22.63
CA ILE C 273 -22.38 20.70 23.94
C ILE C 273 -22.57 22.21 24.07
N ALA C 274 -21.70 22.99 23.42
CA ALA C 274 -21.85 24.44 23.46
C ALA C 274 -23.22 24.89 22.95
N HIS C 275 -23.88 24.09 22.11
CA HIS C 275 -25.22 24.45 21.64
C HIS C 275 -26.18 24.69 22.79
N LEU C 276 -25.97 24.03 23.93
CA LEU C 276 -26.89 24.13 25.04
C LEU C 276 -26.92 25.53 25.65
N ASP C 277 -25.84 26.31 25.52
CA ASP C 277 -25.91 27.73 25.89
C ASP C 277 -26.94 28.43 25.02
N GLY C 278 -26.94 28.12 23.73
CA GLY C 278 -27.93 28.72 22.84
C GLY C 278 -29.34 28.28 23.17
N LEU C 279 -29.50 27.05 23.68
CA LEU C 279 -30.82 26.57 24.07
C LEU C 279 -31.40 27.43 25.20
N ASN C 280 -30.57 27.77 26.19
CA ASN C 280 -31.08 28.61 27.26
C ASN C 280 -31.48 29.98 26.72
N LEU C 281 -30.73 30.50 25.74
CA LEU C 281 -31.08 31.78 25.11
C LEU C 281 -32.33 31.66 24.25
N SER C 282 -32.41 30.62 23.40
CA SER C 282 -33.56 30.50 22.51
C SER C 282 -34.84 30.14 23.27
N ARG C 283 -34.72 29.34 24.34
CA ARG C 283 -35.87 29.14 25.23
C ARG C 283 -36.38 30.47 25.76
N ALA C 284 -35.46 31.34 26.21
CA ALA C 284 -35.86 32.66 26.71
C ALA C 284 -36.60 33.44 25.64
N TRP C 285 -36.04 33.44 24.42
CA TRP C 285 -36.67 34.08 23.29
C TRP C 285 -38.09 33.54 23.07
N CYS C 286 -38.22 32.21 22.95
CA CYS C 286 -39.53 31.62 22.70
C CYS C 286 -40.51 31.90 23.83
N PHE C 287 -40.06 31.79 25.09
CA PHE C 287 -40.97 32.04 26.21
C PHE C 287 -41.52 33.45 26.17
N LYS C 288 -40.67 34.44 25.87
CA LYS C 288 -41.12 35.82 25.78
C LYS C 288 -42.15 36.00 24.68
N ILE C 289 -41.88 35.43 23.50
CA ILE C 289 -42.83 35.50 22.40
C ILE C 289 -44.17 34.91 22.83
N LEU C 290 -44.12 33.73 23.45
CA LEU C 290 -45.34 33.02 23.83
C LEU C 290 -46.08 33.71 24.98
N SER C 291 -45.36 34.48 25.82
CA SER C 291 -46.00 35.17 26.94
C SER C 291 -47.04 36.18 26.46
N ASN C 292 -46.89 36.71 25.25
CA ASN C 292 -47.83 37.72 24.76
C ASN C 292 -49.22 37.14 24.49
N PHE C 293 -49.39 35.83 24.54
CA PHE C 293 -50.67 35.19 24.28
C PHE C 293 -51.33 34.60 25.53
N CYS C 294 -50.82 34.92 26.71
CA CYS C 294 -51.24 34.27 27.95
C CYS C 294 -51.97 35.24 28.87
N ASP C 295 -52.66 34.66 29.84
CA ASP C 295 -53.27 35.43 30.92
C ASP C 295 -52.19 35.96 31.85
N GLU C 296 -52.55 36.99 32.62
CA GLU C 296 -51.57 37.77 33.37
C GLU C 296 -50.64 36.87 34.19
N ASN C 297 -51.20 35.88 34.89
CA ASN C 297 -50.40 35.01 35.75
C ASN C 297 -49.36 34.22 34.96
N LEU C 298 -49.80 33.52 33.90
CA LEU C 298 -48.86 32.75 33.10
C LEU C 298 -47.91 33.66 32.33
N LYS C 299 -48.40 34.85 31.93
CA LYS C 299 -47.55 35.83 31.27
C LYS C 299 -46.34 36.17 32.14
N ILE C 300 -46.60 36.46 33.42
CA ILE C 300 -45.51 36.79 34.34
C ILE C 300 -44.62 35.58 34.59
N LEU C 301 -45.23 34.39 34.73
CA LEU C 301 -44.46 33.17 34.99
C LEU C 301 -43.47 32.90 33.88
N LEU C 302 -43.93 32.97 32.63
CA LEU C 302 -43.05 32.63 31.51
C LEU C 302 -41.94 33.67 31.35
N ARG C 303 -42.24 34.94 31.61
CA ARG C 303 -41.22 35.99 31.48
C ARG C 303 -40.17 35.86 32.58
N ASN C 304 -40.57 35.47 33.79
CA ASN C 304 -39.59 35.18 34.83
C ASN C 304 -38.74 33.97 34.46
N ASN C 305 -39.38 32.92 33.93
CA ASN C 305 -38.65 31.74 33.48
C ASN C 305 -37.69 32.12 32.36
N ALA C 306 -38.12 32.98 31.44
CA ALA C 306 -37.23 33.42 30.37
C ALA C 306 -36.00 34.13 30.92
N THR C 307 -36.20 35.04 31.88
CA THR C 307 -35.06 35.77 32.43
C THR C 307 -34.09 34.82 33.12
N GLU C 308 -34.61 33.84 33.85
CA GLU C 308 -33.76 32.86 34.50
C GLU C 308 -32.96 32.06 33.46
N HIS C 309 -33.58 31.70 32.33
CA HIS C 309 -32.83 31.02 31.28
C HIS C 309 -31.77 31.94 30.66
N PHE C 310 -32.15 33.17 30.32
CA PHE C 310 -31.21 34.13 29.73
C PHE C 310 -30.00 34.33 30.65
N ASP C 311 -30.25 34.56 31.94
CA ASP C 311 -29.16 34.83 32.89
C ASP C 311 -28.18 33.66 33.01
N LYS C 312 -28.65 32.42 32.78
CA LYS C 312 -27.73 31.28 32.89
C LYS C 312 -26.75 31.18 31.73
N ALA C 313 -27.00 31.88 30.61
CA ALA C 313 -26.10 31.79 29.46
C ALA C 313 -25.41 33.09 29.09
N ILE C 314 -25.97 34.26 29.43
CA ILE C 314 -25.48 35.52 28.83
C ILE C 314 -24.02 35.76 29.15
N ALA C 315 -23.57 35.39 30.34
CA ALA C 315 -22.17 35.67 30.71
C ALA C 315 -21.17 34.82 29.93
N HIS C 316 -21.61 33.82 29.19
CA HIS C 316 -20.68 32.88 28.57
C HIS C 316 -20.52 33.02 27.06
N ILE C 317 -21.14 34.01 26.42
CA ILE C 317 -21.16 34.01 24.97
C ILE C 317 -19.80 34.31 24.36
N GLU C 318 -18.82 34.72 25.14
CA GLU C 318 -17.45 34.95 24.67
C GLU C 318 -16.42 34.00 25.28
N ASP C 319 -16.84 32.91 25.93
CA ASP C 319 -15.89 31.98 26.52
C ASP C 319 -15.01 31.30 25.46
N ASP C 320 -15.55 31.04 24.28
CA ASP C 320 -14.87 30.22 23.27
C ASP C 320 -15.42 30.63 21.92
N TYR C 321 -14.57 30.55 20.88
CA TYR C 321 -15.07 30.86 19.53
C TYR C 321 -16.18 29.90 19.13
N LEU C 322 -16.20 28.70 19.72
CA LEU C 322 -17.28 27.75 19.45
C LEU C 322 -18.63 28.29 19.92
N GLY C 323 -18.65 29.29 20.82
CA GLY C 323 -19.88 29.98 21.16
C GLY C 323 -20.02 31.34 20.50
N SER C 324 -18.94 32.14 20.55
CA SER C 324 -19.02 33.53 20.08
C SER C 324 -19.26 33.63 18.58
N HIS C 325 -19.01 32.57 17.80
CA HIS C 325 -19.31 32.69 16.38
C HIS C 325 -20.82 32.67 16.10
N TRP C 326 -21.68 32.48 17.11
CA TRP C 326 -23.10 32.47 16.81
C TRP C 326 -24.00 32.93 17.96
N LEU C 327 -23.53 32.85 19.22
CA LEU C 327 -24.47 33.02 20.34
C LEU C 327 -25.04 34.44 20.42
N GLY C 328 -24.29 35.47 20.03
CA GLY C 328 -24.80 36.84 20.10
C GLY C 328 -26.12 37.04 19.38
N SER C 329 -26.32 36.33 18.26
CA SER C 329 -27.57 36.49 17.52
C SER C 329 -28.75 36.02 18.34
N PHE C 330 -28.61 34.88 19.05
CA PHE C 330 -29.74 34.42 19.85
C PHE C 330 -29.93 35.27 21.10
N ALA C 331 -28.82 35.80 21.66
CA ALA C 331 -28.92 36.74 22.77
C ALA C 331 -29.74 37.97 22.39
N LEU C 332 -29.47 38.55 21.21
CA LEU C 332 -30.23 39.71 20.77
C LEU C 332 -31.67 39.36 20.49
N LEU C 333 -31.92 38.19 19.91
CA LEU C 333 -33.29 37.74 19.70
C LEU C 333 -34.07 37.76 21.01
N ALA C 334 -33.48 37.19 22.07
CA ALA C 334 -34.17 37.15 23.36
C ALA C 334 -34.36 38.55 23.93
N LEU C 335 -33.34 39.41 23.81
CA LEU C 335 -33.44 40.75 24.37
C LEU C 335 -34.48 41.58 23.66
N ASP C 336 -34.75 41.32 22.38
CA ASP C 336 -35.48 42.26 21.55
C ASP C 336 -36.98 41.98 21.45
N VAL C 337 -37.49 40.94 22.12
CA VAL C 337 -38.91 40.63 21.98
C VAL C 337 -39.73 41.75 22.60
N ASP C 338 -40.72 42.22 21.84
CA ASP C 338 -41.68 43.24 22.29
C ASP C 338 -42.56 42.66 23.39
N ILE C 339 -42.44 43.17 24.61
CA ILE C 339 -43.30 42.73 25.71
C ILE C 339 -44.61 43.50 25.62
N LEU C 340 -45.70 42.81 25.26
CA LEU C 340 -47.00 43.43 25.05
C LEU C 340 -48.01 43.03 26.14
N PRO D 6 -32.29 -17.81 -1.00
CA PRO D 6 -32.94 -16.52 -0.74
C PRO D 6 -31.93 -15.44 -0.41
N MET D 7 -30.96 -15.79 0.44
CA MET D 7 -29.82 -14.91 0.70
C MET D 7 -28.89 -14.81 -0.49
N GLU D 8 -28.89 -15.82 -1.37
CA GLU D 8 -27.99 -15.80 -2.52
C GLU D 8 -28.21 -14.55 -3.38
N LYS D 9 -29.47 -14.25 -3.72
CA LYS D 9 -29.75 -13.05 -4.51
C LYS D 9 -29.26 -11.80 -3.78
N PHE D 10 -29.54 -11.69 -2.49
CA PHE D 10 -29.16 -10.49 -1.74
C PHE D 10 -27.64 -10.36 -1.65
N ILE D 11 -26.96 -11.45 -1.27
CA ILE D 11 -25.51 -11.39 -1.07
C ILE D 11 -24.78 -11.05 -2.35
N LYS D 12 -25.19 -11.64 -3.48
CA LYS D 12 -24.63 -11.24 -4.76
C LYS D 12 -24.88 -9.76 -5.03
N GLN D 13 -26.09 -9.28 -4.71
CA GLN D 13 -26.41 -7.87 -4.94
C GLN D 13 -25.61 -6.95 -4.04
N PHE D 14 -25.58 -7.24 -2.73
CA PHE D 14 -24.87 -6.37 -1.79
C PHE D 14 -23.37 -6.32 -2.10
N SER D 15 -22.80 -7.47 -2.51
CA SER D 15 -21.38 -7.53 -2.89
C SER D 15 -21.07 -6.58 -4.04
N PHE D 16 -21.87 -6.66 -5.10
CA PHE D 16 -21.66 -5.79 -6.26
C PHE D 16 -21.70 -4.33 -5.86
N ILE D 17 -22.70 -3.94 -5.06
CA ILE D 17 -22.89 -2.53 -4.67
C ILE D 17 -21.70 -2.04 -3.84
N ALA D 18 -21.34 -2.79 -2.80
CA ALA D 18 -20.30 -2.33 -1.88
C ALA D 18 -18.93 -2.26 -2.56
N LEU D 19 -18.64 -3.24 -3.44
CA LEU D 19 -17.37 -3.19 -4.17
C LEU D 19 -17.32 -1.96 -5.06
N GLU D 20 -18.46 -1.61 -5.66
CA GLU D 20 -18.55 -0.38 -6.43
C GLU D 20 -18.45 0.85 -5.53
N ASN D 21 -19.06 0.79 -4.34
CA ASN D 21 -19.10 1.95 -3.45
C ASN D 21 -17.72 2.38 -2.99
N ILE D 22 -16.92 1.43 -2.49
CA ILE D 22 -15.70 1.81 -1.77
C ILE D 22 -14.65 2.44 -2.69
N PHE D 23 -14.75 2.24 -4.00
CA PHE D 23 -13.80 2.85 -4.94
C PHE D 23 -14.38 4.02 -5.72
N ARG D 24 -15.68 4.29 -5.60
CA ARG D 24 -16.31 5.39 -6.32
C ARG D 24 -16.05 6.72 -5.59
N GLU D 25 -15.33 7.64 -6.26
CA GLU D 25 -14.95 8.91 -5.62
C GLU D 25 -16.07 9.94 -5.66
N LEU D 26 -16.88 9.95 -6.71
CA LEU D 26 -17.84 11.02 -6.92
C LEU D 26 -19.22 10.44 -7.20
N PRO D 27 -20.29 11.14 -6.78
CA PRO D 27 -20.26 12.38 -5.99
C PRO D 27 -19.85 12.11 -4.55
N ASN D 28 -19.63 13.16 -3.75
CA ASN D 28 -19.09 12.98 -2.41
C ASN D 28 -19.52 14.18 -1.58
N LYS D 29 -19.57 13.99 -0.26
CA LYS D 29 -19.92 15.05 0.68
C LYS D 29 -19.02 14.94 1.90
N ILE D 30 -18.36 16.04 2.24
CA ILE D 30 -17.47 16.07 3.39
C ILE D 30 -18.05 17.00 4.45
N THR D 31 -17.82 16.63 5.70
CA THR D 31 -18.08 17.50 6.84
C THR D 31 -16.73 17.63 7.51
N HIS D 32 -16.07 18.78 7.33
CA HIS D 32 -14.63 18.89 7.53
C HIS D 32 -14.32 20.21 8.20
N SER D 33 -13.73 20.15 9.39
CA SER D 33 -13.29 21.35 10.09
C SER D 33 -11.78 21.46 10.01
N PHE D 34 -11.27 22.69 10.07
CA PHE D 34 -9.86 22.92 9.84
C PHE D 34 -9.47 24.27 10.42
N ASN D 35 -8.20 24.39 10.83
CA ASN D 35 -7.60 25.66 11.25
C ASN D 35 -6.37 25.98 10.41
N ASP D 36 -6.23 25.32 9.27
CA ASP D 36 -5.11 25.56 8.36
C ASP D 36 -5.70 25.55 6.97
N ILE D 37 -5.51 26.64 6.23
CA ILE D 37 -6.14 26.73 4.91
C ILE D 37 -5.58 25.68 3.95
N ASN D 38 -4.39 25.12 4.23
CA ASN D 38 -3.84 24.02 3.45
C ASN D 38 -4.49 22.68 3.76
N ASP D 39 -5.24 22.57 4.84
CA ASP D 39 -5.85 21.30 5.21
C ASP D 39 -7.21 21.12 4.52
N ILE D 40 -7.25 21.39 3.22
CA ILE D 40 -8.45 21.17 2.41
C ILE D 40 -8.00 20.43 1.17
N LYS D 41 -8.21 19.12 1.15
CA LYS D 41 -7.72 18.21 0.13
C LYS D 41 -8.87 17.30 -0.28
N PRO D 42 -8.77 16.69 -1.46
CA PRO D 42 -9.82 15.74 -1.87
C PRO D 42 -9.94 14.60 -0.89
N PRO D 43 -11.13 13.98 -0.79
CA PRO D 43 -11.29 12.84 0.13
C PRO D 43 -10.23 11.76 -0.08
N LYS D 44 -9.85 11.50 -1.34
CA LYS D 44 -8.85 10.47 -1.60
C LYS D 44 -7.54 10.73 -0.85
N LEU D 45 -7.18 12.00 -0.62
CA LEU D 45 -5.99 12.33 0.16
C LEU D 45 -6.27 12.45 1.66
N MET D 46 -7.41 13.00 2.06
CA MET D 46 -7.72 13.11 3.49
C MET D 46 -8.00 11.75 4.11
N TYR D 47 -8.70 10.89 3.37
CA TYR D 47 -9.18 9.60 3.85
C TYR D 47 -8.63 8.53 2.91
N PRO D 48 -7.41 8.06 3.14
CA PRO D 48 -6.79 7.13 2.17
C PRO D 48 -7.55 5.81 2.03
N ILE D 49 -8.32 5.40 3.03
CA ILE D 49 -9.15 4.21 2.93
C ILE D 49 -10.59 4.56 2.58
N PHE D 50 -11.19 5.47 3.34
CA PHE D 50 -12.64 5.66 3.37
C PHE D 50 -13.09 6.88 2.59
N TYR D 51 -12.52 7.05 1.39
CA TYR D 51 -12.77 8.19 0.51
C TYR D 51 -13.99 8.02 -0.38
N GLY D 52 -14.52 6.80 -0.49
CA GLY D 52 -15.58 6.48 -1.42
C GLY D 52 -16.94 6.45 -0.75
N SER D 53 -17.91 5.85 -1.46
CA SER D 53 -19.24 5.57 -0.91
C SER D 53 -19.95 6.83 -0.41
N TYR D 54 -19.70 7.97 -1.09
CA TYR D 54 -20.33 9.28 -0.85
C TYR D 54 -19.81 10.01 0.39
N ASP D 55 -19.62 9.32 1.52
CA ASP D 55 -19.07 9.98 2.70
C ASP D 55 -18.35 8.96 3.58
N TRP D 56 -17.56 9.49 4.53
CA TRP D 56 -16.65 8.67 5.34
C TRP D 56 -17.39 7.53 6.05
N HIS D 57 -18.46 7.86 6.76
CA HIS D 57 -19.15 6.84 7.54
C HIS D 57 -19.83 5.80 6.64
N SER D 58 -20.35 6.20 5.47
CA SER D 58 -20.92 5.18 4.58
C SER D 58 -19.84 4.27 4.02
N SER D 59 -18.66 4.81 3.74
CA SER D 59 -17.57 3.95 3.31
C SER D 59 -17.21 2.94 4.39
N VAL D 60 -17.12 3.41 5.64
CA VAL D 60 -16.80 2.51 6.74
C VAL D 60 -17.76 1.32 6.76
N HIS D 61 -19.06 1.59 6.70
CA HIS D 61 -19.95 0.44 6.83
C HIS D 61 -20.19 -0.28 5.50
N SER D 62 -19.84 0.31 4.36
CA SER D 62 -19.74 -0.50 3.14
C SER D 62 -18.59 -1.51 3.24
N HIS D 63 -17.48 -1.12 3.86
CA HIS D 63 -16.44 -2.10 4.18
C HIS D 63 -16.95 -3.15 5.15
N TRP D 64 -17.71 -2.74 6.18
CA TRP D 64 -18.29 -3.73 7.08
C TRP D 64 -19.16 -4.71 6.30
N LEU D 65 -19.96 -4.19 5.37
CA LEU D 65 -20.81 -5.06 4.56
C LEU D 65 -19.98 -6.12 3.85
N LEU D 66 -18.82 -5.74 3.30
CA LEU D 66 -17.96 -6.70 2.62
C LEU D 66 -17.34 -7.70 3.59
N VAL D 67 -16.91 -7.23 4.77
CA VAL D 67 -16.31 -8.12 5.77
C VAL D 67 -17.34 -9.13 6.28
N LYS D 68 -18.55 -8.66 6.60
CA LYS D 68 -19.61 -9.56 7.06
C LYS D 68 -19.97 -10.59 6.00
N ILE D 69 -20.06 -10.16 4.74
CA ILE D 69 -20.33 -11.09 3.65
C ILE D 69 -19.22 -12.13 3.58
N LEU D 70 -17.97 -11.68 3.70
CA LEU D 70 -16.83 -12.59 3.69
C LEU D 70 -16.89 -13.58 4.84
N LYS D 71 -17.33 -13.13 6.02
CA LYS D 71 -17.31 -14.01 7.20
C LYS D 71 -18.41 -15.06 7.16
N ASP D 72 -19.63 -14.67 6.78
CA ASP D 72 -20.78 -15.52 6.96
C ASP D 72 -21.45 -15.97 5.67
N PHE D 73 -21.11 -15.39 4.53
CA PHE D 73 -21.81 -15.71 3.29
C PHE D 73 -20.87 -15.85 2.12
N SER D 74 -19.64 -16.30 2.38
CA SER D 74 -18.63 -16.31 1.32
C SER D 74 -19.03 -17.22 0.16
N HIS D 75 -19.82 -18.26 0.44
CA HIS D 75 -20.25 -19.17 -0.62
C HIS D 75 -21.10 -18.49 -1.68
N PHE D 76 -21.78 -17.38 -1.35
CA PHE D 76 -22.64 -16.67 -2.29
C PHE D 76 -21.97 -15.47 -2.95
N ALA D 77 -20.69 -15.20 -2.68
CA ALA D 77 -20.09 -13.92 -2.98
C ALA D 77 -18.84 -14.06 -3.82
N PRO D 78 -18.42 -13.00 -4.54
CA PRO D 78 -17.13 -13.05 -5.23
C PRO D 78 -15.98 -12.95 -4.26
N LYS D 79 -15.73 -14.06 -3.54
CA LYS D 79 -14.85 -14.05 -2.37
C LYS D 79 -13.47 -13.51 -2.70
N ASP D 80 -12.91 -13.94 -3.84
CA ASP D 80 -11.56 -13.53 -4.17
C ASP D 80 -11.49 -12.05 -4.52
N GLU D 81 -12.50 -11.55 -5.22
CA GLU D 81 -12.55 -10.12 -5.52
C GLU D 81 -12.68 -9.30 -4.24
N ILE D 82 -13.52 -9.74 -3.31
CA ILE D 82 -13.64 -9.07 -2.02
C ILE D 82 -12.32 -9.16 -1.27
N ILE D 83 -11.71 -10.34 -1.26
CA ILE D 83 -10.44 -10.52 -0.56
C ILE D 83 -9.37 -9.58 -1.11
N LYS D 84 -9.29 -9.48 -2.44
CA LYS D 84 -8.31 -8.58 -3.06
C LYS D 84 -8.58 -7.12 -2.72
N ALA D 85 -9.83 -6.70 -2.80
CA ALA D 85 -10.17 -5.31 -2.53
C ALA D 85 -9.82 -4.93 -1.09
N LEU D 86 -10.23 -5.76 -0.13
CA LEU D 86 -9.96 -5.45 1.27
C LEU D 86 -8.47 -5.47 1.58
N ASP D 87 -7.71 -6.37 0.94
CA ASP D 87 -6.27 -6.40 1.14
C ASP D 87 -5.59 -5.10 0.74
N SER D 88 -5.98 -4.52 -0.38
CA SER D 88 -5.38 -3.26 -0.81
C SER D 88 -5.95 -2.07 -0.02
N GLN D 89 -7.12 -2.21 0.60
CA GLN D 89 -7.65 -1.14 1.43
C GLN D 89 -7.01 -1.10 2.82
N PHE D 90 -6.96 -2.26 3.48
CA PHE D 90 -6.58 -2.34 4.89
C PHE D 90 -5.06 -2.52 5.06
N SER D 91 -4.29 -1.66 4.40
CA SER D 91 -2.84 -1.66 4.52
C SER D 91 -2.38 -0.77 5.66
N LYS D 92 -1.16 -1.03 6.15
CA LYS D 92 -0.63 -0.28 7.29
C LYS D 92 -0.48 1.21 6.98
N GLU D 93 0.02 1.56 5.79
CA GLU D 93 0.25 2.96 5.46
C GLU D 93 -1.06 3.73 5.36
N LYS D 94 -2.06 3.15 4.71
CA LYS D 94 -3.34 3.84 4.57
C LYS D 94 -4.02 4.02 5.93
N ALA D 95 -3.94 3.00 6.79
CA ALA D 95 -4.55 3.14 8.12
C ALA D 95 -3.85 4.22 8.94
N GLU D 96 -2.52 4.30 8.85
CA GLU D 96 -1.81 5.39 9.51
C GLU D 96 -2.25 6.75 8.96
N GLY D 97 -2.56 6.83 7.67
CA GLY D 97 -3.08 8.06 7.11
C GLY D 97 -4.43 8.44 7.69
N GLU D 98 -5.35 7.47 7.80
CA GLU D 98 -6.63 7.76 8.43
C GLU D 98 -6.44 8.22 9.87
N LEU D 99 -5.57 7.54 10.61
CA LEU D 99 -5.29 7.91 12.00
C LEU D 99 -4.70 9.32 12.07
N LYS D 100 -3.86 9.68 11.11
CA LYS D 100 -3.29 11.03 11.08
C LYS D 100 -4.38 12.09 11.00
N TYR D 101 -5.37 11.88 10.14
CA TYR D 101 -6.51 12.79 10.08
C TYR D 101 -7.23 12.84 11.42
N LEU D 102 -7.52 11.67 12.01
CA LEU D 102 -8.31 11.61 13.23
C LEU D 102 -7.59 12.29 14.40
N GLN D 103 -6.27 12.15 14.47
CA GLN D 103 -5.53 12.67 15.61
C GLN D 103 -5.22 14.16 15.50
N ASN D 104 -5.39 14.76 14.34
CA ASN D 104 -5.18 16.18 14.20
C ASN D 104 -6.17 16.93 15.09
N PRO D 105 -5.69 17.75 16.03
CA PRO D 105 -6.62 18.47 16.92
C PRO D 105 -7.62 19.33 16.19
N ALA D 106 -7.29 19.81 14.98
CA ALA D 106 -8.25 20.61 14.22
C ALA D 106 -9.45 19.79 13.75
N HIS D 107 -9.40 18.46 13.86
CA HIS D 107 -10.49 17.59 13.41
C HIS D 107 -11.28 17.01 14.57
N LYS D 108 -11.13 17.59 15.76
CA LYS D 108 -11.81 17.08 16.94
C LYS D 108 -13.32 16.99 16.72
N GLY D 109 -13.90 15.86 17.13
CA GLY D 109 -15.33 15.66 16.99
C GLY D 109 -15.74 15.06 15.68
N PHE D 110 -14.80 14.89 14.75
CA PHE D 110 -15.10 14.32 13.44
C PHE D 110 -15.81 13.00 13.59
N GLU D 111 -16.97 12.89 12.92
CA GLU D 111 -17.73 11.64 12.78
C GLU D 111 -18.33 11.12 14.10
N ARG D 112 -18.41 11.95 15.12
CA ARG D 112 -18.98 11.54 16.40
C ARG D 112 -20.50 11.59 16.32
N PRO D 113 -21.21 10.53 16.74
CA PRO D 113 -20.66 9.24 17.14
C PRO D 113 -20.87 8.15 16.09
N TYR D 114 -21.56 8.49 14.99
CA TYR D 114 -21.99 7.50 14.01
C TYR D 114 -20.80 6.77 13.41
N GLY D 115 -19.80 7.53 12.95
CA GLY D 115 -18.60 6.90 12.40
C GLY D 115 -17.82 6.13 13.44
N TRP D 116 -17.85 6.58 14.70
CA TRP D 116 -17.19 5.88 15.78
C TRP D 116 -17.77 4.47 15.96
N GLY D 117 -19.09 4.39 16.15
CA GLY D 117 -19.72 3.10 16.34
C GLY D 117 -19.56 2.21 15.13
N TRP D 118 -19.75 2.77 13.93
CA TRP D 118 -19.61 1.94 12.74
C TRP D 118 -18.18 1.45 12.57
N PHE D 119 -17.19 2.27 12.92
CA PHE D 119 -15.81 1.77 12.79
C PHE D 119 -15.53 0.65 13.79
N LEU D 120 -16.02 0.78 15.02
CA LEU D 120 -15.82 -0.30 15.98
C LEU D 120 -16.54 -1.55 15.51
N LYS D 121 -17.71 -1.38 14.88
CA LYS D 121 -18.43 -2.51 14.31
C LYS D 121 -17.64 -3.17 13.18
N LEU D 122 -17.05 -2.36 12.30
CA LEU D 122 -16.17 -2.90 11.26
C LEU D 122 -14.98 -3.63 11.87
N THR D 123 -14.34 -3.03 12.87
CA THR D 123 -13.20 -3.67 13.50
C THR D 123 -13.60 -4.98 14.17
N LEU D 124 -14.75 -4.99 14.83
CA LEU D 124 -15.23 -6.22 15.46
C LEU D 124 -15.40 -7.34 14.43
N GLU D 125 -16.06 -7.05 13.30
CA GLU D 125 -16.34 -8.08 12.31
C GLU D 125 -15.06 -8.63 11.70
N ILE D 126 -14.06 -7.76 11.49
CA ILE D 126 -12.77 -8.22 10.99
C ILE D 126 -12.10 -9.14 11.99
N ASN D 127 -12.18 -8.81 13.29
CA ASN D 127 -11.59 -9.68 14.30
C ASN D 127 -12.29 -11.04 14.35
N LEU D 128 -13.62 -11.06 14.20
CA LEU D 128 -14.33 -12.35 14.13
C LEU D 128 -13.96 -13.13 12.88
N LEU D 129 -13.79 -12.44 11.75
CA LEU D 129 -13.36 -13.10 10.53
C LEU D 129 -11.94 -13.65 10.68
N ALA D 130 -11.12 -13.01 11.50
CA ALA D 130 -9.76 -13.49 11.71
C ALA D 130 -9.71 -14.77 12.54
N LYS D 131 -10.79 -15.15 13.22
CA LYS D 131 -10.84 -16.45 13.90
C LYS D 131 -10.91 -17.61 12.92
N GLU D 132 -11.37 -17.36 11.69
CA GLU D 132 -11.53 -18.38 10.67
C GLU D 132 -10.73 -18.15 9.41
N ASN D 133 -10.23 -16.92 9.18
CA ASN D 133 -9.49 -16.57 7.97
C ASN D 133 -8.16 -15.92 8.35
N ASP D 134 -7.10 -16.29 7.63
CA ASP D 134 -5.76 -15.84 8.00
C ASP D 134 -5.57 -14.35 7.70
N LYS D 135 -5.90 -13.92 6.48
CA LYS D 135 -5.57 -12.59 6.01
C LYS D 135 -6.19 -11.49 6.89
N ALA D 136 -7.32 -11.78 7.53
CA ALA D 136 -7.99 -10.77 8.34
C ALA D 136 -7.23 -10.43 9.62
N GLU D 137 -6.29 -11.28 10.05
CA GLU D 137 -5.51 -10.95 11.24
C GLU D 137 -4.54 -9.80 10.96
N ILE D 138 -4.07 -9.69 9.71
CA ILE D 138 -3.31 -8.50 9.31
C ILE D 138 -4.23 -7.29 9.29
N TRP D 139 -5.43 -7.43 8.72
CA TRP D 139 -6.40 -6.35 8.71
C TRP D 139 -6.69 -5.85 10.13
N ALA D 140 -6.89 -6.77 11.07
CA ALA D 140 -7.17 -6.34 12.45
C ALA D 140 -5.98 -5.59 13.03
N LYS D 141 -4.76 -6.07 12.77
CA LYS D 141 -3.58 -5.40 13.31
C LYS D 141 -3.42 -4.01 12.73
N ASN D 142 -3.68 -3.84 11.43
CA ASN D 142 -3.47 -2.54 10.80
C ASN D 142 -4.52 -1.51 11.22
N LEU D 143 -5.74 -1.94 11.55
CA LEU D 143 -6.80 -1.02 11.93
C LEU D 143 -6.92 -0.83 13.43
N GLU D 144 -6.09 -1.52 14.23
CA GLU D 144 -6.22 -1.46 15.68
C GLU D 144 -6.00 -0.04 16.21
N GLY D 145 -5.06 0.70 15.60
CA GLY D 145 -4.79 2.04 16.09
C GLY D 145 -5.99 2.96 15.97
N ILE D 146 -6.70 2.88 14.83
CA ILE D 146 -7.89 3.69 14.65
C ILE D 146 -8.95 3.31 15.66
N ALA D 147 -9.14 2.01 15.88
CA ALA D 147 -10.11 1.55 16.88
C ALA D 147 -9.74 2.05 18.27
N ASP D 148 -8.45 1.96 18.63
CA ASP D 148 -8.01 2.47 19.92
C ASP D 148 -8.33 3.95 20.07
N PHE D 149 -8.20 4.71 18.98
CA PHE D 149 -8.54 6.13 19.02
C PHE D 149 -10.00 6.36 19.35
N PHE D 150 -10.91 5.67 18.64
CA PHE D 150 -12.33 5.90 18.90
C PHE D 150 -12.72 5.42 20.30
N VAL D 151 -12.11 4.33 20.77
CA VAL D 151 -12.36 3.88 22.15
C VAL D 151 -11.98 4.98 23.13
N LYS D 152 -10.79 5.54 22.97
CA LYS D 152 -10.34 6.62 23.84
C LYS D 152 -11.28 7.82 23.76
N GLU D 153 -11.70 8.19 22.55
CA GLU D 153 -12.60 9.34 22.41
C GLU D 153 -13.95 9.10 23.09
N PHE D 154 -14.47 7.86 22.99
CA PHE D 154 -15.70 7.52 23.70
C PHE D 154 -15.52 7.71 25.21
N LYS D 155 -14.44 7.15 25.77
CA LYS D 155 -14.19 7.28 27.20
C LYS D 155 -14.05 8.73 27.61
N GLU D 156 -13.48 9.57 26.73
CA GLU D 156 -13.34 10.98 27.07
C GLU D 156 -14.68 11.71 26.98
N PHE D 157 -15.51 11.37 25.99
CA PHE D 157 -16.69 12.20 25.74
C PHE D 157 -17.91 11.78 26.55
N LEU D 158 -18.17 10.48 26.72
CA LEU D 158 -19.38 10.04 27.41
C LEU D 158 -19.58 10.69 28.78
N PRO D 159 -18.57 10.83 29.65
CA PRO D 159 -18.82 11.49 30.94
C PRO D 159 -19.31 12.91 30.81
N LYS D 160 -19.13 13.55 29.67
CA LYS D 160 -19.59 14.92 29.46
C LYS D 160 -21.04 15.01 29.02
N MET D 161 -21.68 13.87 28.71
CA MET D 161 -23.03 13.87 28.14
C MET D 161 -24.06 13.81 29.26
N ASP D 162 -24.56 14.98 29.67
CA ASP D 162 -25.66 15.01 30.62
C ASP D 162 -26.94 14.49 30.00
N TYR D 163 -27.07 14.59 28.68
CA TYR D 163 -28.29 14.27 27.95
C TYR D 163 -27.98 13.39 26.76
N PRO D 164 -28.88 12.48 26.40
CA PRO D 164 -28.68 11.68 25.21
C PRO D 164 -29.02 12.51 23.98
N ILE D 165 -28.72 11.95 22.83
CA ILE D 165 -29.24 12.45 21.57
C ILE D 165 -30.19 11.38 21.05
N ARG D 166 -31.47 11.73 20.97
CA ARG D 166 -32.53 10.79 20.63
C ARG D 166 -32.89 10.79 19.15
N VAL D 167 -32.59 11.87 18.42
CA VAL D 167 -33.06 12.01 17.05
C VAL D 167 -32.58 10.82 16.20
N GLY D 168 -33.41 10.42 15.23
CA GLY D 168 -33.14 9.24 14.43
C GLY D 168 -32.25 9.42 13.21
N THR D 169 -31.25 10.27 13.34
CA THR D 169 -30.27 10.52 12.30
C THR D 169 -28.92 9.99 12.79
N HIS D 170 -27.84 10.41 12.14
CA HIS D 170 -26.57 9.82 12.48
C HIS D 170 -26.04 10.28 13.83
N PHE D 171 -26.63 11.31 14.43
CA PHE D 171 -26.24 11.69 15.79
C PHE D 171 -26.87 10.81 16.87
N ASN D 172 -27.75 9.89 16.50
CA ASN D 172 -28.42 9.04 17.48
C ASN D 172 -27.43 8.38 18.45
N SER D 173 -27.57 8.65 19.76
CA SER D 173 -26.64 8.05 20.72
C SER D 173 -26.78 6.54 20.77
N SER D 174 -28.01 6.03 20.72
CA SER D 174 -28.23 4.60 20.96
C SER D 174 -27.61 3.73 19.89
N PHE D 175 -27.74 4.12 18.62
CA PHE D 175 -27.17 3.33 17.54
C PHE D 175 -25.67 3.13 17.75
N ALA D 176 -24.94 4.24 17.91
CA ALA D 176 -23.50 4.16 18.05
C ALA D 176 -23.09 3.36 19.28
N LEU D 177 -23.76 3.56 20.41
CA LEU D 177 -23.38 2.85 21.63
C LEU D 177 -23.70 1.36 21.53
N TYR D 178 -24.74 1.00 20.79
CA TYR D 178 -25.06 -0.41 20.58
C TYR D 178 -23.88 -1.15 19.97
N PHE D 179 -23.26 -0.57 18.93
CA PHE D 179 -22.10 -1.21 18.32
C PHE D 179 -20.86 -1.09 19.20
N ALA D 180 -20.64 0.08 19.82
CA ALA D 180 -19.47 0.22 20.69
C ALA D 180 -19.55 -0.77 21.86
N LEU D 181 -20.76 -1.06 22.34
CA LEU D 181 -20.90 -2.02 23.42
C LEU D 181 -20.55 -3.44 22.96
N GLU D 182 -20.99 -3.84 21.76
CA GLU D 182 -20.58 -5.13 21.20
C GLU D 182 -19.05 -5.20 21.11
N TYR D 183 -18.43 -4.15 20.58
CA TYR D 183 -16.98 -4.12 20.49
C TYR D 183 -16.32 -4.22 21.86
N ALA D 184 -16.81 -3.46 22.84
CA ALA D 184 -16.20 -3.46 24.17
C ALA D 184 -16.22 -4.85 24.79
N ARG D 185 -17.34 -5.56 24.67
CA ARG D 185 -17.42 -6.89 25.25
C ARG D 185 -16.52 -7.88 24.53
N PHE D 186 -16.40 -7.77 23.21
CA PHE D 186 -15.48 -8.65 22.50
C PHE D 186 -14.03 -8.38 22.92
N LYS D 187 -13.66 -7.11 23.06
CA LYS D 187 -12.30 -6.77 23.45
C LYS D 187 -12.05 -6.93 24.95
N LYS D 188 -13.08 -7.27 25.73
CA LYS D 188 -12.95 -7.34 27.18
C LYS D 188 -12.44 -6.02 27.75
N ASP D 189 -12.90 -4.91 27.15
CA ASP D 189 -12.59 -3.58 27.66
C ASP D 189 -13.69 -3.20 28.66
N GLN D 190 -13.49 -3.61 29.92
CA GLN D 190 -14.50 -3.38 30.94
C GLN D 190 -14.76 -1.90 31.13
N GLU D 191 -13.72 -1.07 30.96
CA GLU D 191 -13.88 0.36 31.17
C GLU D 191 -14.81 0.98 30.13
N LEU D 192 -14.64 0.62 28.85
CA LEU D 192 -15.58 1.08 27.84
C LEU D 192 -16.98 0.52 28.08
N GLU D 193 -17.08 -0.78 28.40
CA GLU D 193 -18.38 -1.40 28.63
C GLU D 193 -19.13 -0.70 29.75
N TYR D 194 -18.47 -0.48 30.89
CA TYR D 194 -19.10 0.17 32.03
C TYR D 194 -19.54 1.60 31.70
N CYS D 195 -18.68 2.35 31.01
CA CYS D 195 -19.04 3.72 30.63
C CYS D 195 -20.34 3.76 29.83
N ILE D 196 -20.45 2.88 28.83
CA ILE D 196 -21.63 2.86 27.98
C ILE D 196 -22.87 2.49 28.81
N ILE D 197 -22.75 1.44 29.63
CA ILE D 197 -23.89 0.98 30.41
C ILE D 197 -24.37 2.07 31.36
N GLN D 198 -23.44 2.74 32.04
CA GLN D 198 -23.82 3.80 32.96
C GLN D 198 -24.49 4.94 32.23
N SER D 199 -23.94 5.33 31.07
CA SER D 199 -24.54 6.41 30.29
C SER D 199 -25.97 6.07 29.87
N ALA D 200 -26.19 4.88 29.31
CA ALA D 200 -27.54 4.49 28.90
C ALA D 200 -28.52 4.50 30.08
N LYS D 201 -28.13 3.92 31.22
CA LYS D 201 -29.04 3.89 32.36
C LYS D 201 -29.39 5.31 32.82
N LYS D 202 -28.39 6.18 32.93
CA LYS D 202 -28.62 7.57 33.34
C LYS D 202 -29.62 8.28 32.42
N TRP D 203 -29.48 8.09 31.11
CA TRP D 203 -30.33 8.81 30.15
C TRP D 203 -31.73 8.20 30.07
N PHE D 204 -31.87 6.87 30.16
CA PHE D 204 -33.04 6.20 29.63
C PHE D 204 -33.86 5.39 30.63
N LEU D 205 -33.32 5.08 31.81
CA LEU D 205 -34.00 4.12 32.68
C LEU D 205 -35.35 4.64 33.15
N SER D 206 -35.59 5.95 33.14
CA SER D 206 -36.89 6.46 33.58
C SER D 206 -37.88 6.62 32.43
N ASP D 207 -37.54 6.22 31.21
CA ASP D 207 -38.47 6.31 30.09
C ASP D 207 -39.51 5.19 30.15
N LYS D 208 -40.78 5.57 30.08
CA LYS D 208 -41.87 4.61 30.11
C LYS D 208 -43.01 5.19 29.29
N ASN D 209 -43.89 4.30 28.82
CA ASN D 209 -45.08 4.68 28.06
C ASN D 209 -44.74 5.70 26.96
N MET D 210 -43.84 5.29 26.06
CA MET D 210 -43.30 6.19 25.06
C MET D 210 -44.34 6.60 24.02
N GLN D 211 -44.35 7.88 23.68
CA GLN D 211 -45.28 8.42 22.71
C GLN D 211 -44.88 8.11 21.26
N ALA D 212 -43.57 8.17 20.96
CA ALA D 212 -43.02 7.90 19.63
C ALA D 212 -43.60 8.85 18.55
N LEU D 213 -43.28 10.14 18.71
CA LEU D 213 -43.63 11.16 17.71
C LEU D 213 -42.70 11.02 16.50
N GLU D 214 -42.98 10.00 15.70
CA GLU D 214 -42.12 9.53 14.62
C GLU D 214 -42.99 9.24 13.41
N PRO D 215 -42.43 9.32 12.20
CA PRO D 215 -41.05 9.73 11.94
C PRO D 215 -40.93 11.22 11.67
N CYS D 216 -39.71 11.72 11.69
CA CYS D 216 -39.42 13.04 11.16
C CYS D 216 -38.78 12.89 9.80
N GLY D 217 -38.80 13.98 9.03
CA GLY D 217 -38.57 13.94 7.59
C GLY D 217 -37.24 13.39 7.12
N ASP D 218 -36.21 13.36 7.97
CA ASP D 218 -34.89 12.94 7.50
C ASP D 218 -34.31 11.75 8.27
N GLU D 219 -35.14 10.99 8.96
CA GLU D 219 -34.64 9.96 9.86
C GLU D 219 -34.46 8.62 9.14
N PHE D 220 -33.37 7.93 9.46
CA PHE D 220 -33.21 6.54 9.06
C PHE D 220 -33.25 5.60 10.25
N LEU D 221 -33.46 6.13 11.46
CA LEU D 221 -33.58 5.32 12.65
C LEU D 221 -34.82 5.75 13.41
N SER D 222 -35.40 4.79 14.11
CA SER D 222 -36.51 5.04 15.01
C SER D 222 -35.94 5.40 16.38
N PRO D 223 -36.15 6.62 16.88
CA PRO D 223 -35.68 6.94 18.24
C PRO D 223 -36.14 5.92 19.29
N VAL D 224 -37.43 5.55 19.32
CA VAL D 224 -37.90 4.71 20.42
C VAL D 224 -37.38 3.27 20.27
N LEU D 225 -37.36 2.75 19.04
CA LEU D 225 -36.88 1.38 18.83
C LEU D 225 -35.38 1.28 19.03
N MET D 226 -34.62 2.29 18.57
CA MET D 226 -33.16 2.19 18.72
C MET D 226 -32.76 2.25 20.18
N GLU D 227 -33.42 3.10 20.97
CA GLU D 227 -33.20 3.14 22.41
C GLU D 227 -33.54 1.78 23.05
N ALA D 228 -34.64 1.18 22.63
CA ALA D 228 -35.00 -0.14 23.15
C ALA D 228 -33.94 -1.18 22.81
N VAL D 229 -33.43 -1.14 21.58
CA VAL D 229 -32.43 -2.13 21.17
C VAL D 229 -31.15 -1.97 21.98
N LEU D 230 -30.70 -0.72 22.21
CA LEU D 230 -29.53 -0.53 23.08
C LEU D 230 -29.79 -1.12 24.46
N LEU D 231 -30.96 -0.83 25.05
CA LEU D 231 -31.25 -1.29 26.40
C LEU D 231 -31.38 -2.82 26.46
N SER D 232 -31.77 -3.45 25.35
CA SER D 232 -31.79 -4.91 25.29
C SER D 232 -30.40 -5.50 25.43
N ALA D 233 -29.36 -4.74 25.11
CA ALA D 233 -28.00 -5.19 25.34
C ALA D 233 -27.42 -4.66 26.64
N VAL D 234 -27.96 -3.57 27.18
CA VAL D 234 -27.41 -2.96 28.39
C VAL D 234 -27.98 -3.61 29.64
N LEU D 235 -29.28 -3.92 29.65
CA LEU D 235 -29.91 -4.53 30.81
C LEU D 235 -29.86 -6.05 30.72
N HIS D 236 -29.85 -6.69 31.89
CA HIS D 236 -30.03 -8.14 31.95
C HIS D 236 -31.41 -8.50 31.42
N LYS D 237 -31.53 -9.75 30.92
CA LYS D 237 -32.73 -10.15 30.18
C LYS D 237 -34.02 -9.82 30.93
N ASN D 238 -34.14 -10.25 32.19
CA ASN D 238 -35.42 -10.06 32.88
C ASN D 238 -35.67 -8.59 33.20
N ASP D 239 -34.62 -7.85 33.60
CA ASP D 239 -34.79 -6.40 33.73
C ASP D 239 -35.24 -5.78 32.41
N PHE D 240 -34.67 -6.23 31.29
CA PHE D 240 -35.12 -5.66 30.03
C PHE D 240 -36.55 -6.07 29.70
N VAL D 241 -36.91 -7.34 29.94
CA VAL D 241 -38.27 -7.78 29.62
C VAL D 241 -39.29 -6.95 30.39
N LYS D 242 -39.06 -6.72 31.69
CA LYS D 242 -39.93 -5.84 32.47
C LYS D 242 -39.89 -4.41 31.95
N PHE D 243 -38.68 -3.90 31.67
CA PHE D 243 -38.56 -2.54 31.16
C PHE D 243 -39.33 -2.36 29.85
N PHE D 244 -39.14 -3.30 28.92
CA PHE D 244 -39.77 -3.17 27.60
C PHE D 244 -41.29 -3.20 27.72
N LYS D 245 -41.83 -3.97 28.65
CA LYS D 245 -43.29 -4.01 28.81
C LYS D 245 -43.82 -2.66 29.25
N ALA D 246 -43.14 -1.98 30.16
CA ALA D 246 -43.56 -0.65 30.57
C ALA D 246 -43.16 0.43 29.56
N TYR D 247 -42.19 0.12 28.68
CA TYR D 247 -41.69 1.10 27.72
C TYR D 247 -42.70 1.33 26.59
N LEU D 248 -43.20 0.26 25.98
CA LEU D 248 -44.22 0.34 24.94
C LEU D 248 -45.34 -0.62 25.30
N PRO D 249 -46.25 -0.20 26.19
CA PRO D 249 -47.22 -1.16 26.78
C PRO D 249 -48.35 -1.58 25.85
N ASN D 250 -48.55 -0.89 24.74
CA ASN D 250 -49.68 -1.15 23.85
C ASN D 250 -49.25 -1.72 22.50
N LEU D 251 -48.05 -2.31 22.43
CA LEU D 251 -47.55 -2.86 21.17
C LEU D 251 -48.49 -3.94 20.64
N GLU D 252 -48.98 -4.80 21.53
CA GLU D 252 -49.88 -5.86 21.07
C GLU D 252 -51.15 -5.31 20.45
N ALA D 253 -51.54 -4.09 20.80
CA ALA D 253 -52.65 -3.40 20.14
C ALA D 253 -52.18 -2.52 18.97
N LYS D 254 -50.98 -2.78 18.44
CA LYS D 254 -50.42 -2.02 17.33
C LYS D 254 -50.38 -0.52 17.61
N GLU D 255 -50.01 -0.15 18.84
CA GLU D 255 -49.87 1.24 19.25
C GLU D 255 -48.53 1.50 19.91
N PRO D 256 -47.88 2.64 19.63
CA PRO D 256 -48.34 3.72 18.75
C PRO D 256 -48.44 3.28 17.29
N ALA D 257 -49.52 3.71 16.63
CA ALA D 257 -49.82 3.25 15.28
C ALA D 257 -48.66 3.50 14.30
N THR D 258 -47.90 4.59 14.49
CA THR D 258 -46.87 4.92 13.52
C THR D 258 -45.83 3.81 13.38
N LEU D 259 -45.56 3.07 14.46
CA LEU D 259 -44.57 2.00 14.40
C LEU D 259 -45.05 0.81 13.58
N PHE D 260 -46.36 0.71 13.31
CA PHE D 260 -46.89 -0.39 12.53
C PHE D 260 -47.33 0.06 11.14
N THR D 261 -46.85 1.23 10.73
CA THR D 261 -47.15 1.81 9.43
C THR D 261 -45.82 2.11 8.74
N PRO D 262 -45.42 1.33 7.74
CA PRO D 262 -44.20 1.65 7.00
C PRO D 262 -44.27 3.08 6.46
N VAL D 263 -43.15 3.79 6.53
CA VAL D 263 -43.15 5.23 6.25
C VAL D 263 -43.14 5.47 4.75
N SER D 264 -43.67 6.62 4.35
CA SER D 264 -43.75 7.03 2.95
C SER D 264 -42.48 7.77 2.52
N VAL D 265 -42.11 7.58 1.26
CA VAL D 265 -40.89 8.16 0.70
C VAL D 265 -41.27 8.96 -0.54
N SER D 266 -41.37 10.29 -0.38
CA SER D 266 -41.92 11.12 -1.45
C SER D 266 -40.97 11.28 -2.63
N ASP D 267 -39.64 11.25 -2.40
CA ASP D 267 -38.69 11.52 -3.49
C ASP D 267 -37.34 10.92 -3.11
N ARG D 268 -36.99 9.80 -3.75
CA ARG D 268 -35.72 9.13 -3.47
C ARG D 268 -34.51 9.83 -4.09
N SER D 269 -34.72 10.83 -4.91
CA SER D 269 -33.61 11.59 -5.47
C SER D 269 -33.21 12.77 -4.57
N ASP D 270 -33.86 12.92 -3.41
CA ASP D 270 -33.46 13.91 -2.41
C ASP D 270 -32.72 13.17 -1.29
N GLY D 271 -31.51 13.65 -0.98
CA GLY D 271 -30.65 12.93 -0.04
C GLY D 271 -31.24 12.75 1.35
N LYS D 272 -32.00 13.74 1.82
CA LYS D 272 -32.55 13.63 3.17
C LYS D 272 -33.79 12.74 3.18
N ILE D 273 -34.70 12.94 2.22
CA ILE D 273 -35.90 12.12 2.15
C ILE D 273 -35.54 10.66 1.89
N ALA D 274 -34.45 10.41 1.15
CA ALA D 274 -34.00 9.04 0.91
C ALA D 274 -33.71 8.27 2.20
N HIS D 275 -33.39 8.97 3.29
CA HIS D 275 -33.16 8.31 4.56
C HIS D 275 -34.35 7.47 4.99
N LEU D 276 -35.56 7.84 4.55
CA LEU D 276 -36.77 7.15 4.99
C LEU D 276 -36.85 5.72 4.46
N ASP D 277 -36.19 5.42 3.34
CA ASP D 277 -36.06 4.01 2.94
C ASP D 277 -35.28 3.23 3.98
N GLY D 278 -34.18 3.82 4.47
CA GLY D 278 -33.40 3.18 5.51
C GLY D 278 -34.15 3.02 6.81
N LEU D 279 -35.09 3.94 7.08
CA LEU D 279 -35.93 3.83 8.27
C LEU D 279 -36.80 2.57 8.19
N ASN D 280 -37.39 2.31 7.02
CA ASN D 280 -38.19 1.09 6.92
C ASN D 280 -37.32 -0.15 7.14
N LEU D 281 -36.09 -0.12 6.62
CA LEU D 281 -35.17 -1.23 6.84
C LEU D 281 -34.70 -1.31 8.29
N SER D 282 -34.32 -0.17 8.90
CA SER D 282 -33.82 -0.23 10.28
C SER D 282 -34.95 -0.52 11.26
N ARG D 283 -36.17 -0.07 10.97
CA ARG D 283 -37.32 -0.50 11.77
C ARG D 283 -37.44 -2.02 11.76
N ALA D 284 -37.34 -2.64 10.57
CA ALA D 284 -37.41 -4.10 10.49
C ALA D 284 -36.32 -4.75 11.32
N TRP D 285 -35.11 -4.23 11.21
CA TRP D 285 -33.99 -4.74 12.00
C TRP D 285 -34.30 -4.69 13.48
N CYS D 286 -34.71 -3.53 13.99
CA CYS D 286 -34.99 -3.37 15.42
C CYS D 286 -36.14 -4.27 15.87
N PHE D 287 -37.19 -4.38 15.06
CA PHE D 287 -38.32 -5.21 15.46
C PHE D 287 -37.90 -6.67 15.63
N LYS D 288 -37.08 -7.17 14.72
CA LYS D 288 -36.61 -8.55 14.83
C LYS D 288 -35.80 -8.75 16.10
N ILE D 289 -34.89 -7.82 16.42
CA ILE D 289 -34.12 -7.93 17.65
C ILE D 289 -35.05 -7.93 18.85
N LEU D 290 -35.99 -6.98 18.88
CA LEU D 290 -36.88 -6.85 20.03
C LEU D 290 -37.84 -8.04 20.12
N SER D 291 -38.16 -8.67 18.98
CA SER D 291 -39.11 -9.78 19.00
C SER D 291 -38.61 -10.96 19.83
N ASN D 292 -37.29 -11.13 19.93
CA ASN D 292 -36.73 -12.25 20.70
C ASN D 292 -36.89 -12.11 22.20
N PHE D 293 -37.36 -10.95 22.68
CA PHE D 293 -37.60 -10.71 24.09
C PHE D 293 -39.10 -10.71 24.43
N CYS D 294 -39.95 -11.19 23.51
CA CYS D 294 -41.40 -11.08 23.65
C CYS D 294 -42.06 -12.44 23.78
N ASP D 295 -43.30 -12.42 24.27
CA ASP D 295 -44.13 -13.61 24.27
C ASP D 295 -44.55 -13.93 22.84
N GLU D 296 -44.98 -15.19 22.64
CA GLU D 296 -45.20 -15.73 21.28
C GLU D 296 -46.10 -14.82 20.46
N ASN D 297 -47.17 -14.31 21.08
CA ASN D 297 -48.13 -13.47 20.39
C ASN D 297 -47.48 -12.19 19.87
N LEU D 298 -46.82 -11.45 20.77
CA LEU D 298 -46.16 -10.22 20.36
C LEU D 298 -44.96 -10.49 19.46
N LYS D 299 -44.26 -11.60 19.69
CA LYS D 299 -43.12 -11.99 18.85
C LYS D 299 -43.52 -12.11 17.38
N ILE D 300 -44.61 -12.81 17.09
CA ILE D 300 -45.07 -12.98 15.71
C ILE D 300 -45.53 -11.65 15.12
N LEU D 301 -46.23 -10.84 15.92
CA LEU D 301 -46.68 -9.55 15.44
C LEU D 301 -45.50 -8.68 15.01
N LEU D 302 -44.45 -8.61 15.84
CA LEU D 302 -43.32 -7.76 15.49
C LEU D 302 -42.57 -8.29 14.28
N ARG D 303 -42.48 -9.61 14.13
CA ARG D 303 -41.81 -10.19 12.97
C ARG D 303 -42.60 -9.98 11.68
N ASN D 304 -43.94 -10.10 11.74
CA ASN D 304 -44.75 -9.73 10.58
C ASN D 304 -44.61 -8.25 10.27
N ASN D 305 -44.64 -7.40 11.31
CA ASN D 305 -44.48 -5.96 11.11
C ASN D 305 -43.12 -5.64 10.49
N ALA D 306 -42.07 -6.32 10.94
CA ALA D 306 -40.74 -6.13 10.38
C ALA D 306 -40.72 -6.48 8.89
N THR D 307 -41.33 -7.62 8.54
CA THR D 307 -41.35 -8.07 7.16
C THR D 307 -42.11 -7.10 6.26
N GLU D 308 -43.20 -6.51 6.76
CA GLU D 308 -43.89 -5.51 5.96
C GLU D 308 -42.99 -4.29 5.73
N HIS D 309 -42.28 -3.86 6.77
CA HIS D 309 -41.37 -2.73 6.63
C HIS D 309 -40.24 -3.05 5.66
N PHE D 310 -39.60 -4.22 5.83
CA PHE D 310 -38.51 -4.63 4.95
C PHE D 310 -38.97 -4.63 3.49
N ASP D 311 -40.14 -5.23 3.22
CA ASP D 311 -40.65 -5.34 1.86
C ASP D 311 -40.91 -3.97 1.22
N LYS D 312 -41.21 -2.94 2.03
CA LYS D 312 -41.48 -1.62 1.45
C LYS D 312 -40.23 -0.93 0.92
N ALA D 313 -39.04 -1.34 1.34
CA ALA D 313 -37.82 -0.64 0.98
C ALA D 313 -36.87 -1.43 0.10
N ILE D 314 -36.89 -2.76 0.18
CA ILE D 314 -35.82 -3.59 -0.38
C ILE D 314 -35.72 -3.43 -1.90
N ALA D 315 -36.85 -3.21 -2.58
CA ALA D 315 -36.74 -3.10 -4.03
C ALA D 315 -36.13 -1.79 -4.49
N HIS D 316 -35.95 -0.82 -3.60
CA HIS D 316 -35.56 0.52 -4.02
C HIS D 316 -34.11 0.85 -3.69
N ILE D 317 -33.33 -0.12 -3.20
CA ILE D 317 -32.01 0.23 -2.68
C ILE D 317 -31.03 0.59 -3.79
N GLU D 318 -31.38 0.35 -5.05
CA GLU D 318 -30.55 0.72 -6.19
C GLU D 318 -31.21 1.77 -7.07
N ASP D 319 -32.28 2.43 -6.61
CA ASP D 319 -32.90 3.47 -7.43
C ASP D 319 -31.95 4.62 -7.70
N ASP D 320 -31.05 4.92 -6.75
CA ASP D 320 -30.20 6.10 -6.82
C ASP D 320 -28.94 5.84 -6.00
N TYR D 321 -27.84 6.47 -6.40
CA TYR D 321 -26.62 6.39 -5.60
C TYR D 321 -26.83 7.00 -4.21
N LEU D 322 -27.78 7.93 -4.07
CA LEU D 322 -28.11 8.46 -2.76
C LEU D 322 -28.68 7.40 -1.85
N GLY D 323 -29.21 6.31 -2.43
CA GLY D 323 -29.63 5.16 -1.65
C GLY D 323 -28.59 4.05 -1.67
N SER D 324 -28.08 3.73 -2.86
CA SER D 324 -27.18 2.57 -2.97
C SER D 324 -25.85 2.78 -2.27
N HIS D 325 -25.47 4.03 -1.97
CA HIS D 325 -24.22 4.15 -1.23
C HIS D 325 -24.32 3.69 0.23
N TRP D 326 -25.50 3.29 0.73
CA TRP D 326 -25.57 2.89 2.14
C TRP D 326 -26.69 1.89 2.48
N LEU D 327 -27.77 1.85 1.70
CA LEU D 327 -28.94 1.09 2.14
C LEU D 327 -28.66 -0.41 2.25
N GLY D 328 -27.73 -0.92 1.44
CA GLY D 328 -27.44 -2.35 1.49
C GLY D 328 -27.03 -2.82 2.88
N SER D 329 -26.28 -1.98 3.61
CA SER D 329 -25.82 -2.38 4.93
C SER D 329 -26.99 -2.57 5.87
N PHE D 330 -27.97 -1.69 5.81
CA PHE D 330 -29.14 -1.83 6.65
C PHE D 330 -30.02 -2.98 6.18
N ALA D 331 -30.02 -3.27 4.88
CA ALA D 331 -30.74 -4.46 4.40
C ALA D 331 -30.16 -5.74 5.00
N LEU D 332 -28.83 -5.87 4.98
CA LEU D 332 -28.21 -7.06 5.53
C LEU D 332 -28.42 -7.16 7.05
N LEU D 333 -28.33 -6.03 7.75
CA LEU D 333 -28.61 -6.03 9.19
C LEU D 333 -29.98 -6.62 9.46
N ALA D 334 -31.00 -6.17 8.72
CA ALA D 334 -32.35 -6.67 8.91
C ALA D 334 -32.42 -8.17 8.60
N LEU D 335 -31.73 -8.59 7.55
CA LEU D 335 -31.76 -9.99 7.12
C LEU D 335 -31.06 -10.92 8.10
N ASP D 336 -30.07 -10.44 8.85
CA ASP D 336 -29.13 -11.30 9.56
C ASP D 336 -29.49 -11.49 11.03
N VAL D 337 -30.59 -10.93 11.52
CA VAL D 337 -30.93 -11.06 12.93
C VAL D 337 -31.27 -12.51 13.24
N ASP D 338 -30.66 -13.06 14.30
CA ASP D 338 -30.97 -14.40 14.76
C ASP D 338 -32.40 -14.43 15.28
N ILE D 339 -33.29 -15.11 14.57
CA ILE D 339 -34.66 -15.28 15.02
C ILE D 339 -34.69 -16.47 15.99
N LEU D 340 -34.94 -16.19 17.26
CA LEU D 340 -34.85 -17.19 18.31
C LEU D 340 -36.07 -17.15 19.24
N PRO E 6 17.92 -3.68 27.19
CA PRO E 6 17.88 -5.10 27.57
C PRO E 6 18.19 -5.99 26.35
N MET E 7 17.49 -5.70 25.24
CA MET E 7 17.89 -6.32 23.98
C MET E 7 19.23 -5.78 23.46
N GLU E 8 19.74 -4.68 23.99
CA GLU E 8 20.97 -4.12 23.43
C GLU E 8 22.17 -5.03 23.72
N LYS E 9 22.34 -5.46 24.97
CA LYS E 9 23.42 -6.38 25.29
C LYS E 9 23.33 -7.63 24.42
N PHE E 10 22.12 -8.18 24.25
CA PHE E 10 21.95 -9.41 23.49
C PHE E 10 22.30 -9.24 22.02
N ILE E 11 21.82 -8.16 21.37
CA ILE E 11 22.06 -8.01 19.94
C ILE E 11 23.54 -7.85 19.64
N LYS E 12 24.25 -7.08 20.47
CA LYS E 12 25.69 -6.93 20.27
C LYS E 12 26.40 -8.27 20.44
N GLN E 13 26.03 -9.03 21.49
CA GLN E 13 26.61 -10.36 21.69
C GLN E 13 26.31 -11.27 20.49
N PHE E 14 25.04 -11.33 20.06
CA PHE E 14 24.69 -12.23 18.96
C PHE E 14 25.40 -11.83 17.66
N SER E 15 25.50 -10.51 17.41
CA SER E 15 26.19 -10.02 16.22
C SER E 15 27.63 -10.51 16.18
N PHE E 16 28.35 -10.32 17.30
CA PHE E 16 29.74 -10.76 17.41
C PHE E 16 29.88 -12.26 17.19
N ILE E 17 29.02 -13.07 17.84
CA ILE E 17 29.07 -14.52 17.70
C ILE E 17 28.87 -14.93 16.25
N ALA E 18 27.82 -14.40 15.62
CA ALA E 18 27.51 -14.85 14.27
C ALA E 18 28.60 -14.44 13.28
N LEU E 19 29.15 -13.23 13.41
CA LEU E 19 30.23 -12.81 12.52
C LEU E 19 31.46 -13.67 12.69
N GLU E 20 31.76 -14.08 13.94
CA GLU E 20 32.84 -15.01 14.18
C GLU E 20 32.53 -16.39 13.60
N ASN E 21 31.26 -16.79 13.56
CA ASN E 21 30.88 -18.12 13.07
C ASN E 21 31.07 -18.27 11.56
N ILE E 22 30.55 -17.32 10.77
CA ILE E 22 30.36 -17.55 9.34
C ILE E 22 31.67 -17.65 8.57
N PHE E 23 32.77 -17.14 9.09
CA PHE E 23 34.06 -17.22 8.41
C PHE E 23 35.00 -18.25 9.03
N ARG E 24 34.63 -18.87 10.16
CA ARG E 24 35.51 -19.81 10.84
C ARG E 24 35.43 -21.19 10.19
N GLU E 25 36.55 -21.67 9.63
CA GLU E 25 36.53 -22.92 8.88
C GLU E 25 36.54 -24.15 9.77
N LEU E 26 37.28 -24.09 10.88
CA LEU E 26 37.56 -25.24 11.71
C LEU E 26 37.27 -24.94 13.18
N PRO E 27 36.84 -25.94 13.96
CA PRO E 27 36.51 -27.32 13.55
C PRO E 27 35.22 -27.38 12.73
N ASN E 28 34.95 -28.53 12.14
CA ASN E 28 33.85 -28.64 11.19
C ASN E 28 33.37 -30.08 11.15
N LYS E 29 32.12 -30.27 10.73
CA LYS E 29 31.60 -31.62 10.56
C LYS E 29 30.74 -31.66 9.32
N ILE E 30 31.04 -32.58 8.42
CA ILE E 30 30.29 -32.75 7.19
C ILE E 30 29.53 -34.06 7.26
N THR E 31 28.33 -34.07 6.68
CA THR E 31 27.56 -35.27 6.38
C THR E 31 27.39 -35.22 4.88
N HIS E 32 28.15 -36.06 4.18
CA HIS E 32 28.42 -35.84 2.77
C HIS E 32 28.37 -37.19 2.06
N SER E 33 27.47 -37.30 1.08
CA SER E 33 27.38 -38.49 0.27
C SER E 33 27.95 -38.17 -1.12
N PHE E 34 28.46 -39.20 -1.78
CA PHE E 34 29.16 -38.99 -3.05
C PHE E 34 29.21 -40.30 -3.82
N ASN E 35 29.27 -40.18 -5.16
CA ASN E 35 29.48 -41.31 -6.06
C ASN E 35 30.71 -41.10 -6.93
N ASP E 36 31.57 -40.16 -6.52
CA ASP E 36 32.79 -39.79 -7.21
C ASP E 36 33.84 -39.58 -6.14
N ILE E 37 34.97 -40.29 -6.24
CA ILE E 37 35.99 -40.19 -5.21
C ILE E 37 36.64 -38.80 -5.20
N ASN E 38 36.55 -38.03 -6.28
CA ASN E 38 37.06 -36.67 -6.29
C ASN E 38 36.12 -35.67 -5.63
N ASP E 39 34.89 -36.06 -5.34
CA ASP E 39 33.91 -35.15 -4.74
C ASP E 39 34.05 -35.14 -3.23
N ILE E 40 35.31 -35.04 -2.78
CA ILE E 40 35.67 -34.90 -1.37
C ILE E 40 36.65 -33.75 -1.28
N LYS E 41 36.17 -32.58 -0.89
CA LYS E 41 36.90 -31.32 -0.89
C LYS E 41 36.65 -30.61 0.43
N PRO E 42 37.51 -29.66 0.82
CA PRO E 42 37.22 -28.89 2.02
C PRO E 42 35.90 -28.19 1.92
N PRO E 43 35.20 -27.98 3.04
CA PRO E 43 33.91 -27.29 3.00
C PRO E 43 33.97 -25.94 2.32
N LYS E 44 35.06 -25.19 2.45
CA LYS E 44 35.11 -23.88 1.79
C LYS E 44 34.91 -24.01 0.29
N LEU E 45 35.32 -25.14 -0.30
CA LEU E 45 35.08 -25.38 -1.72
C LEU E 45 33.73 -26.02 -2.01
N MET E 46 33.29 -26.97 -1.18
CA MET E 46 32.01 -27.63 -1.46
C MET E 46 30.85 -26.68 -1.22
N TYR E 47 30.94 -25.84 -0.18
CA TYR E 47 29.86 -24.96 0.26
C TYR E 47 30.43 -23.55 0.23
N PRO E 48 30.45 -22.89 -0.93
CA PRO E 48 31.16 -21.60 -1.03
C PRO E 48 30.62 -20.53 -0.11
N ILE E 49 29.35 -20.62 0.31
CA ILE E 49 28.78 -19.68 1.27
C ILE E 49 28.81 -20.23 2.69
N PHE E 50 28.29 -21.44 2.88
CA PHE E 50 27.94 -21.94 4.20
C PHE E 50 28.96 -22.93 4.73
N TYR E 51 30.25 -22.61 4.59
CA TYR E 51 31.31 -23.52 4.99
C TYR E 51 31.68 -23.39 6.45
N GLY E 52 31.23 -22.35 7.14
CA GLY E 52 31.65 -22.06 8.50
C GLY E 52 30.64 -22.56 9.52
N SER E 53 30.83 -22.07 10.75
CA SER E 53 29.86 -22.25 11.82
C SER E 53 29.62 -23.73 12.11
N TYR E 54 30.69 -24.52 11.96
CA TYR E 54 30.76 -25.95 12.29
C TYR E 54 30.07 -26.87 11.28
N ASP E 55 28.88 -26.50 10.79
CA ASP E 55 28.23 -27.33 9.78
C ASP E 55 27.29 -26.47 8.94
N TRP E 56 26.87 -27.04 7.81
CA TRP E 56 26.12 -26.28 6.80
C TRP E 56 24.88 -25.61 7.37
N HIS E 57 24.03 -26.37 8.08
CA HIS E 57 22.77 -25.81 8.56
C HIS E 57 23.00 -24.78 9.65
N SER E 58 24.00 -24.99 10.51
CA SER E 58 24.28 -23.96 11.50
C SER E 58 24.79 -22.69 10.85
N SER E 59 25.58 -22.82 9.77
CA SER E 59 26.00 -21.62 9.05
C SER E 59 24.81 -20.90 8.43
N VAL E 60 23.88 -21.66 7.84
CA VAL E 60 22.71 -21.03 7.24
C VAL E 60 22.00 -20.15 8.27
N HIS E 61 21.76 -20.68 9.49
CA HIS E 61 20.98 -19.87 10.41
C HIS E 61 21.82 -18.87 11.20
N SER E 62 23.15 -19.00 11.24
CA SER E 62 23.98 -17.88 11.69
C SER E 62 23.87 -16.69 10.73
N HIS E 63 23.77 -16.96 9.42
CA HIS E 63 23.47 -15.89 8.47
C HIS E 63 22.08 -15.30 8.73
N TRP E 64 21.09 -16.17 8.99
CA TRP E 64 19.75 -15.69 9.32
C TRP E 64 19.78 -14.76 10.53
N LEU E 65 20.52 -15.14 11.56
CA LEU E 65 20.63 -14.30 12.75
C LEU E 65 21.13 -12.90 12.36
N LEU E 66 22.14 -12.83 11.50
CA LEU E 66 22.65 -11.51 11.08
C LEU E 66 21.62 -10.76 10.25
N VAL E 67 20.90 -11.44 9.36
CA VAL E 67 19.88 -10.76 8.56
C VAL E 67 18.76 -10.25 9.47
N LYS E 68 18.33 -11.07 10.43
CA LYS E 68 17.31 -10.65 11.38
C LYS E 68 17.76 -9.44 12.19
N ILE E 69 19.01 -9.45 12.66
CA ILE E 69 19.54 -8.31 13.40
C ILE E 69 19.51 -7.05 12.54
N LEU E 70 19.91 -7.20 11.28
CA LEU E 70 19.92 -6.09 10.34
C LEU E 70 18.51 -5.53 10.13
N LYS E 71 17.51 -6.41 10.07
CA LYS E 71 16.16 -5.96 9.78
C LYS E 71 15.52 -5.25 10.98
N ASP E 72 15.68 -5.80 12.19
CA ASP E 72 14.90 -5.35 13.34
C ASP E 72 15.72 -4.72 14.45
N PHE E 73 17.04 -4.87 14.45
CA PHE E 73 17.84 -4.43 15.59
C PHE E 73 19.10 -3.70 15.15
N SER E 74 19.05 -3.02 14.00
CA SER E 74 20.27 -2.49 13.41
C SER E 74 20.92 -1.44 14.28
N HIS E 75 20.13 -0.69 15.06
CA HIS E 75 20.65 0.33 15.95
C HIS E 75 21.53 -0.25 17.05
N PHE E 76 21.38 -1.53 17.37
CA PHE E 76 22.15 -2.17 18.44
C PHE E 76 23.37 -2.92 17.93
N ALA E 77 23.62 -2.88 16.64
CA ALA E 77 24.54 -3.79 15.97
C ALA E 77 25.55 -3.02 15.15
N PRO E 78 26.70 -3.65 14.81
CA PRO E 78 27.63 -3.02 13.84
C PRO E 78 27.11 -3.19 12.41
N LYS E 79 26.09 -2.38 12.10
CA LYS E 79 25.25 -2.60 10.92
C LYS E 79 26.06 -2.64 9.63
N ASP E 80 26.97 -1.68 9.44
CA ASP E 80 27.71 -1.60 8.19
C ASP E 80 28.70 -2.74 8.02
N GLU E 81 29.34 -3.18 9.10
CA GLU E 81 30.22 -4.34 9.00
C GLU E 81 29.43 -5.61 8.65
N ILE E 82 28.24 -5.78 9.25
CA ILE E 82 27.44 -6.95 8.92
C ILE E 82 27.08 -6.94 7.43
N ILE E 83 26.67 -5.78 6.93
CA ILE E 83 26.29 -5.67 5.52
C ILE E 83 27.47 -6.03 4.63
N LYS E 84 28.68 -5.55 4.98
CA LYS E 84 29.86 -5.89 4.18
C LYS E 84 30.12 -7.39 4.22
N ALA E 85 30.00 -7.99 5.39
CA ALA E 85 30.20 -9.45 5.50
C ALA E 85 29.18 -10.22 4.65
N LEU E 86 27.90 -9.87 4.78
CA LEU E 86 26.89 -10.57 4.00
C LEU E 86 27.04 -10.28 2.51
N ASP E 87 27.52 -9.08 2.16
CA ASP E 87 27.75 -8.74 0.75
C ASP E 87 28.73 -9.71 0.12
N SER E 88 29.83 -10.00 0.82
CA SER E 88 30.82 -10.91 0.25
C SER E 88 30.38 -12.37 0.33
N GLN E 89 29.46 -12.70 1.24
CA GLN E 89 28.94 -14.06 1.31
C GLN E 89 27.93 -14.32 0.20
N PHE E 90 26.96 -13.43 0.04
CA PHE E 90 25.79 -13.67 -0.82
C PHE E 90 25.99 -13.19 -2.25
N SER E 91 27.09 -13.59 -2.87
CA SER E 91 27.34 -13.21 -4.26
C SER E 91 26.69 -14.22 -5.21
N LYS E 92 26.49 -13.78 -6.44
CA LYS E 92 25.85 -14.65 -7.42
C LYS E 92 26.69 -15.90 -7.68
N GLU E 93 28.00 -15.74 -7.79
CA GLU E 93 28.87 -16.89 -8.06
C GLU E 93 28.91 -17.87 -6.89
N LYS E 94 29.02 -17.38 -5.66
CA LYS E 94 29.05 -18.30 -4.53
C LYS E 94 27.72 -19.02 -4.37
N ALA E 95 26.60 -18.30 -4.58
CA ALA E 95 25.29 -18.95 -4.52
C ALA E 95 25.16 -20.00 -5.62
N GLU E 96 25.67 -19.69 -6.82
CA GLU E 96 25.69 -20.68 -7.88
C GLU E 96 26.47 -21.92 -7.47
N GLY E 97 27.57 -21.74 -6.73
CA GLY E 97 28.33 -22.88 -6.24
C GLY E 97 27.53 -23.75 -5.27
N GLU E 98 26.79 -23.12 -4.35
CA GLU E 98 25.92 -23.88 -3.46
C GLU E 98 24.87 -24.66 -4.25
N LEU E 99 24.24 -23.99 -5.22
CA LEU E 99 23.22 -24.66 -6.03
C LEU E 99 23.81 -25.82 -6.82
N LYS E 100 25.06 -25.66 -7.29
CA LYS E 100 25.73 -26.74 -7.99
C LYS E 100 25.85 -27.97 -7.08
N TYR E 101 26.23 -27.77 -5.82
CA TYR E 101 26.28 -28.89 -4.89
C TYR E 101 24.90 -29.52 -4.72
N LEU E 102 23.89 -28.68 -4.50
CA LEU E 102 22.55 -29.19 -4.20
C LEU E 102 21.95 -29.97 -5.37
N GLN E 103 22.21 -29.53 -6.60
CA GLN E 103 21.57 -30.13 -7.77
C GLN E 103 22.25 -31.42 -8.22
N ASN E 104 23.43 -31.72 -7.71
CA ASN E 104 24.11 -32.96 -8.03
C ASN E 104 23.31 -34.15 -7.51
N PRO E 105 22.89 -35.09 -8.36
CA PRO E 105 22.11 -36.24 -7.88
C PRO E 105 22.84 -37.08 -6.82
N ALA E 106 24.16 -37.05 -6.80
CA ALA E 106 24.90 -37.78 -5.77
C ALA E 106 24.69 -37.18 -4.38
N HIS E 107 24.12 -35.98 -4.30
CA HIS E 107 23.85 -35.30 -3.04
C HIS E 107 22.36 -35.27 -2.70
N LYS E 108 21.57 -36.08 -3.37
CA LYS E 108 20.13 -36.13 -3.07
C LYS E 108 19.92 -36.39 -1.57
N GLY E 109 18.96 -35.70 -0.98
CA GLY E 109 18.64 -35.81 0.43
C GLY E 109 19.45 -34.92 1.36
N PHE E 110 20.46 -34.23 0.84
CA PHE E 110 21.31 -33.39 1.67
C PHE E 110 20.49 -32.37 2.45
N GLU E 111 20.72 -32.33 3.78
CA GLU E 111 20.19 -31.32 4.71
C GLU E 111 18.67 -31.37 4.86
N ARG E 112 18.03 -32.47 4.45
CA ARG E 112 16.59 -32.60 4.56
C ARG E 112 16.19 -32.95 6.00
N PRO E 113 15.27 -32.21 6.63
CA PRO E 113 14.60 -30.98 6.20
C PRO E 113 15.11 -29.75 6.96
N TYR E 114 16.02 -29.98 7.91
CA TYR E 114 16.48 -28.91 8.80
C TYR E 114 17.15 -27.79 8.02
N GLY E 115 18.12 -28.13 7.17
CA GLY E 115 18.76 -27.13 6.34
C GLY E 115 17.80 -26.51 5.34
N TRP E 116 16.85 -27.31 4.83
CA TRP E 116 15.85 -26.76 3.92
C TRP E 116 15.02 -25.69 4.60
N GLY E 117 14.44 -26.01 5.78
CA GLY E 117 13.61 -25.04 6.46
C GLY E 117 14.39 -23.79 6.88
N TRP E 118 15.60 -23.98 7.40
CA TRP E 118 16.38 -22.82 7.80
C TRP E 118 16.77 -21.99 6.58
N PHE E 119 17.01 -22.61 5.43
CA PHE E 119 17.34 -21.77 4.28
C PHE E 119 16.13 -20.96 3.83
N LEU E 120 14.94 -21.55 3.81
CA LEU E 120 13.76 -20.75 3.45
C LEU E 120 13.52 -19.65 4.48
N LYS E 121 13.79 -19.92 5.75
CA LYS E 121 13.68 -18.88 6.77
C LYS E 121 14.68 -17.75 6.49
N LEU E 122 15.92 -18.10 6.13
CA LEU E 122 16.90 -17.09 5.74
C LEU E 122 16.41 -16.29 4.56
N THR E 123 15.91 -16.97 3.52
CA THR E 123 15.44 -16.29 2.31
C THR E 123 14.27 -15.39 2.62
N LEU E 124 13.33 -15.87 3.43
CA LEU E 124 12.22 -15.03 3.87
C LEU E 124 12.72 -13.77 4.57
N GLU E 125 13.64 -13.93 5.52
CA GLU E 125 14.11 -12.79 6.28
C GLU E 125 14.83 -11.78 5.37
N ILE E 126 15.58 -12.27 4.39
CA ILE E 126 16.26 -11.39 3.43
C ILE E 126 15.25 -10.61 2.60
N ASN E 127 14.20 -11.29 2.12
CA ASN E 127 13.21 -10.61 1.29
C ASN E 127 12.48 -9.54 2.09
N LEU E 128 12.23 -9.81 3.38
CA LEU E 128 11.58 -8.81 4.24
C LEU E 128 12.50 -7.61 4.46
N LEU E 129 13.79 -7.85 4.67
CA LEU E 129 14.74 -6.76 4.81
C LEU E 129 14.84 -5.95 3.52
N ALA E 130 14.58 -6.58 2.36
CA ALA E 130 14.66 -5.86 1.09
C ALA E 130 13.57 -4.79 0.95
N LYS E 131 12.53 -4.83 1.78
CA LYS E 131 11.55 -3.75 1.76
C LYS E 131 12.13 -2.45 2.29
N GLU E 132 13.19 -2.50 3.09
CA GLU E 132 13.78 -1.31 3.66
C GLU E 132 15.26 -1.11 3.35
N ASN E 133 15.96 -2.16 2.91
CA ASN E 133 17.40 -2.10 2.66
C ASN E 133 17.67 -2.64 1.25
N ASP E 134 18.27 -1.80 0.40
CA ASP E 134 18.51 -2.11 -1.01
C ASP E 134 19.51 -3.24 -1.19
N LYS E 135 20.51 -3.36 -0.32
CA LYS E 135 21.49 -4.42 -0.51
C LYS E 135 20.84 -5.80 -0.35
N ALA E 136 19.80 -5.91 0.46
CA ALA E 136 19.14 -7.22 0.60
C ALA E 136 18.36 -7.58 -0.65
N GLU E 137 17.92 -6.60 -1.43
CA GLU E 137 17.28 -6.87 -2.71
C GLU E 137 18.20 -7.68 -3.62
N ILE E 138 19.50 -7.35 -3.58
CA ILE E 138 20.51 -8.06 -4.36
C ILE E 138 20.72 -9.49 -3.82
N TRP E 139 20.87 -9.62 -2.49
CA TRP E 139 21.03 -10.94 -1.88
C TRP E 139 19.84 -11.84 -2.21
N ALA E 140 18.63 -11.28 -2.17
CA ALA E 140 17.44 -12.07 -2.44
C ALA E 140 17.47 -12.62 -3.87
N LYS E 141 17.92 -11.80 -4.81
CA LYS E 141 18.04 -12.28 -6.19
C LYS E 141 19.09 -13.38 -6.32
N ASN E 142 20.24 -13.21 -5.66
CA ASN E 142 21.34 -14.17 -5.83
C ASN E 142 21.03 -15.52 -5.19
N LEU E 143 20.20 -15.55 -4.14
CA LEU E 143 19.85 -16.78 -3.43
C LEU E 143 18.57 -17.43 -3.93
N GLU E 144 17.93 -16.82 -4.92
CA GLU E 144 16.63 -17.25 -5.39
C GLU E 144 16.67 -18.68 -5.93
N GLY E 145 17.73 -19.04 -6.66
CA GLY E 145 17.82 -20.38 -7.22
C GLY E 145 17.89 -21.45 -6.14
N ILE E 146 18.63 -21.17 -5.06
CA ILE E 146 18.72 -22.13 -3.96
C ILE E 146 17.36 -22.28 -3.28
N ALA E 147 16.65 -21.17 -3.06
CA ALA E 147 15.34 -21.27 -2.44
C ALA E 147 14.38 -22.04 -3.32
N ASP E 148 14.36 -21.74 -4.63
CA ASP E 148 13.49 -22.47 -5.54
C ASP E 148 13.80 -23.97 -5.54
N PHE E 149 15.08 -24.33 -5.38
CA PHE E 149 15.45 -25.74 -5.29
C PHE E 149 14.77 -26.42 -4.10
N PHE E 150 14.89 -25.82 -2.91
CA PHE E 150 14.32 -26.46 -1.72
C PHE E 150 12.80 -26.53 -1.79
N VAL E 151 12.16 -25.48 -2.35
CA VAL E 151 10.71 -25.50 -2.55
C VAL E 151 10.31 -26.72 -3.39
N LYS E 152 11.02 -26.93 -4.50
CA LYS E 152 10.76 -28.08 -5.35
C LYS E 152 11.00 -29.39 -4.63
N GLU E 153 12.07 -29.48 -3.84
CA GLU E 153 12.34 -30.73 -3.12
C GLU E 153 11.26 -31.04 -2.10
N PHE E 154 10.75 -30.01 -1.41
CA PHE E 154 9.63 -30.18 -0.48
C PHE E 154 8.39 -30.72 -1.19
N LYS E 155 8.01 -30.08 -2.30
CA LYS E 155 6.82 -30.53 -3.03
C LYS E 155 6.99 -31.95 -3.55
N GLU E 156 8.22 -32.33 -3.89
CA GLU E 156 8.46 -33.69 -4.35
C GLU E 156 8.43 -34.69 -3.19
N PHE E 157 8.99 -34.32 -2.03
CA PHE E 157 9.16 -35.32 -0.98
C PHE E 157 7.95 -35.48 -0.05
N LEU E 158 7.30 -34.38 0.34
CA LEU E 158 6.18 -34.46 1.27
C LEU E 158 5.11 -35.49 0.89
N PRO E 159 4.67 -35.60 -0.38
CA PRO E 159 3.67 -36.64 -0.71
C PRO E 159 4.12 -38.06 -0.43
N LYS E 160 5.42 -38.30 -0.29
CA LYS E 160 5.93 -39.63 0.03
C LYS E 160 5.93 -39.91 1.53
N MET E 161 5.64 -38.92 2.38
CA MET E 161 5.78 -39.09 3.82
C MET E 161 4.47 -39.59 4.39
N ASP E 162 4.37 -40.92 4.52
CA ASP E 162 3.23 -41.50 5.20
C ASP E 162 3.26 -41.19 6.69
N TYR E 163 4.44 -40.97 7.23
CA TYR E 163 4.61 -40.75 8.66
C TYR E 163 5.44 -39.51 8.92
N PRO E 164 5.15 -38.78 9.98
CA PRO E 164 6.00 -37.65 10.34
C PRO E 164 7.28 -38.13 10.99
N ILE E 165 8.18 -37.20 11.24
CA ILE E 165 9.32 -37.44 12.11
C ILE E 165 9.16 -36.52 13.32
N ARG E 166 8.96 -37.15 14.48
CA ARG E 166 8.62 -36.46 15.72
C ARG E 166 9.84 -36.12 16.56
N VAL E 167 10.97 -36.82 16.36
CA VAL E 167 12.11 -36.67 17.25
C VAL E 167 12.59 -35.21 17.31
N GLY E 168 13.07 -34.79 18.47
CA GLY E 168 13.45 -33.42 18.72
C GLY E 168 14.87 -33.04 18.30
N THR E 169 15.33 -33.59 17.18
CA THR E 169 16.63 -33.27 16.60
C THR E 169 16.39 -32.56 15.28
N HIS E 170 17.42 -32.48 14.46
CA HIS E 170 17.24 -31.72 13.23
C HIS E 170 16.35 -32.43 12.22
N PHE E 171 16.06 -33.74 12.40
CA PHE E 171 15.11 -34.39 11.50
C PHE E 171 13.65 -34.06 11.80
N ASN E 172 13.36 -33.33 12.88
CA ASN E 172 11.98 -32.96 13.25
C ASN E 172 11.21 -32.36 12.07
N SER E 173 10.09 -32.99 11.70
CA SER E 173 9.29 -32.49 10.59
C SER E 173 8.68 -31.13 10.91
N SER E 174 8.20 -30.95 12.15
CA SER E 174 7.43 -29.76 12.50
C SER E 174 8.29 -28.49 12.42
N PHE E 175 9.53 -28.54 12.90
CA PHE E 175 10.40 -27.36 12.86
C PHE E 175 10.57 -26.87 11.42
N ALA E 176 11.02 -27.75 10.54
CA ALA E 176 11.32 -27.34 9.17
C ALA E 176 10.08 -26.82 8.47
N LEU E 177 8.94 -27.52 8.62
CA LEU E 177 7.72 -27.12 7.94
C LEU E 177 7.14 -25.82 8.49
N TYR E 178 7.36 -25.54 9.78
CA TYR E 178 6.93 -24.27 10.35
C TYR E 178 7.56 -23.10 9.58
N PHE E 179 8.87 -23.17 9.35
CA PHE E 179 9.57 -22.12 8.58
C PHE E 179 9.18 -22.19 7.11
N ALA E 180 9.08 -23.40 6.54
CA ALA E 180 8.71 -23.53 5.13
C ALA E 180 7.32 -22.99 4.88
N LEU E 181 6.43 -23.09 5.87
CA LEU E 181 5.09 -22.55 5.70
C LEU E 181 5.09 -21.02 5.68
N GLU E 182 5.90 -20.40 6.55
CA GLU E 182 6.07 -18.95 6.51
C GLU E 182 6.57 -18.47 5.15
N TYR E 183 7.59 -19.14 4.61
CA TYR E 183 8.11 -18.76 3.30
C TYR E 183 7.03 -18.92 2.24
N ALA E 184 6.29 -20.03 2.28
CA ALA E 184 5.26 -20.28 1.28
C ALA E 184 4.20 -19.20 1.30
N ARG E 185 3.78 -18.77 2.49
CA ARG E 185 2.72 -17.77 2.57
C ARG E 185 3.24 -16.42 2.08
N PHE E 186 4.48 -16.07 2.40
CA PHE E 186 5.03 -14.82 1.90
C PHE E 186 5.14 -14.83 0.39
N LYS E 187 5.60 -15.93 -0.18
CA LYS E 187 5.78 -16.03 -1.63
C LYS E 187 4.49 -16.35 -2.37
N LYS E 188 3.38 -16.52 -1.66
CA LYS E 188 2.10 -16.91 -2.27
C LYS E 188 2.25 -18.20 -3.07
N ASP E 189 3.04 -19.13 -2.55
CA ASP E 189 3.17 -20.43 -3.19
C ASP E 189 2.08 -21.33 -2.62
N GLN E 190 0.89 -21.26 -3.22
CA GLN E 190 -0.27 -21.99 -2.70
C GLN E 190 -0.05 -23.49 -2.72
N GLU E 191 0.67 -23.99 -3.72
CA GLU E 191 0.92 -25.43 -3.80
C GLU E 191 1.81 -25.87 -2.64
N LEU E 192 2.86 -25.12 -2.34
CA LEU E 192 3.68 -25.44 -1.17
C LEU E 192 2.87 -25.30 0.11
N GLU E 193 2.10 -24.23 0.24
CA GLU E 193 1.30 -24.02 1.44
C GLU E 193 0.33 -25.19 1.65
N TYR E 194 -0.37 -25.59 0.57
CA TYR E 194 -1.32 -26.70 0.65
C TYR E 194 -0.65 -28.02 0.99
N CYS E 195 0.51 -28.30 0.38
CA CYS E 195 1.22 -29.54 0.67
C CYS E 195 1.55 -29.64 2.15
N ILE E 196 2.05 -28.55 2.73
CA ILE E 196 2.43 -28.55 4.14
C ILE E 196 1.20 -28.70 5.02
N ILE E 197 0.15 -27.94 4.73
CA ILE E 197 -1.05 -27.99 5.58
C ILE E 197 -1.65 -29.39 5.57
N GLN E 198 -1.75 -30.02 4.39
CA GLN E 198 -2.29 -31.38 4.28
C GLN E 198 -1.41 -32.38 5.03
N SER E 199 -0.10 -32.25 4.91
CA SER E 199 0.81 -33.16 5.60
C SER E 199 0.63 -33.09 7.11
N ALA E 200 0.66 -31.88 7.67
CA ALA E 200 0.51 -31.70 9.12
C ALA E 200 -0.82 -32.26 9.61
N LYS E 201 -1.91 -31.99 8.88
CA LYS E 201 -3.20 -32.54 9.27
C LYS E 201 -3.19 -34.07 9.24
N LYS E 202 -2.64 -34.64 8.16
CA LYS E 202 -2.58 -36.09 8.05
C LYS E 202 -1.81 -36.71 9.21
N TRP E 203 -0.68 -36.16 9.58
CA TRP E 203 0.15 -36.78 10.62
C TRP E 203 -0.41 -36.56 12.03
N PHE E 204 -1.02 -35.39 12.28
CA PHE E 204 -1.13 -34.90 13.64
C PHE E 204 -2.55 -34.64 14.14
N LEU E 205 -3.57 -34.61 13.27
CA LEU E 205 -4.89 -34.14 13.70
C LEU E 205 -5.56 -35.06 14.72
N SER E 206 -5.17 -36.32 14.80
CA SER E 206 -5.77 -37.18 15.81
C SER E 206 -4.93 -37.27 17.08
N ASP E 207 -3.87 -36.47 17.22
CA ASP E 207 -3.09 -36.50 18.46
C ASP E 207 -3.86 -35.81 19.60
N LYS E 208 -3.97 -36.51 20.73
CA LYS E 208 -4.64 -35.97 21.90
C LYS E 208 -3.96 -36.51 23.14
N ASN E 209 -4.09 -35.76 24.23
CA ASN E 209 -3.59 -36.12 25.56
C ASN E 209 -2.15 -36.65 25.49
N MET E 210 -1.26 -35.78 25.01
CA MET E 210 0.11 -36.21 24.70
C MET E 210 0.86 -36.59 25.96
N GLN E 211 1.64 -37.68 25.85
CA GLN E 211 2.44 -38.19 26.95
C GLN E 211 3.71 -37.36 27.17
N ALA E 212 4.36 -36.95 26.10
CA ALA E 212 5.58 -36.14 26.18
C ALA E 212 6.66 -36.86 27.00
N LEU E 213 7.11 -37.99 26.46
CA LEU E 213 8.24 -38.72 27.05
C LEU E 213 9.50 -37.94 26.69
N GLU E 214 9.70 -36.84 27.40
CA GLU E 214 10.73 -35.88 27.05
C GLU E 214 11.47 -35.45 28.32
N PRO E 215 12.74 -35.04 28.20
CA PRO E 215 13.48 -35.02 26.93
C PRO E 215 14.28 -36.29 26.68
N CYS E 216 14.76 -36.45 25.45
CA CYS E 216 15.79 -37.43 25.16
C CYS E 216 17.15 -36.74 25.08
N GLY E 217 18.21 -37.53 25.23
CA GLY E 217 19.55 -37.03 25.56
C GLY E 217 20.19 -36.07 24.57
N ASP E 218 19.75 -36.05 23.31
CA ASP E 218 20.41 -35.23 22.30
C ASP E 218 19.46 -34.25 21.61
N GLU E 219 18.33 -33.94 22.23
CA GLU E 219 17.32 -33.12 21.58
C GLU E 219 17.52 -31.63 21.87
N PHE E 220 17.33 -30.81 20.85
CA PHE E 220 17.25 -29.38 21.05
C PHE E 220 15.85 -28.83 20.80
N LEU E 221 14.89 -29.71 20.51
CA LEU E 221 13.50 -29.36 20.27
C LEU E 221 12.59 -30.26 21.11
N SER E 222 11.43 -29.72 21.51
CA SER E 222 10.41 -30.54 22.17
C SER E 222 9.49 -31.13 21.12
N PRO E 223 9.41 -32.46 20.99
CA PRO E 223 8.45 -33.04 20.03
C PRO E 223 7.03 -32.51 20.18
N VAL E 224 6.45 -32.53 21.39
CA VAL E 224 5.06 -32.12 21.51
C VAL E 224 4.92 -30.61 21.35
N LEU E 225 5.87 -29.82 21.84
CA LEU E 225 5.73 -28.38 21.70
C LEU E 225 5.94 -27.94 20.24
N MET E 226 6.91 -28.55 19.54
CA MET E 226 7.15 -28.12 18.16
C MET E 226 5.98 -28.48 17.26
N GLU E 227 5.39 -29.68 17.46
CA GLU E 227 4.17 -30.06 16.73
C GLU E 227 3.03 -29.09 17.02
N ALA E 228 2.85 -28.72 18.28
CA ALA E 228 1.80 -27.75 18.63
C ALA E 228 2.05 -26.41 17.94
N VAL E 229 3.31 -25.98 17.87
CA VAL E 229 3.61 -24.69 17.24
C VAL E 229 3.29 -24.72 15.75
N LEU E 230 3.69 -25.80 15.06
CA LEU E 230 3.35 -25.95 13.65
C LEU E 230 1.83 -25.88 13.45
N LEU E 231 1.08 -26.63 14.26
CA LEU E 231 -0.36 -26.66 14.10
C LEU E 231 -0.99 -25.31 14.42
N SER E 232 -0.36 -24.50 15.28
CA SER E 232 -0.87 -23.16 15.54
C SER E 232 -0.84 -22.29 14.28
N ALA E 233 0.00 -22.64 13.31
CA ALA E 233 0.02 -21.95 12.02
C ALA E 233 -0.76 -22.70 10.94
N VAL E 234 -0.98 -24.00 11.10
CA VAL E 234 -1.68 -24.78 10.08
C VAL E 234 -3.19 -24.67 10.24
N LEU E 235 -3.66 -24.71 11.49
CA LEU E 235 -5.09 -24.63 11.75
C LEU E 235 -5.48 -23.18 11.94
N HIS E 236 -6.76 -22.89 11.65
CA HIS E 236 -7.32 -21.60 12.00
C HIS E 236 -7.33 -21.43 13.51
N LYS E 237 -7.33 -20.16 13.95
CA LYS E 237 -7.17 -19.85 15.38
C LYS E 237 -8.18 -20.62 16.23
N ASN E 238 -9.46 -20.58 15.86
CA ASN E 238 -10.49 -21.20 16.69
C ASN E 238 -10.31 -22.72 16.75
N ASP E 239 -10.01 -23.35 15.61
CA ASP E 239 -9.78 -24.78 15.59
C ASP E 239 -8.54 -25.15 16.39
N PHE E 240 -7.50 -24.33 16.32
CA PHE E 240 -6.29 -24.67 17.07
C PHE E 240 -6.54 -24.57 18.58
N VAL E 241 -7.27 -23.54 19.03
CA VAL E 241 -7.50 -23.36 20.46
C VAL E 241 -8.23 -24.59 21.03
N LYS E 242 -9.25 -25.07 20.32
CA LYS E 242 -9.93 -26.30 20.74
C LYS E 242 -8.99 -27.50 20.68
N PHE E 243 -8.25 -27.63 19.57
CA PHE E 243 -7.29 -28.74 19.43
C PHE E 243 -6.25 -28.70 20.55
N PHE E 244 -5.71 -27.52 20.85
CA PHE E 244 -4.65 -27.43 21.85
C PHE E 244 -5.15 -27.83 23.24
N LYS E 245 -6.41 -27.51 23.55
CA LYS E 245 -6.98 -27.92 24.83
C LYS E 245 -7.06 -29.45 24.95
N ALA E 246 -7.38 -30.15 23.85
CA ALA E 246 -7.38 -31.61 23.87
C ALA E 246 -5.99 -32.23 23.74
N TYR E 247 -5.02 -31.47 23.24
CA TYR E 247 -3.66 -31.94 23.00
C TYR E 247 -2.85 -32.08 24.29
N LEU E 248 -2.85 -31.02 25.11
CA LEU E 248 -2.17 -31.02 26.42
C LEU E 248 -3.17 -30.52 27.46
N PRO E 249 -4.08 -31.38 27.92
CA PRO E 249 -5.22 -30.90 28.72
C PRO E 249 -4.91 -30.54 30.17
N ASN E 250 -3.73 -30.89 30.70
CA ASN E 250 -3.42 -30.67 32.10
C ASN E 250 -2.36 -29.59 32.29
N LEU E 251 -2.16 -28.71 31.31
CA LEU E 251 -1.11 -27.70 31.38
C LEU E 251 -1.30 -26.77 32.58
N GLU E 252 -2.53 -26.34 32.83
CA GLU E 252 -2.78 -25.43 33.95
C GLU E 252 -2.42 -26.07 35.29
N ALA E 253 -2.35 -27.40 35.35
CA ALA E 253 -1.87 -28.12 36.52
C ALA E 253 -0.38 -28.47 36.45
N LYS E 254 0.39 -27.77 35.60
CA LYS E 254 1.82 -28.04 35.41
C LYS E 254 2.08 -29.50 35.05
N GLU E 255 1.21 -30.09 34.24
CA GLU E 255 1.39 -31.47 33.81
C GLU E 255 1.23 -31.60 32.31
N PRO E 256 2.05 -32.44 31.64
CA PRO E 256 3.12 -33.29 32.21
C PRO E 256 4.26 -32.48 32.83
N ALA E 257 4.71 -32.91 34.01
CA ALA E 257 5.66 -32.15 34.81
C ALA E 257 6.95 -31.82 34.06
N THR E 258 7.38 -32.69 33.15
CA THR E 258 8.68 -32.49 32.48
C THR E 258 8.72 -31.18 31.70
N LEU E 259 7.58 -30.73 31.17
CA LEU E 259 7.56 -29.49 30.41
C LEU E 259 7.73 -28.27 31.30
N PHE E 260 7.55 -28.43 32.61
CA PHE E 260 7.72 -27.34 33.57
C PHE E 260 8.99 -27.51 34.38
N THR E 261 9.92 -28.34 33.90
CA THR E 261 11.22 -28.56 34.53
C THR E 261 12.32 -28.34 33.49
N PRO E 262 13.04 -27.22 33.55
CA PRO E 262 14.15 -27.01 32.61
C PRO E 262 15.11 -28.18 32.66
N VAL E 263 15.63 -28.56 31.50
CA VAL E 263 16.37 -29.81 31.39
C VAL E 263 17.80 -29.62 31.88
N SER E 264 18.40 -30.73 32.36
CA SER E 264 19.76 -30.74 32.87
C SER E 264 20.72 -30.99 31.72
N VAL E 265 21.91 -30.39 31.84
CA VAL E 265 22.97 -30.47 30.81
C VAL E 265 24.24 -30.95 31.51
N SER E 266 24.55 -32.25 31.38
CA SER E 266 25.64 -32.85 32.15
C SER E 266 27.03 -32.48 31.63
N ASP E 267 27.20 -32.23 30.33
CA ASP E 267 28.54 -31.95 29.80
C ASP E 267 28.41 -31.13 28.53
N ARG E 268 28.69 -29.83 28.62
CA ARG E 268 28.63 -28.93 27.48
C ARG E 268 29.80 -29.07 26.52
N SER E 269 30.80 -29.87 26.86
CA SER E 269 31.87 -30.14 25.90
C SER E 269 31.59 -31.35 25.03
N ASP E 270 30.43 -32.00 25.20
CA ASP E 270 30.00 -33.07 24.30
C ASP E 270 28.97 -32.51 23.32
N GLY E 271 29.23 -32.73 22.03
CA GLY E 271 28.40 -32.10 21.01
C GLY E 271 26.94 -32.47 21.11
N LYS E 272 26.64 -33.71 21.53
CA LYS E 272 25.24 -34.12 21.58
C LYS E 272 24.55 -33.60 22.83
N ILE E 273 25.18 -33.78 24.00
CA ILE E 273 24.57 -33.31 25.23
C ILE E 273 24.41 -31.80 25.18
N ALA E 274 25.32 -31.11 24.48
CA ALA E 274 25.21 -29.66 24.34
C ALA E 274 23.88 -29.25 23.73
N HIS E 275 23.24 -30.13 22.96
CA HIS E 275 21.92 -29.82 22.38
C HIS E 275 20.91 -29.43 23.45
N LEU E 276 21.06 -29.95 24.67
CA LEU E 276 20.05 -29.70 25.70
C LEU E 276 20.01 -28.24 26.13
N ASP E 277 21.13 -27.50 25.99
CA ASP E 277 21.05 -26.06 26.17
C ASP E 277 20.08 -25.44 25.16
N GLY E 278 20.16 -25.90 23.91
CA GLY E 278 19.22 -25.41 22.92
C GLY E 278 17.78 -25.79 23.22
N LEU E 279 17.57 -26.93 23.87
CA LEU E 279 16.22 -27.34 24.21
C LEU E 279 15.56 -26.35 25.17
N ASN E 280 16.28 -25.91 26.19
CA ASN E 280 15.70 -24.94 27.11
C ASN E 280 15.36 -23.64 26.38
N LEU E 281 16.19 -23.23 25.43
CA LEU E 281 15.88 -22.03 24.66
C LEU E 281 14.66 -22.27 23.77
N SER E 282 14.62 -23.39 23.06
CA SER E 282 13.53 -23.60 22.12
C SER E 282 12.21 -23.88 22.84
N ARG E 283 12.25 -24.54 24.00
CA ARG E 283 11.06 -24.64 24.83
C ARG E 283 10.52 -23.25 25.18
N ALA E 284 11.41 -22.34 25.60
CA ALA E 284 11.01 -20.97 25.90
C ALA E 284 10.37 -20.31 24.69
N TRP E 285 10.97 -20.49 23.51
CA TRP E 285 10.39 -19.99 22.26
C TRP E 285 8.99 -20.54 22.03
N CYS E 286 8.85 -21.87 22.09
CA CYS E 286 7.56 -22.49 21.83
C CYS E 286 6.50 -22.06 22.86
N PHE E 287 6.90 -22.00 24.13
CA PHE E 287 5.93 -21.64 25.16
C PHE E 287 5.39 -20.25 24.92
N LYS E 288 6.27 -19.31 24.57
CA LYS E 288 5.83 -17.95 24.29
C LYS E 288 4.86 -17.93 23.11
N ILE E 289 5.17 -18.67 22.06
CA ILE E 289 4.27 -18.73 20.91
C ILE E 289 2.92 -19.29 21.32
N LEU E 290 2.92 -20.40 22.05
CA LEU E 290 1.67 -21.05 22.42
C LEU E 290 0.88 -20.24 23.45
N SER E 291 1.58 -19.43 24.27
CA SER E 291 0.88 -18.64 25.30
C SER E 291 -0.13 -17.66 24.69
N ASN E 292 0.08 -17.22 23.44
CA ASN E 292 -0.83 -16.31 22.79
C ASN E 292 -2.17 -16.95 22.41
N PHE E 293 -2.29 -18.26 22.53
CA PHE E 293 -3.53 -18.97 22.22
C PHE E 293 -4.26 -19.45 23.46
N CYS E 294 -3.87 -18.95 24.64
CA CYS E 294 -4.38 -19.45 25.91
C CYS E 294 -5.20 -18.37 26.61
N ASP E 295 -6.02 -18.83 27.55
CA ASP E 295 -6.73 -17.91 28.42
C ASP E 295 -5.78 -17.32 29.46
N GLU E 296 -6.20 -16.19 30.05
CA GLU E 296 -5.30 -15.33 30.82
C GLU E 296 -4.42 -16.09 31.81
N ASN E 297 -4.99 -17.02 32.56
CA ASN E 297 -4.21 -17.70 33.59
C ASN E 297 -3.12 -18.58 32.98
N LEU E 298 -3.48 -19.44 32.03
CA LEU E 298 -2.49 -20.32 31.41
C LEU E 298 -1.46 -19.52 30.62
N LYS E 299 -1.88 -18.39 30.03
CA LYS E 299 -0.97 -17.52 29.33
C LYS E 299 0.15 -17.06 30.24
N ILE E 300 -0.19 -16.58 31.43
CA ILE E 300 0.82 -16.10 32.36
C ILE E 300 1.70 -17.27 32.82
N LEU E 301 1.10 -18.44 33.02
CA LEU E 301 1.85 -19.62 33.44
C LEU E 301 2.92 -19.99 32.42
N LEU E 302 2.56 -20.06 31.14
CA LEU E 302 3.52 -20.47 30.11
C LEU E 302 4.62 -19.44 29.91
N ARG E 303 4.27 -18.16 30.00
CA ARG E 303 5.29 -17.12 29.84
C ARG E 303 6.28 -17.13 31.00
N ASN E 304 5.79 -17.39 32.23
CA ASN E 304 6.69 -17.57 33.38
C ASN E 304 7.54 -18.82 33.23
N ASN E 305 6.94 -19.93 32.78
CA ASN E 305 7.71 -21.13 32.52
C ASN E 305 8.76 -20.89 31.45
N ALA E 306 8.40 -20.13 30.41
CA ALA E 306 9.36 -19.83 29.36
C ALA E 306 10.56 -19.07 29.90
N THR E 307 10.31 -18.07 30.75
CA THR E 307 11.39 -17.27 31.32
C THR E 307 12.32 -18.14 32.16
N GLU E 308 11.76 -19.10 32.91
CA GLU E 308 12.62 -20.00 33.70
C GLU E 308 13.51 -20.85 32.79
N HIS E 309 12.98 -21.33 31.67
CA HIS E 309 13.78 -22.12 30.74
C HIS E 309 14.88 -21.27 30.09
N PHE E 310 14.53 -20.09 29.59
CA PHE E 310 15.50 -19.21 28.96
C PHE E 310 16.65 -18.89 29.92
N ASP E 311 16.32 -18.56 31.18
CA ASP E 311 17.35 -18.18 32.15
C ASP E 311 18.30 -19.34 32.45
N LYS E 312 17.84 -20.59 32.33
CA LYS E 312 18.71 -21.73 32.62
C LYS E 312 19.77 -21.93 31.54
N ALA E 313 19.59 -21.35 30.36
CA ALA E 313 20.50 -21.59 29.24
C ALA E 313 21.27 -20.38 28.76
N ILE E 314 20.75 -19.17 28.94
CA ILE E 314 21.27 -18.00 28.23
C ILE E 314 22.72 -17.71 28.61
N ALA E 315 23.10 -17.95 29.87
CA ALA E 315 24.47 -17.63 30.28
C ALA E 315 25.52 -18.57 29.71
N HIS E 316 25.12 -19.67 29.06
CA HIS E 316 26.07 -20.69 28.63
C HIS E 316 26.33 -20.71 27.13
N ILE E 317 25.75 -19.78 26.35
CA ILE E 317 25.82 -19.92 24.90
C ILE E 317 27.21 -19.68 24.35
N GLU E 318 28.13 -19.16 25.16
CA GLU E 318 29.51 -18.94 24.74
C GLU E 318 30.52 -19.80 25.52
N ASP E 319 30.06 -20.84 26.22
CA ASP E 319 30.97 -21.68 26.99
C ASP E 319 31.97 -22.40 26.09
N ASP E 320 31.56 -22.78 24.89
CA ASP E 320 32.42 -23.53 23.99
C ASP E 320 31.85 -23.42 22.58
N TYR E 321 32.72 -23.65 21.59
CA TYR E 321 32.29 -23.54 20.21
C TYR E 321 31.18 -24.52 19.85
N LEU E 322 31.09 -25.67 20.55
CA LEU E 322 29.98 -26.59 20.30
C LEU E 322 28.63 -25.98 20.66
N GLY E 323 28.61 -24.93 21.49
CA GLY E 323 27.39 -24.19 21.73
C GLY E 323 27.32 -22.91 20.91
N SER E 324 28.41 -22.14 20.87
CA SER E 324 28.38 -20.82 20.25
C SER E 324 28.18 -20.86 18.74
N HIS E 325 28.46 -21.99 18.07
CA HIS E 325 28.19 -22.05 16.64
C HIS E 325 26.70 -22.11 16.30
N TRP E 326 25.78 -22.19 17.28
CA TRP E 326 24.37 -22.25 16.91
C TRP E 326 23.40 -21.69 17.95
N LEU E 327 23.79 -21.66 19.24
CA LEU E 327 22.82 -21.34 20.30
C LEU E 327 22.26 -19.92 20.19
N GLY E 328 23.04 -18.98 19.67
CA GLY E 328 22.56 -17.61 19.55
C GLY E 328 21.27 -17.47 18.77
N SER E 329 21.10 -18.29 17.72
CA SER E 329 19.90 -18.19 16.91
C SER E 329 18.65 -18.56 17.70
N PHE E 330 18.75 -19.58 18.56
CA PHE E 330 17.60 -19.98 19.37
C PHE E 330 17.33 -19.01 20.50
N ALA E 331 18.38 -18.39 21.05
CA ALA E 331 18.19 -17.32 22.01
C ALA E 331 17.38 -16.18 21.41
N LEU E 332 17.76 -15.74 20.19
CA LEU E 332 17.03 -14.65 19.55
C LEU E 332 15.59 -15.07 19.21
N LEU E 333 15.40 -16.30 18.72
CA LEU E 333 14.05 -16.78 18.50
C LEU E 333 13.21 -16.68 19.76
N ALA E 334 13.76 -17.07 20.91
CA ALA E 334 13.01 -16.97 22.16
C ALA E 334 12.73 -15.52 22.54
N LEU E 335 13.74 -14.64 22.40
CA LEU E 335 13.57 -13.24 22.83
C LEU E 335 12.57 -12.50 21.96
N ASP E 336 12.41 -12.89 20.70
CA ASP E 336 11.72 -12.07 19.71
C ASP E 336 10.24 -12.43 19.50
N VAL E 337 9.68 -13.35 20.29
CA VAL E 337 8.27 -13.73 20.10
C VAL E 337 7.35 -12.56 20.48
N ASP E 338 6.43 -12.23 19.57
CA ASP E 338 5.46 -11.16 19.81
C ASP E 338 4.53 -11.58 20.94
N ILE E 339 4.63 -10.90 22.08
CA ILE E 339 3.77 -11.18 23.23
C ILE E 339 2.47 -10.39 23.03
N LEU E 340 1.42 -11.07 22.60
CA LEU E 340 0.13 -10.44 22.32
C LEU E 340 -0.79 -10.41 23.54
N GLU F 8 18.35 -72.10 3.62
CA GLU F 8 19.52 -72.16 2.76
C GLU F 8 19.50 -71.02 1.77
N LYS F 9 18.34 -70.82 1.14
CA LYS F 9 18.21 -69.73 0.18
C LYS F 9 18.65 -68.41 0.78
N PHE F 10 18.26 -68.15 2.03
CA PHE F 10 18.63 -66.89 2.68
C PHE F 10 20.13 -66.79 2.88
N ILE F 11 20.76 -67.87 3.36
CA ILE F 11 22.19 -67.85 3.65
C ILE F 11 23.00 -67.61 2.38
N LYS F 12 22.59 -68.23 1.28
CA LYS F 12 23.25 -67.99 0.00
C LYS F 12 23.09 -66.54 -0.42
N GLN F 13 21.86 -66.02 -0.39
CA GLN F 13 21.60 -64.63 -0.76
C GLN F 13 22.37 -63.67 0.14
N PHE F 14 22.29 -63.87 1.46
CA PHE F 14 22.95 -62.94 2.37
C PHE F 14 24.46 -62.90 2.15
N SER F 15 25.07 -64.06 1.89
CA SER F 15 26.51 -64.15 1.65
C SER F 15 26.92 -63.31 0.44
N PHE F 16 26.22 -63.48 -0.69
CA PHE F 16 26.55 -62.71 -1.89
C PHE F 16 26.46 -61.21 -1.62
N ILE F 17 25.40 -60.79 -0.92
CA ILE F 17 25.20 -59.37 -0.64
C ILE F 17 26.35 -58.81 0.20
N ALA F 18 26.64 -59.45 1.34
CA ALA F 18 27.63 -58.91 2.28
C ALA F 18 29.03 -58.91 1.68
N LEU F 19 29.38 -59.94 0.92
CA LEU F 19 30.69 -59.98 0.29
C LEU F 19 30.84 -58.86 -0.73
N GLU F 20 29.75 -58.55 -1.47
CA GLU F 20 29.78 -57.41 -2.38
C GLU F 20 29.86 -56.09 -1.63
N ASN F 21 29.12 -56.00 -0.51
CA ASN F 21 29.02 -54.74 0.23
C ASN F 21 30.38 -54.30 0.75
N ILE F 22 31.12 -55.20 1.40
CA ILE F 22 32.29 -54.77 2.16
C ILE F 22 33.41 -54.24 1.28
N PHE F 23 33.41 -54.59 -0.01
CA PHE F 23 34.44 -54.09 -0.93
C PHE F 23 33.97 -52.99 -1.85
N ARG F 24 32.67 -52.69 -1.86
CA ARG F 24 32.11 -51.67 -2.74
C ARG F 24 32.36 -50.28 -2.17
N GLU F 25 33.11 -49.45 -2.91
CA GLU F 25 33.49 -48.13 -2.41
C GLU F 25 32.40 -47.08 -2.63
N LEU F 26 31.73 -47.13 -3.77
CA LEU F 26 30.86 -46.05 -4.18
C LEU F 26 29.50 -46.60 -4.58
N PRO F 27 28.41 -45.86 -4.31
CA PRO F 27 28.41 -44.59 -3.57
C PRO F 27 28.68 -44.76 -2.07
N ASN F 28 28.86 -43.65 -1.36
CA ASN F 28 29.27 -43.70 0.03
C ASN F 28 28.78 -42.44 0.72
N LYS F 29 28.64 -42.51 2.04
CA LYS F 29 28.23 -41.36 2.83
C LYS F 29 29.04 -41.34 4.13
N ILE F 30 29.71 -40.22 4.39
CA ILE F 30 30.55 -40.06 5.56
C ILE F 30 29.92 -39.05 6.50
N THR F 31 30.08 -39.27 7.79
CA THR F 31 29.78 -38.30 8.83
C THR F 31 31.11 -38.14 9.58
N HIS F 32 31.78 -37.01 9.32
CA HIS F 32 33.20 -36.88 9.60
C HIS F 32 33.48 -35.50 10.17
N SER F 33 34.04 -35.45 11.37
CA SER F 33 34.42 -34.20 11.99
C SER F 33 35.95 -34.06 11.95
N PHE F 34 36.42 -32.81 11.92
CA PHE F 34 37.85 -32.58 11.75
C PHE F 34 38.20 -31.19 12.23
N ASN F 35 39.45 -31.04 12.67
CA ASN F 35 40.01 -29.74 13.01
C ASN F 35 41.29 -29.48 12.24
N ASP F 36 41.50 -30.23 11.17
CA ASP F 36 42.66 -30.10 10.30
C ASP F 36 42.16 -30.23 8.88
N ILE F 37 42.44 -29.22 8.06
CA ILE F 37 41.86 -29.15 6.72
C ILE F 37 42.39 -30.25 5.81
N ASN F 38 43.55 -30.83 6.15
CA ASN F 38 44.10 -31.97 5.42
C ASN F 38 43.46 -33.29 5.80
N ASP F 39 42.66 -33.33 6.85
CA ASP F 39 42.02 -34.55 7.31
C ASP F 39 40.68 -34.78 6.60
N ILE F 40 40.70 -34.67 5.27
CA ILE F 40 39.52 -34.93 4.45
C ILE F 40 40.00 -35.85 3.35
N LYS F 41 39.77 -37.15 3.52
CA LYS F 41 40.33 -38.17 2.64
C LYS F 41 39.24 -39.16 2.25
N PRO F 42 39.42 -39.87 1.14
CA PRO F 42 38.44 -40.89 0.77
C PRO F 42 38.30 -41.93 1.86
N PRO F 43 37.14 -42.59 1.97
CA PRO F 43 36.96 -43.59 3.03
C PRO F 43 38.02 -44.69 3.05
N LYS F 44 38.52 -45.13 1.89
CA LYS F 44 39.50 -46.21 1.88
C LYS F 44 40.74 -45.84 2.69
N LEU F 45 41.08 -44.55 2.74
CA LEU F 45 42.23 -44.09 3.51
C LEU F 45 41.87 -43.80 4.97
N MET F 46 40.71 -43.21 5.23
CA MET F 46 40.31 -42.95 6.61
C MET F 46 39.96 -44.23 7.35
N TYR F 47 39.28 -45.17 6.68
CA TYR F 47 38.74 -46.38 7.28
C TYR F 47 39.28 -47.59 6.51
N PRO F 48 40.48 -48.07 6.85
CA PRO F 48 41.09 -49.14 6.06
C PRO F 48 40.30 -50.44 6.00
N ILE F 49 39.45 -50.72 6.98
CA ILE F 49 38.60 -51.92 7.00
C ILE F 49 37.17 -51.62 6.54
N PHE F 50 36.53 -50.64 7.17
CA PHE F 50 35.09 -50.46 7.08
C PHE F 50 34.70 -49.32 6.14
N TYR F 51 35.37 -49.22 4.99
CA TYR F 51 35.15 -48.16 4.03
C TYR F 51 34.00 -48.44 3.07
N GLY F 52 33.53 -49.68 2.98
CA GLY F 52 32.55 -50.06 2.00
C GLY F 52 31.14 -50.07 2.56
N SER F 53 30.25 -50.71 1.81
CA SER F 53 28.89 -50.98 2.28
C SER F 53 28.17 -49.69 2.67
N TYR F 54 28.47 -48.61 1.93
CA TYR F 54 27.87 -47.28 1.99
C TYR F 54 28.33 -46.45 3.19
N ASP F 55 28.42 -47.03 4.38
CA ASP F 55 28.88 -46.26 5.53
C ASP F 55 29.51 -47.18 6.57
N TRP F 56 30.24 -46.56 7.51
CA TRP F 56 31.09 -47.31 8.43
C TRP F 56 30.31 -48.37 9.19
N HIS F 57 29.21 -47.97 9.82
CA HIS F 57 28.44 -48.90 10.64
C HIS F 57 27.77 -50.00 9.82
N SER F 58 27.31 -49.69 8.60
CA SER F 58 26.75 -50.74 7.76
C SER F 58 27.82 -51.72 7.33
N SER F 59 29.03 -51.24 7.05
CA SER F 59 30.13 -52.15 6.76
C SER F 59 30.44 -53.03 7.97
N VAL F 60 30.45 -52.44 9.17
CA VAL F 60 30.72 -53.20 10.38
C VAL F 60 29.74 -54.36 10.54
N HIS F 61 28.44 -54.09 10.42
CA HIS F 61 27.50 -55.18 10.65
C HIS F 61 27.29 -56.04 9.41
N SER F 62 27.75 -55.60 8.24
CA SER F 62 27.89 -56.54 7.12
C SER F 62 28.95 -57.59 7.44
N HIS F 63 30.04 -57.19 8.10
CA HIS F 63 31.04 -58.15 8.57
C HIS F 63 30.46 -59.10 9.62
N TRP F 64 29.67 -58.57 10.57
CA TRP F 64 28.98 -59.44 11.53
C TRP F 64 28.13 -60.47 10.80
N LEU F 65 27.43 -60.04 9.76
CA LEU F 65 26.62 -60.97 8.97
C LEU F 65 27.46 -62.13 8.44
N LEU F 66 28.66 -61.83 7.93
CA LEU F 66 29.54 -62.88 7.41
C LEU F 66 30.08 -63.79 8.52
N VAL F 67 30.46 -63.20 9.66
CA VAL F 67 30.97 -64.00 10.77
C VAL F 67 29.87 -64.89 11.35
N LYS F 68 28.69 -64.30 11.56
CA LYS F 68 27.55 -65.08 12.06
C LYS F 68 27.20 -66.20 11.10
N ILE F 69 27.23 -65.91 9.79
CA ILE F 69 27.03 -66.96 8.80
C ILE F 69 28.11 -68.02 8.92
N LEU F 70 29.36 -67.60 9.13
CA LEU F 70 30.47 -68.53 9.26
C LEU F 70 30.32 -69.45 10.47
N LYS F 71 29.87 -68.91 11.61
CA LYS F 71 29.81 -69.69 12.84
C LYS F 71 28.66 -70.69 12.83
N ASP F 72 27.49 -70.27 12.35
CA ASP F 72 26.27 -71.05 12.52
C ASP F 72 25.70 -71.56 11.20
N PHE F 73 26.16 -71.07 10.05
CA PHE F 73 25.55 -71.46 8.80
C PHE F 73 26.57 -71.77 7.71
N SER F 74 27.75 -72.26 8.09
CA SER F 74 28.81 -72.46 7.11
C SER F 74 28.44 -73.53 6.07
N HIS F 75 27.64 -74.53 6.46
CA HIS F 75 27.24 -75.59 5.54
C HIS F 75 26.40 -75.07 4.37
N PHE F 76 25.72 -73.93 4.55
CA PHE F 76 24.90 -73.32 3.51
C PHE F 76 25.61 -72.18 2.79
N ALA F 77 26.90 -71.96 3.08
CA ALA F 77 27.57 -70.72 2.71
C ALA F 77 28.81 -70.98 1.85
N PRO F 78 29.29 -69.95 1.13
CA PRO F 78 30.58 -70.01 0.42
C PRO F 78 31.75 -69.83 1.39
N LYS F 79 32.05 -70.91 2.13
CA LYS F 79 32.95 -70.82 3.27
C LYS F 79 34.32 -70.24 2.89
N ASP F 80 34.91 -70.74 1.79
CA ASP F 80 36.28 -70.34 1.46
C ASP F 80 36.35 -68.87 1.02
N GLU F 81 35.38 -68.40 0.23
CA GLU F 81 35.40 -67.01 -0.19
C GLU F 81 35.24 -66.06 0.99
N ILE F 82 34.32 -66.39 1.91
CA ILE F 82 34.12 -65.56 3.09
C ILE F 82 35.38 -65.54 3.96
N ILE F 83 35.98 -66.72 4.18
CA ILE F 83 37.18 -66.81 5.00
C ILE F 83 38.32 -66.00 4.37
N LYS F 84 38.47 -66.09 3.04
CA LYS F 84 39.52 -65.31 2.37
C LYS F 84 39.27 -63.81 2.49
N ALA F 85 38.02 -63.39 2.31
CA ALA F 85 37.71 -61.98 2.43
C ALA F 85 37.99 -61.47 3.84
N LEU F 86 37.53 -62.20 4.86
CA LEU F 86 37.71 -61.74 6.24
C LEU F 86 39.17 -61.70 6.63
N ASP F 87 39.98 -62.66 6.14
CA ASP F 87 41.41 -62.67 6.46
C ASP F 87 42.12 -61.41 5.98
N SER F 88 41.81 -60.94 4.77
CA SER F 88 42.44 -59.72 4.27
C SER F 88 41.87 -58.46 4.89
N GLN F 89 40.65 -58.51 5.45
CA GLN F 89 40.06 -57.36 6.14
C GLN F 89 40.62 -57.21 7.56
N PHE F 90 40.61 -58.30 8.32
CA PHE F 90 40.91 -58.26 9.75
C PHE F 90 42.39 -58.45 10.04
N SER F 91 43.24 -57.71 9.33
CA SER F 91 44.67 -57.74 9.57
C SER F 91 45.04 -56.72 10.64
N LYS F 92 46.21 -56.94 11.26
CA LYS F 92 46.67 -56.06 12.34
C LYS F 92 46.89 -54.63 11.85
N GLU F 93 47.50 -54.47 10.67
CA GLU F 93 47.83 -53.13 10.19
C GLU F 93 46.58 -52.31 9.89
N LYS F 94 45.60 -52.91 9.22
CA LYS F 94 44.36 -52.19 8.91
C LYS F 94 43.58 -51.85 10.17
N ALA F 95 43.57 -52.77 11.15
CA ALA F 95 42.88 -52.49 12.41
C ALA F 95 43.52 -51.33 13.15
N GLU F 96 44.85 -51.24 13.11
CA GLU F 96 45.55 -50.07 13.67
C GLU F 96 45.15 -48.79 12.96
N GLY F 97 44.89 -48.86 11.65
CA GLY F 97 44.42 -47.70 10.93
C GLY F 97 43.05 -47.23 11.40
N GLU F 98 42.11 -48.16 11.59
CA GLU F 98 40.82 -47.79 12.15
C GLU F 98 40.99 -47.18 13.54
N LEU F 99 41.85 -47.79 14.38
CA LEU F 99 42.06 -47.27 15.73
C LEU F 99 42.69 -45.89 15.72
N LYS F 100 43.59 -45.61 14.76
CA LYS F 100 44.18 -44.28 14.66
C LYS F 100 43.10 -43.22 14.41
N TYR F 101 42.18 -43.50 13.48
CA TYR F 101 41.07 -42.58 13.24
C TYR F 101 40.23 -42.41 14.51
N LEU F 102 39.90 -43.53 15.17
CA LEU F 102 39.06 -43.47 16.37
C LEU F 102 39.75 -42.71 17.49
N GLN F 103 41.06 -42.88 17.65
CA GLN F 103 41.74 -42.28 18.80
C GLN F 103 42.10 -40.81 18.57
N ASN F 104 42.02 -40.33 17.34
CA ASN F 104 42.29 -38.91 17.05
C ASN F 104 41.26 -38.06 17.77
N PRO F 105 41.68 -37.14 18.64
CA PRO F 105 40.70 -36.33 19.38
C PRO F 105 39.75 -35.55 18.50
N ALA F 106 40.14 -35.22 17.27
CA ALA F 106 39.23 -34.50 16.39
C ALA F 106 38.04 -35.33 15.96
N HIS F 107 38.07 -36.65 16.18
CA HIS F 107 36.99 -37.55 15.79
C HIS F 107 36.19 -38.05 16.99
N LYS F 108 36.31 -37.39 18.14
CA LYS F 108 35.56 -37.77 19.33
C LYS F 108 34.07 -37.85 19.04
N GLY F 109 33.42 -38.92 19.56
CA GLY F 109 32.00 -39.12 19.38
C GLY F 109 31.60 -39.83 18.10
N PHE F 110 32.56 -40.12 17.23
CA PHE F 110 32.31 -40.81 15.98
C PHE F 110 31.55 -42.12 16.22
N GLU F 111 30.44 -42.30 15.49
CA GLU F 111 29.62 -43.51 15.45
C GLU F 111 28.92 -43.85 16.77
N ARG F 112 28.86 -42.92 17.72
CA ARG F 112 28.19 -43.16 18.99
C ARG F 112 26.68 -43.08 18.82
N PRO F 113 25.91 -44.09 19.26
CA PRO F 113 26.37 -45.37 19.81
C PRO F 113 26.17 -46.54 18.86
N TYR F 114 25.58 -46.28 17.69
CA TYR F 114 25.19 -47.37 16.79
C TYR F 114 26.38 -48.20 16.35
N GLY F 115 27.42 -47.54 15.84
CA GLY F 115 28.61 -48.25 15.44
C GLY F 115 29.34 -48.90 16.59
N TRP F 116 29.26 -48.30 17.78
CA TRP F 116 29.89 -48.92 18.95
C TRP F 116 29.26 -50.27 19.25
N GLY F 117 27.94 -50.30 19.41
CA GLY F 117 27.25 -51.54 19.75
C GLY F 117 27.43 -52.62 18.69
N TRP F 118 27.35 -52.23 17.41
CA TRP F 118 27.55 -53.19 16.35
C TRP F 118 28.98 -53.69 16.29
N PHE F 119 29.97 -52.84 16.59
CA PHE F 119 31.34 -53.34 16.57
C PHE F 119 31.56 -54.35 17.71
N LEU F 120 30.99 -54.08 18.88
CA LEU F 120 31.06 -55.05 19.97
C LEU F 120 30.31 -56.32 19.62
N LYS F 121 29.17 -56.20 18.92
CA LYS F 121 28.45 -57.38 18.45
C LYS F 121 29.28 -58.16 17.45
N LEU F 122 30.00 -57.45 16.57
CA LEU F 122 30.96 -58.10 15.69
C LEU F 122 32.03 -58.81 16.50
N THR F 123 32.60 -58.11 17.49
CA THR F 123 33.68 -58.72 18.28
C THR F 123 33.18 -59.93 19.06
N LEU F 124 32.00 -59.83 19.68
CA LEU F 124 31.43 -60.98 20.39
C LEU F 124 31.28 -62.18 19.47
N GLU F 125 30.71 -61.96 18.27
CA GLU F 125 30.47 -63.06 17.34
C GLU F 125 31.77 -63.68 16.85
N ILE F 126 32.81 -62.87 16.66
CA ILE F 126 34.12 -63.38 16.27
C ILE F 126 34.70 -64.25 17.37
N ASN F 127 34.59 -63.81 18.63
CA ASN F 127 35.12 -64.59 19.74
C ASN F 127 34.37 -65.91 19.90
N LEU F 128 33.05 -65.90 19.67
CA LEU F 128 32.28 -67.15 19.68
C LEU F 128 32.72 -68.08 18.56
N LEU F 129 32.98 -67.51 17.37
CA LEU F 129 33.49 -68.32 16.27
C LEU F 129 34.89 -68.84 16.57
N ALA F 130 35.68 -68.08 17.34
CA ALA F 130 37.03 -68.50 17.68
C ALA F 130 37.07 -69.70 18.62
N LYS F 131 35.96 -70.06 19.28
CA LYS F 131 35.90 -71.28 20.07
C LYS F 131 35.87 -72.53 19.22
N GLU F 132 35.50 -72.42 17.94
CA GLU F 132 35.39 -73.59 17.06
C GLU F 132 36.26 -73.51 15.81
N ASN F 133 36.70 -72.32 15.39
CA ASN F 133 37.48 -72.15 14.18
C ASN F 133 38.72 -71.36 14.52
N ASP F 134 39.89 -72.01 14.42
CA ASP F 134 41.14 -71.40 14.84
C ASP F 134 41.53 -70.19 14.01
N LYS F 135 41.10 -70.11 12.74
CA LYS F 135 41.43 -68.96 11.90
C LYS F 135 40.88 -67.65 12.49
N ALA F 136 39.75 -67.71 13.19
CA ALA F 136 39.14 -66.54 13.81
C ALA F 136 39.88 -66.05 15.07
N GLU F 137 41.01 -66.68 15.44
CA GLU F 137 41.74 -66.26 16.63
C GLU F 137 42.61 -65.03 16.38
N ILE F 138 43.20 -64.92 15.19
CA ILE F 138 43.89 -63.69 14.82
C ILE F 138 42.89 -62.54 14.71
N TRP F 139 41.74 -62.79 14.07
CA TRP F 139 40.73 -61.75 13.93
C TRP F 139 40.33 -61.19 15.29
N ALA F 140 40.06 -62.06 16.26
CA ALA F 140 39.66 -61.58 17.58
C ALA F 140 40.79 -60.77 18.22
N LYS F 141 42.04 -61.23 18.06
CA LYS F 141 43.20 -60.51 18.58
C LYS F 141 43.44 -59.20 17.82
N ASN F 142 43.27 -59.20 16.48
CA ASN F 142 43.59 -58.01 15.70
C ASN F 142 42.60 -56.87 15.89
N LEU F 143 41.35 -57.18 16.19
CA LEU F 143 40.32 -56.16 16.39
C LEU F 143 40.19 -55.78 17.86
N GLU F 144 41.02 -56.40 18.71
CA GLU F 144 40.91 -56.25 20.15
C GLU F 144 41.08 -54.80 20.60
N GLY F 145 42.00 -54.06 19.98
CA GLY F 145 42.22 -52.67 20.38
C GLY F 145 41.02 -51.79 20.10
N ILE F 146 40.36 -51.99 18.96
CA ILE F 146 39.18 -51.20 18.65
C ILE F 146 38.06 -51.48 19.64
N ALA F 147 37.86 -52.76 19.99
CA ALA F 147 36.81 -53.12 20.94
C ALA F 147 37.05 -52.49 22.30
N ASP F 148 38.29 -52.54 22.79
CA ASP F 148 38.62 -51.92 24.07
C ASP F 148 38.35 -50.42 24.03
N PHE F 149 38.61 -49.77 22.89
CA PHE F 149 38.33 -48.34 22.76
C PHE F 149 36.85 -48.05 22.98
N PHE F 150 35.98 -48.82 22.32
CA PHE F 150 34.54 -48.59 22.46
C PHE F 150 34.06 -48.91 23.87
N VAL F 151 34.64 -49.94 24.49
CA VAL F 151 34.31 -50.23 25.88
C VAL F 151 34.65 -49.06 26.78
N LYS F 152 35.87 -48.51 26.63
CA LYS F 152 36.25 -47.34 27.41
C LYS F 152 35.34 -46.15 27.12
N GLU F 153 35.02 -45.92 25.84
CA GLU F 153 34.15 -44.79 25.51
C GLU F 153 32.77 -44.94 26.14
N PHE F 154 32.26 -46.18 26.17
CA PHE F 154 31.01 -46.46 26.85
C PHE F 154 31.10 -46.13 28.34
N LYS F 155 32.18 -46.61 28.99
CA LYS F 155 32.36 -46.33 30.41
C LYS F 155 32.50 -44.83 30.65
N GLU F 156 33.12 -44.10 29.71
CA GLU F 156 33.27 -42.67 29.88
C GLU F 156 31.95 -41.93 29.63
N PHE F 157 31.18 -42.38 28.64
CA PHE F 157 30.02 -41.60 28.25
C PHE F 157 28.75 -41.95 29.04
N LEU F 158 28.48 -43.22 29.31
CA LEU F 158 27.23 -43.57 29.98
C LEU F 158 26.96 -42.79 31.26
N PRO F 159 27.91 -42.59 32.17
CA PRO F 159 27.58 -41.78 33.38
C PRO F 159 27.13 -40.36 33.08
N LYS F 160 27.39 -39.84 31.87
CA LYS F 160 26.95 -38.48 31.53
C LYS F 160 25.51 -38.42 31.04
N MET F 161 24.86 -39.57 30.81
CA MET F 161 23.55 -39.60 30.17
C MET F 161 22.44 -39.50 31.21
N ASP F 162 21.97 -38.28 31.44
CA ASP F 162 20.83 -38.11 32.32
C ASP F 162 19.56 -38.68 31.70
N TYR F 163 19.46 -38.70 30.37
CA TYR F 163 18.27 -39.13 29.66
C TYR F 163 18.63 -40.12 28.57
N PRO F 164 17.75 -41.07 28.27
CA PRO F 164 17.99 -41.99 27.16
C PRO F 164 17.77 -41.29 25.83
N ILE F 165 18.10 -42.01 24.76
CA ILE F 165 17.69 -41.66 23.41
C ILE F 165 16.72 -42.74 22.96
N ARG F 166 15.44 -42.36 22.77
CA ARG F 166 14.41 -43.36 22.50
C ARG F 166 14.12 -43.54 21.01
N VAL F 167 14.47 -42.54 20.17
CA VAL F 167 14.09 -42.58 18.76
C VAL F 167 14.62 -43.84 18.09
N GLY F 168 13.85 -44.37 17.14
CA GLY F 168 14.15 -45.64 16.50
C GLY F 168 15.11 -45.58 15.34
N THR F 169 16.13 -44.74 15.43
CA THR F 169 17.18 -44.67 14.43
C THR F 169 18.48 -45.14 15.07
N HIS F 170 19.61 -44.86 14.43
CA HIS F 170 20.85 -45.43 14.93
C HIS F 170 21.34 -44.77 16.22
N PHE F 171 20.77 -43.64 16.61
CA PHE F 171 21.06 -43.07 17.92
C PHE F 171 20.35 -43.80 19.06
N ASN F 172 19.49 -44.78 18.75
CA ASN F 172 18.73 -45.49 19.78
C ASN F 172 19.65 -46.08 20.84
N SER F 173 19.41 -45.68 22.09
CA SER F 173 20.22 -46.20 23.20
C SER F 173 20.01 -47.70 23.40
N SER F 174 18.75 -48.17 23.33
CA SER F 174 18.47 -49.55 23.74
C SER F 174 19.13 -50.55 22.80
N PHE F 175 19.08 -50.31 21.48
CA PHE F 175 19.73 -51.21 20.53
C PHE F 175 21.21 -51.37 20.84
N ALA F 176 21.94 -50.23 20.91
CA ALA F 176 23.38 -50.28 21.12
C ALA F 176 23.73 -50.93 22.45
N LEU F 177 23.00 -50.60 23.51
CA LEU F 177 23.28 -51.18 24.82
C LEU F 177 22.90 -52.66 24.90
N TYR F 178 21.88 -53.09 24.15
CA TYR F 178 21.53 -54.51 24.11
C TYR F 178 22.70 -55.35 23.62
N PHE F 179 23.36 -54.93 22.54
CA PHE F 179 24.53 -55.66 22.07
C PHE F 179 25.72 -55.48 23.02
N ALA F 180 25.90 -54.26 23.54
CA ALA F 180 27.00 -54.01 24.46
C ALA F 180 26.89 -54.84 25.72
N LEU F 181 25.66 -55.11 26.17
CA LEU F 181 25.45 -55.95 27.35
C LEU F 181 25.85 -57.39 27.07
N GLU F 182 25.52 -57.91 25.87
CA GLU F 182 25.99 -59.23 25.46
C GLU F 182 27.51 -59.29 25.46
N TYR F 183 28.17 -58.30 24.85
CA TYR F 183 29.63 -58.26 24.81
C TYR F 183 30.21 -58.23 26.21
N ALA F 184 29.65 -57.40 27.08
CA ALA F 184 30.15 -57.25 28.45
C ALA F 184 30.05 -58.56 29.23
N ARG F 185 28.92 -59.26 29.09
CA ARG F 185 28.73 -60.52 29.82
C ARG F 185 29.67 -61.60 29.30
N PHE F 186 29.93 -61.62 27.99
CA PHE F 186 30.89 -62.59 27.46
C PHE F 186 32.30 -62.31 27.95
N LYS F 187 32.71 -61.04 27.98
CA LYS F 187 34.07 -60.69 28.40
C LYS F 187 34.23 -60.65 29.91
N LYS F 188 33.15 -60.89 30.67
CA LYS F 188 33.16 -60.76 32.13
C LYS F 188 33.64 -59.38 32.56
N ASP F 189 33.26 -58.35 31.81
CA ASP F 189 33.56 -56.98 32.17
C ASP F 189 32.42 -56.50 33.07
N GLN F 190 32.54 -56.79 34.37
CA GLN F 190 31.50 -56.44 35.32
C GLN F 190 31.29 -54.94 35.38
N GLU F 191 32.35 -54.15 35.14
CA GLU F 191 32.22 -52.70 35.16
C GLU F 191 31.33 -52.23 34.02
N LEU F 192 31.57 -52.72 32.81
CA LEU F 192 30.72 -52.38 31.67
C LEU F 192 29.30 -52.88 31.88
N GLU F 193 29.15 -54.14 32.34
CA GLU F 193 27.83 -54.72 32.55
C GLU F 193 27.03 -53.90 33.54
N TYR F 194 27.63 -53.58 34.69
CA TYR F 194 26.98 -52.80 35.73
C TYR F 194 26.63 -51.41 35.21
N CYS F 195 27.54 -50.81 34.46
CA CYS F 195 27.26 -49.49 33.88
C CYS F 195 26.03 -49.54 32.99
N ILE F 196 25.94 -50.53 32.11
CA ILE F 196 24.80 -50.64 31.20
C ILE F 196 23.51 -50.89 31.97
N ILE F 197 23.55 -51.83 32.93
CA ILE F 197 22.34 -52.22 33.67
C ILE F 197 21.79 -51.04 34.46
N GLN F 198 22.67 -50.27 35.12
CA GLN F 198 22.22 -49.11 35.90
C GLN F 198 21.58 -48.05 35.01
N SER F 199 22.18 -47.77 33.85
CA SER F 199 21.63 -46.77 32.94
C SER F 199 20.22 -47.15 32.48
N ALA F 200 20.06 -48.39 32.01
CA ALA F 200 18.76 -48.84 31.52
C ALA F 200 17.70 -48.70 32.61
N LYS F 201 18.03 -49.13 33.84
CA LYS F 201 17.10 -49.04 34.96
C LYS F 201 16.74 -47.59 35.27
N LYS F 202 17.75 -46.72 35.35
CA LYS F 202 17.48 -45.30 35.60
C LYS F 202 16.53 -44.71 34.57
N TRP F 203 16.73 -45.05 33.29
CA TRP F 203 15.97 -44.41 32.21
C TRP F 203 14.55 -44.95 32.08
N PHE F 204 14.36 -46.25 32.32
CA PHE F 204 13.21 -46.96 31.78
C PHE F 204 12.29 -47.64 32.80
N LEU F 205 12.74 -47.82 34.06
CA LEU F 205 11.98 -48.65 34.99
C LEU F 205 10.61 -48.06 35.34
N SER F 206 10.45 -46.75 35.20
CA SER F 206 9.18 -46.10 35.51
C SER F 206 8.24 -46.00 34.31
N ASP F 207 8.60 -46.61 33.19
CA ASP F 207 7.74 -46.61 32.00
C ASP F 207 6.61 -47.63 32.14
N LYS F 208 5.37 -47.16 31.93
CA LYS F 208 4.20 -48.02 32.01
C LYS F 208 3.15 -47.50 31.03
N ASN F 209 2.28 -48.42 30.60
CA ASN F 209 1.14 -48.13 29.70
C ASN F 209 1.58 -47.24 28.53
N MET F 210 2.49 -47.77 27.71
CA MET F 210 3.12 -46.99 26.67
C MET F 210 2.13 -46.63 25.56
N GLN F 211 2.23 -45.38 25.08
CA GLN F 211 1.38 -44.89 24.00
C GLN F 211 1.83 -45.43 22.65
N ALA F 212 3.15 -45.52 22.42
CA ALA F 212 3.75 -46.05 21.20
C ALA F 212 3.28 -45.25 19.97
N LEU F 213 3.70 -43.99 19.93
CA LEU F 213 3.50 -43.11 18.77
C LEU F 213 4.49 -43.49 17.66
N GLU F 214 4.22 -44.62 17.02
CA GLU F 214 5.10 -45.25 16.05
C GLU F 214 4.29 -45.69 14.85
N PRO F 215 4.90 -45.77 13.66
CA PRO F 215 6.31 -45.43 13.41
C PRO F 215 6.53 -43.96 13.00
N CYS F 216 7.78 -43.52 13.03
CA CYS F 216 8.17 -42.28 12.38
C CYS F 216 8.89 -42.57 11.06
N GLY F 217 8.92 -41.54 10.20
CA GLY F 217 9.20 -41.69 8.78
C GLY F 217 10.55 -42.27 8.39
N ASP F 218 11.55 -42.24 9.27
CA ASP F 218 12.88 -42.75 8.92
C ASP F 218 13.38 -43.80 9.91
N GLU F 219 12.49 -44.42 10.68
CA GLU F 219 12.91 -45.33 11.72
C GLU F 219 13.06 -46.73 11.15
N PHE F 220 14.13 -47.41 11.55
CA PHE F 220 14.29 -48.83 11.27
C PHE F 220 14.20 -49.67 12.54
N LEU F 221 13.88 -49.04 13.67
CA LEU F 221 13.69 -49.70 14.96
C LEU F 221 12.40 -49.20 15.60
N SER F 222 11.78 -50.05 16.41
CA SER F 222 10.64 -49.63 17.21
C SER F 222 11.12 -49.15 18.57
N PRO F 223 10.90 -47.88 18.92
CA PRO F 223 11.29 -47.40 20.27
C PRO F 223 10.76 -48.24 21.43
N VAL F 224 9.45 -48.56 21.46
CA VAL F 224 8.89 -49.26 22.61
C VAL F 224 9.34 -50.72 22.63
N LEU F 225 9.45 -51.36 21.47
CA LEU F 225 9.90 -52.75 21.44
C LEU F 225 11.38 -52.87 21.79
N MET F 226 12.22 -51.97 21.25
CA MET F 226 13.65 -52.07 21.50
C MET F 226 13.98 -51.80 22.97
N GLU F 227 13.29 -50.84 23.60
CA GLU F 227 13.43 -50.66 25.04
C GLU F 227 12.96 -51.91 25.78
N ALA F 228 11.86 -52.51 25.34
CA ALA F 228 11.39 -53.74 25.97
C ALA F 228 12.42 -54.86 25.84
N VAL F 229 13.06 -54.99 24.67
CA VAL F 229 14.03 -56.06 24.47
C VAL F 229 15.24 -55.87 25.38
N LEU F 230 15.77 -54.64 25.46
CA LEU F 230 16.88 -54.37 26.38
C LEU F 230 16.54 -54.74 27.81
N LEU F 231 15.37 -54.30 28.28
CA LEU F 231 14.99 -54.59 29.66
C LEU F 231 14.76 -56.07 29.89
N SER F 232 14.44 -56.84 28.84
CA SER F 232 14.35 -58.29 28.97
C SER F 232 15.70 -58.94 29.26
N ALA F 233 16.82 -58.28 28.91
CA ALA F 233 18.14 -58.78 29.30
C ALA F 233 18.68 -58.10 30.55
N VAL F 234 18.13 -56.96 30.95
CA VAL F 234 18.61 -56.21 32.10
C VAL F 234 17.96 -56.68 33.41
N LEU F 235 16.65 -56.96 33.39
CA LEU F 235 15.90 -57.36 34.57
C LEU F 235 15.88 -58.89 34.73
N HIS F 236 15.64 -59.33 35.96
CA HIS F 236 15.39 -60.74 36.20
C HIS F 236 14.10 -61.22 35.54
N LYS F 237 14.07 -62.50 35.19
CA LYS F 237 12.96 -63.07 34.42
C LYS F 237 11.61 -62.77 35.06
N ASN F 238 11.55 -62.79 36.39
CA ASN F 238 10.29 -62.50 37.07
C ASN F 238 9.99 -61.01 37.11
N ASP F 239 11.00 -60.18 37.40
CA ASP F 239 10.79 -58.73 37.41
C ASP F 239 10.35 -58.23 36.04
N PHE F 240 10.90 -58.80 34.97
CA PHE F 240 10.53 -58.34 33.64
C PHE F 240 9.09 -58.72 33.30
N VAL F 241 8.68 -59.94 33.63
CA VAL F 241 7.31 -60.36 33.31
C VAL F 241 6.31 -59.43 34.00
N LYS F 242 6.54 -59.10 35.26
CA LYS F 242 5.70 -58.10 35.93
C LYS F 242 5.82 -56.74 35.25
N PHE F 243 7.06 -56.31 34.95
CA PHE F 243 7.24 -55.03 34.26
C PHE F 243 6.54 -55.01 32.91
N PHE F 244 6.73 -56.06 32.11
CA PHE F 244 6.24 -56.06 30.74
C PHE F 244 4.71 -56.00 30.68
N LYS F 245 4.03 -56.67 31.60
CA LYS F 245 2.57 -56.64 31.59
C LYS F 245 2.05 -55.22 31.82
N ALA F 246 2.69 -54.46 32.72
CA ALA F 246 2.31 -53.07 32.95
C ALA F 246 2.82 -52.13 31.86
N TYR F 247 3.85 -52.56 31.11
CA TYR F 247 4.45 -51.71 30.09
C TYR F 247 3.56 -51.62 28.86
N LEU F 248 3.12 -52.76 28.34
CA LEU F 248 2.19 -52.84 27.21
C LEU F 248 1.07 -53.76 27.64
N PRO F 249 0.10 -53.25 28.40
CA PRO F 249 -0.90 -54.12 29.05
C PRO F 249 -1.98 -54.66 28.14
N ASN F 250 -2.11 -54.14 26.92
CA ASN F 250 -3.20 -54.51 26.03
C ASN F 250 -2.72 -55.27 24.80
N LEU F 251 -1.55 -55.91 24.90
CA LEU F 251 -0.97 -56.60 23.75
C LEU F 251 -1.90 -57.68 23.22
N GLU F 252 -2.52 -58.45 24.13
CA GLU F 252 -3.42 -59.53 23.74
C GLU F 252 -4.64 -59.03 22.98
N ALA F 253 -5.03 -57.77 23.17
CA ALA F 253 -6.10 -57.16 22.40
C ALA F 253 -5.58 -56.45 21.15
N LYS F 254 -4.38 -56.80 20.69
CA LYS F 254 -3.78 -56.17 19.51
C LYS F 254 -3.74 -54.65 19.65
N GLU F 255 -3.43 -54.18 20.85
CA GLU F 255 -3.30 -52.75 21.11
C GLU F 255 -2.00 -52.49 21.86
N PRO F 256 -1.25 -51.42 21.54
CA PRO F 256 -1.52 -50.38 20.53
C PRO F 256 -1.51 -50.94 19.12
N ALA F 257 -2.51 -50.52 18.34
CA ALA F 257 -2.77 -51.11 17.02
C ALA F 257 -1.57 -51.03 16.09
N THR F 258 -0.78 -49.95 16.19
CA THR F 258 0.29 -49.78 15.21
C THR F 258 1.29 -50.93 15.24
N LEU F 259 1.47 -51.56 16.41
CA LEU F 259 2.44 -52.65 16.50
C LEU F 259 1.96 -53.89 15.77
N PHE F 260 0.67 -53.96 15.41
CA PHE F 260 0.13 -55.10 14.69
C PHE F 260 -0.20 -54.76 13.24
N THR F 261 0.33 -53.65 12.73
CA THR F 261 0.17 -53.26 11.33
C THR F 261 1.56 -53.07 10.73
N PRO F 262 2.04 -54.00 9.90
CA PRO F 262 3.33 -53.79 9.23
C PRO F 262 3.35 -52.45 8.50
N VAL F 263 4.49 -51.77 8.56
CA VAL F 263 4.55 -50.37 8.12
C VAL F 263 4.62 -50.28 6.60
N SER F 264 4.15 -49.16 6.06
CA SER F 264 4.16 -48.90 4.63
C SER F 264 5.48 -48.26 4.22
N VAL F 265 5.93 -48.57 3.00
CA VAL F 265 7.20 -48.10 2.48
C VAL F 265 6.91 -47.45 1.13
N SER F 266 6.79 -46.12 1.11
CA SER F 266 6.29 -45.45 -0.09
C SER F 266 7.33 -45.39 -1.22
N ASP F 267 8.63 -45.32 -0.88
CA ASP F 267 9.65 -45.23 -1.93
C ASP F 267 10.99 -45.76 -1.42
N ARG F 268 11.38 -46.93 -1.91
CA ARG F 268 12.63 -47.58 -1.54
C ARG F 268 13.86 -46.97 -2.20
N SER F 269 13.69 -46.05 -3.15
CA SER F 269 14.83 -45.37 -3.73
C SER F 269 15.26 -44.14 -2.95
N ASP F 270 14.59 -43.85 -1.85
CA ASP F 270 14.98 -42.79 -0.93
C ASP F 270 15.65 -43.41 0.29
N GLY F 271 16.84 -42.91 0.63
CA GLY F 271 17.61 -43.53 1.71
C GLY F 271 16.90 -43.53 3.05
N LYS F 272 16.14 -42.48 3.37
CA LYS F 272 15.48 -42.46 4.67
C LYS F 272 14.24 -43.35 4.71
N ILE F 273 13.38 -43.26 3.69
CA ILE F 273 12.16 -44.07 3.66
C ILE F 273 12.51 -45.55 3.59
N ALA F 274 13.61 -45.90 2.93
CA ALA F 274 14.03 -47.30 2.88
C ALA F 274 14.24 -47.90 4.27
N HIS F 275 14.50 -47.07 5.28
CA HIS F 275 14.63 -47.58 6.64
C HIS F 275 13.40 -48.35 7.09
N LEU F 276 12.23 -48.00 6.56
CA LEU F 276 11.01 -48.65 7.02
C LEU F 276 10.94 -50.13 6.65
N ASP F 277 11.69 -50.56 5.63
CA ASP F 277 11.82 -52.00 5.39
C ASP F 277 12.54 -52.66 6.57
N GLY F 278 13.62 -52.03 7.05
CA GLY F 278 14.29 -52.56 8.22
C GLY F 278 13.41 -52.52 9.45
N LEU F 279 12.50 -51.55 9.53
CA LEU F 279 11.58 -51.50 10.66
C LEU F 279 10.72 -52.76 10.72
N ASN F 280 10.24 -53.22 9.56
CA ASN F 280 9.45 -54.45 9.56
C ASN F 280 10.29 -55.66 9.98
N LEU F 281 11.55 -55.71 9.56
CA LEU F 281 12.41 -56.82 9.97
C LEU F 281 12.74 -56.76 11.46
N SER F 282 13.13 -55.58 11.95
CA SER F 282 13.51 -55.49 13.36
C SER F 282 12.29 -55.64 14.28
N ARG F 283 11.12 -55.19 13.83
CA ARG F 283 9.90 -55.48 14.58
C ARG F 283 9.71 -56.98 14.75
N ALA F 284 9.86 -57.73 13.65
CA ALA F 284 9.73 -59.19 13.73
C ALA F 284 10.75 -59.75 14.71
N TRP F 285 11.99 -59.25 14.65
CA TRP F 285 13.05 -59.64 15.58
C TRP F 285 12.64 -59.40 17.04
N CYS F 286 12.23 -58.17 17.37
CA CYS F 286 11.87 -57.84 18.75
C CYS F 286 10.70 -58.69 19.23
N PHE F 287 9.71 -58.89 18.35
CA PHE F 287 8.53 -59.67 18.70
C PHE F 287 8.91 -61.10 19.06
N LYS F 288 9.85 -61.70 18.32
CA LYS F 288 10.29 -63.07 18.62
C LYS F 288 10.95 -63.14 19.99
N ILE F 289 11.83 -62.18 20.30
CA ILE F 289 12.48 -62.13 21.60
C ILE F 289 11.44 -62.03 22.72
N LEU F 290 10.50 -61.09 22.57
CA LEU F 290 9.54 -60.83 23.63
C LEU F 290 8.54 -61.97 23.80
N SER F 291 8.28 -62.74 22.73
CA SER F 291 7.32 -63.85 22.83
C SER F 291 7.77 -64.91 23.84
N ASN F 292 9.08 -65.06 24.04
CA ASN F 292 9.57 -66.05 24.98
C ASN F 292 9.33 -65.67 26.43
N PHE F 293 8.83 -64.46 26.70
CA PHE F 293 8.49 -64.04 28.06
C PHE F 293 6.99 -63.96 28.29
N CYS F 294 6.17 -64.50 27.38
CA CYS F 294 4.73 -64.36 27.45
C CYS F 294 4.08 -65.71 27.70
N ASP F 295 2.84 -65.66 28.19
CA ASP F 295 2.02 -66.86 28.30
C ASP F 295 1.55 -67.27 26.91
N GLU F 296 1.16 -68.54 26.80
CA GLU F 296 0.94 -69.19 25.50
C GLU F 296 0.06 -68.36 24.56
N ASN F 297 -1.01 -67.74 25.09
CA ASN F 297 -1.92 -66.98 24.24
C ASN F 297 -1.19 -65.80 23.60
N LEU F 298 -0.54 -64.97 24.42
CA LEU F 298 0.19 -63.82 23.89
C LEU F 298 1.45 -64.25 23.13
N LYS F 299 2.07 -65.37 23.53
CA LYS F 299 3.25 -65.87 22.82
C LYS F 299 2.94 -66.14 21.35
N ILE F 300 1.86 -66.88 21.08
CA ILE F 300 1.51 -67.21 19.70
C ILE F 300 1.12 -65.95 18.93
N LEU F 301 0.43 -65.01 19.58
CA LEU F 301 -0.04 -63.79 18.93
C LEU F 301 1.13 -62.98 18.37
N LEU F 302 2.16 -62.75 19.21
CA LEU F 302 3.31 -61.96 18.78
C LEU F 302 4.12 -62.67 17.72
N ARG F 303 4.19 -64.00 17.79
CA ARG F 303 4.95 -64.76 16.79
C ARG F 303 4.28 -64.72 15.42
N ASN F 304 2.95 -64.83 15.39
CA ASN F 304 2.23 -64.67 14.12
C ASN F 304 2.37 -63.24 13.60
N ASN F 305 2.26 -62.25 14.48
CA ASN F 305 2.45 -60.86 14.09
C ASN F 305 3.85 -60.63 13.55
N ALA F 306 4.86 -61.25 14.17
CA ALA F 306 6.23 -61.12 13.69
C ALA F 306 6.37 -61.68 12.29
N THR F 307 5.78 -62.85 12.04
CA THR F 307 5.90 -63.47 10.74
C THR F 307 5.31 -62.60 9.63
N GLU F 308 4.18 -61.94 9.90
CA GLU F 308 3.61 -61.02 8.90
C GLU F 308 4.54 -59.84 8.65
N HIS F 309 5.18 -59.33 9.71
CA HIS F 309 6.12 -58.22 9.53
C HIS F 309 7.31 -58.62 8.67
N PHE F 310 7.93 -59.75 8.98
CA PHE F 310 9.05 -60.24 8.18
C PHE F 310 8.66 -60.39 6.71
N ASP F 311 7.50 -61.02 6.45
CA ASP F 311 7.09 -61.32 5.09
C ASP F 311 6.89 -60.08 4.24
N LYS F 312 6.43 -58.98 4.84
CA LYS F 312 6.16 -57.76 4.07
C LYS F 312 7.43 -57.06 3.59
N ALA F 313 8.59 -57.41 4.13
CA ALA F 313 9.84 -56.74 3.80
C ALA F 313 10.87 -57.61 3.11
N ILE F 314 10.85 -58.93 3.35
CA ILE F 314 11.97 -59.81 2.97
C ILE F 314 12.22 -59.82 1.46
N ALA F 315 11.16 -59.72 0.64
CA ALA F 315 11.34 -59.75 -0.80
C ALA F 315 12.01 -58.50 -1.36
N HIS F 316 12.19 -57.46 -0.55
CA HIS F 316 12.65 -56.18 -1.09
C HIS F 316 14.09 -55.86 -0.72
N ILE F 317 14.83 -56.78 -0.09
CA ILE F 317 16.16 -56.43 0.42
C ILE F 317 17.19 -56.22 -0.68
N GLU F 318 16.90 -56.55 -1.93
CA GLU F 318 17.82 -56.28 -3.03
C GLU F 318 17.29 -55.28 -4.05
N ASP F 319 16.21 -54.56 -3.74
CA ASP F 319 15.66 -53.62 -4.72
C ASP F 319 16.63 -52.49 -5.07
N ASP F 320 17.46 -52.07 -4.11
CA ASP F 320 18.32 -50.91 -4.28
C ASP F 320 19.50 -51.02 -3.34
N TYR F 321 20.65 -50.46 -3.77
CA TYR F 321 21.82 -50.48 -2.90
C TYR F 321 21.55 -49.72 -1.60
N LEU F 322 20.65 -48.73 -1.62
CA LEU F 322 20.24 -48.07 -0.38
C LEU F 322 19.54 -49.03 0.57
N GLY F 323 19.03 -50.16 0.08
CA GLY F 323 18.51 -51.17 0.97
C GLY F 323 19.48 -52.30 1.21
N SER F 324 20.09 -52.81 0.14
CA SER F 324 20.91 -54.01 0.25
C SER F 324 22.19 -53.78 1.03
N HIS F 325 22.64 -52.54 1.21
CA HIS F 325 23.85 -52.37 1.99
C HIS F 325 23.67 -52.65 3.48
N TRP F 326 22.46 -53.00 3.94
CA TRP F 326 22.26 -53.26 5.36
C TRP F 326 21.11 -54.21 5.72
N LEU F 327 20.09 -54.33 4.85
CA LEU F 327 18.87 -55.03 5.25
C LEU F 327 19.11 -56.50 5.54
N GLY F 328 20.08 -57.12 4.87
CA GLY F 328 20.37 -58.53 5.12
C GLY F 328 20.68 -58.84 6.56
N SER F 329 21.38 -57.92 7.25
CA SER F 329 21.75 -58.16 8.64
C SER F 329 20.54 -58.25 9.54
N PHE F 330 19.55 -57.38 9.34
CA PHE F 330 18.34 -57.43 10.16
C PHE F 330 17.45 -58.61 9.76
N ALA F 331 17.48 -59.01 8.49
CA ALA F 331 16.77 -60.22 8.09
C ALA F 331 17.30 -61.43 8.86
N LEU F 332 18.63 -61.56 8.96
CA LEU F 332 19.22 -62.65 9.70
C LEU F 332 18.89 -62.56 11.19
N LEU F 333 18.91 -61.34 11.75
CA LEU F 333 18.51 -61.19 13.15
C LEU F 333 17.11 -61.73 13.40
N ALA F 334 16.15 -61.39 12.52
CA ALA F 334 14.79 -61.83 12.70
C ALA F 334 14.68 -63.35 12.57
N LEU F 335 15.40 -63.92 11.61
CA LEU F 335 15.31 -65.35 11.37
C LEU F 335 15.87 -66.18 12.52
N ASP F 336 16.84 -65.64 13.28
CA ASP F 336 17.69 -66.42 14.14
C ASP F 336 17.28 -66.46 15.61
N VAL F 337 16.17 -65.83 16.00
CA VAL F 337 15.77 -65.83 17.41
C VAL F 337 15.36 -67.25 17.82
N ASP F 338 15.95 -67.74 18.91
CA ASP F 338 15.60 -69.05 19.46
C ASP F 338 14.19 -69.01 20.06
N ILE F 339 13.26 -69.74 19.46
CA ILE F 339 11.89 -69.81 19.98
C ILE F 339 11.80 -70.83 21.11
#